data_9EOR
#
_entry.id   9EOR
#
_cell.length_a   69.827
_cell.length_b   85.558
_cell.length_c   93.668
_cell.angle_alpha   78.96
_cell.angle_beta   87.18
_cell.angle_gamma   83.17
#
_symmetry.space_group_name_H-M   'P 1'
#
loop_
_entity.id
_entity.type
_entity.pdbx_description
1 polymer '3C-like proteinase nsp5'
2 polymer 'Inhibitor SLL12'
3 non-polymer 'POTASSIUM ION'
4 water water
#
loop_
_entity_poly.entity_id
_entity_poly.type
_entity_poly.pdbx_seq_one_letter_code
_entity_poly.pdbx_strand_id
1 'polypeptide(L)'
;SGFRKMAFPSGKVEGCMVQVTCGTTTLNGLWLDDVVYCPRHVICTSEDMLNPNYEDLLIRKSNHNFLVQAGNVQLRVIGH
SMQNCVLKLKVDTANPKTPKYKFVRIQPGQTFSVLACYNGSPSGVYQCAMRPNFTIKGSFLNGSCGSVGFNIDYDCVSFC
YMHHMELPTGVHAGTDLEGNFYGPFVDRQTAQAAGTDTTITVNVLAWLYAAVINGDRWFLNRFTTTLNDFNLVAMKYNYE
PLTQDHVDILGPLSAQTGIAVLDMCASLKELLQNGMNGRTILGSALLEDEFTPFDVVRQCSGVTFQ
;
A,B,C,D,E,F
2 'polypeptide(L)' (A1IM4)(DNE)(HT7)(A1IM8) G,H,I,J,K,L
#
# COMPACT_ATOMS: atom_id res chain seq x y z
N SER A 1 28.48 -20.41 27.95
CA SER A 1 28.67 -21.27 26.73
C SER A 1 27.79 -20.78 25.58
N GLY A 2 28.28 -20.98 24.34
CA GLY A 2 27.58 -20.49 23.15
C GLY A 2 28.10 -19.11 22.71
N PHE A 3 27.78 -18.72 21.49
CA PHE A 3 28.23 -17.44 20.99
C PHE A 3 27.31 -17.01 19.86
N ARG A 4 26.72 -15.81 20.00
CA ARG A 4 25.68 -15.30 19.13
C ARG A 4 26.02 -13.88 18.70
N LYS A 5 25.47 -13.47 17.56
CA LYS A 5 25.34 -12.07 17.21
C LYS A 5 24.37 -11.46 18.21
N MET A 6 24.92 -10.75 19.19
CA MET A 6 24.16 -10.32 20.34
C MET A 6 24.14 -8.80 20.36
N ALA A 7 22.93 -8.23 20.35
CA ALA A 7 22.77 -6.79 20.30
C ALA A 7 22.58 -6.26 21.73
N PHE A 8 22.92 -4.98 21.93
CA PHE A 8 22.59 -4.34 23.19
C PHE A 8 21.08 -4.35 23.36
N PRO A 9 20.56 -4.22 24.59
CA PRO A 9 19.14 -4.00 24.82
C PRO A 9 18.74 -2.67 24.19
N SER A 10 17.56 -2.65 23.57
CA SER A 10 17.14 -1.55 22.71
C SER A 10 16.25 -0.57 23.46
N GLY A 11 15.85 -0.89 24.70
CA GLY A 11 14.90 -0.12 25.49
C GLY A 11 15.19 1.38 25.54
N LYS A 12 16.45 1.75 25.81
CA LYS A 12 16.79 3.16 25.95
C LYS A 12 16.63 3.90 24.64
N VAL A 13 16.78 3.20 23.50
CA VAL A 13 16.71 3.81 22.18
C VAL A 13 15.28 3.77 21.65
N GLU A 14 14.50 2.74 22.03
CA GLU A 14 13.10 2.60 21.63
C GLU A 14 12.31 3.86 21.96
N GLY A 15 12.59 4.45 23.12
CA GLY A 15 11.85 5.61 23.57
C GLY A 15 12.20 6.89 22.82
N CYS A 16 13.23 6.85 21.95
CA CYS A 16 13.62 8.04 21.21
C CYS A 16 13.13 8.03 19.75
N MET A 17 12.51 6.92 19.33
CA MET A 17 12.16 6.80 17.93
C MET A 17 10.79 7.45 17.67
N VAL A 18 10.79 8.39 16.71
CA VAL A 18 9.59 9.10 16.27
C VAL A 18 9.45 8.95 14.77
N GLN A 19 8.26 9.31 14.27
CA GLN A 19 7.93 9.33 12.85
C GLN A 19 8.08 10.77 12.38
N VAL A 20 8.82 10.98 11.29
CA VAL A 20 8.94 12.32 10.74
C VAL A 20 8.44 12.28 9.30
N THR A 21 7.51 13.17 8.97
CA THR A 21 6.91 13.22 7.64
C THR A 21 7.14 14.60 7.06
N CYS A 22 7.43 14.67 5.77
CA CYS A 22 7.60 15.92 5.07
C CYS A 22 7.28 15.69 3.61
N GLY A 23 6.35 16.49 3.06
CA GLY A 23 5.75 16.21 1.76
C GLY A 23 5.04 14.85 1.78
N THR A 24 5.57 13.89 1.00
CA THR A 24 5.04 12.54 1.00
C THR A 24 6.01 11.55 1.64
N THR A 25 7.14 12.02 2.15
CA THR A 25 8.19 11.12 2.63
C THR A 25 8.04 10.95 4.13
N THR A 26 7.87 9.70 4.56
CA THR A 26 7.90 9.36 5.97
C THR A 26 9.15 8.51 6.23
N LEU A 27 9.91 8.93 7.24
CA LEU A 27 11.00 8.12 7.76
C LEU A 27 11.00 8.26 9.26
N ASN A 28 12.09 7.85 9.91
CA ASN A 28 12.22 7.88 11.35
C ASN A 28 13.11 9.05 11.76
N GLY A 29 12.89 9.51 12.99
CA GLY A 29 13.73 10.52 13.63
C GLY A 29 14.09 10.13 15.06
N LEU A 30 15.15 10.78 15.58
CA LEU A 30 15.68 10.49 16.90
C LEU A 30 15.42 11.68 17.82
N TRP A 31 14.54 11.46 18.79
CA TRP A 31 14.03 12.48 19.69
C TRP A 31 14.82 12.48 21.00
N LEU A 32 15.73 13.44 21.10
CA LEU A 32 16.57 13.61 22.28
C LEU A 32 16.39 15.02 22.82
N ASP A 33 15.94 15.13 24.07
CA ASP A 33 15.60 16.43 24.66
C ASP A 33 14.49 17.02 23.79
N ASP A 34 14.67 18.26 23.32
CA ASP A 34 13.63 18.94 22.55
C ASP A 34 14.01 18.99 21.06
N VAL A 35 14.87 18.04 20.62
CA VAL A 35 15.35 18.03 19.24
C VAL A 35 15.04 16.67 18.63
N VAL A 36 14.57 16.71 17.38
CA VAL A 36 14.43 15.48 16.60
C VAL A 36 15.44 15.56 15.46
N TYR A 37 16.27 14.51 15.38
CA TYR A 37 17.28 14.32 14.35
C TYR A 37 16.73 13.33 13.33
N CYS A 38 16.83 13.67 12.05
CA CYS A 38 16.46 12.77 10.98
C CYS A 38 17.29 13.13 9.76
N PRO A 39 17.35 12.25 8.74
CA PRO A 39 18.10 12.53 7.53
C PRO A 39 17.41 13.66 6.78
N ARG A 40 18.22 14.58 6.26
CA ARG A 40 17.68 15.79 5.68
C ARG A 40 17.06 15.50 4.31
N HIS A 41 17.30 14.32 3.75
CA HIS A 41 16.72 13.99 2.45
C HIS A 41 15.20 13.82 2.56
N VAL A 42 14.66 13.84 3.79
CA VAL A 42 13.23 13.81 4.01
C VAL A 42 12.56 15.02 3.35
N ILE A 43 13.31 16.13 3.15
CA ILE A 43 12.74 17.34 2.59
C ILE A 43 12.66 17.27 1.07
N CYS A 44 13.24 16.24 0.45
CA CYS A 44 13.30 16.15 -1.01
C CYS A 44 12.11 15.37 -1.58
N THR A 45 11.62 15.82 -2.74
CA THR A 45 10.78 15.03 -3.62
C THR A 45 11.65 14.11 -4.47
N SER A 46 11.02 13.14 -5.17
CA SER A 46 11.73 12.26 -6.08
C SER A 46 12.66 13.06 -7.00
N GLU A 47 12.17 14.21 -7.49
CA GLU A 47 12.88 14.98 -8.49
C GLU A 47 14.02 15.78 -7.83
N ASP A 48 13.79 16.27 -6.61
CA ASP A 48 14.80 16.99 -5.86
C ASP A 48 16.02 16.10 -5.64
N MET A 49 15.76 14.80 -5.47
CA MET A 49 16.78 13.85 -5.07
C MET A 49 17.90 13.77 -6.10
N LEU A 50 17.61 14.03 -7.37
CA LEU A 50 18.57 13.86 -8.44
C LEU A 50 19.70 14.91 -8.35
N ASN A 51 19.37 16.12 -7.92
CA ASN A 51 20.38 17.13 -7.71
C ASN A 51 19.84 18.17 -6.74
N PRO A 52 19.82 17.85 -5.41
CA PRO A 52 19.26 18.75 -4.42
C PRO A 52 20.21 19.88 -4.03
N ASN A 53 19.64 21.08 -3.96
CA ASN A 53 20.27 22.19 -3.25
C ASN A 53 19.56 22.30 -1.91
N TYR A 54 20.20 21.75 -0.86
CA TYR A 54 19.55 21.52 0.42
C TYR A 54 19.34 22.84 1.14
N GLU A 55 20.30 23.76 1.00
CA GLU A 55 20.22 25.08 1.61
C GLU A 55 18.98 25.80 1.08
N ASP A 56 18.71 25.66 -0.22
CA ASP A 56 17.58 26.34 -0.83
C ASP A 56 16.28 25.60 -0.54
N LEU A 57 16.31 24.27 -0.57
CA LEU A 57 15.10 23.51 -0.30
C LEU A 57 14.61 23.79 1.11
N LEU A 58 15.56 23.97 2.05
CA LEU A 58 15.23 24.11 3.46
C LEU A 58 14.70 25.52 3.72
N ILE A 59 15.33 26.52 3.10
CA ILE A 59 14.86 27.90 3.24
C ILE A 59 13.38 27.95 2.86
N ARG A 60 12.97 27.19 1.84
CA ARG A 60 11.59 27.18 1.37
C ARG A 60 10.70 26.25 2.21
N LYS A 61 11.25 25.60 3.24
CA LYS A 61 10.45 24.80 4.16
C LYS A 61 10.03 25.64 5.35
N SER A 62 8.89 25.27 5.94
CA SER A 62 8.45 25.88 7.18
C SER A 62 8.26 24.78 8.22
N ASN A 63 8.28 25.17 9.48
CA ASN A 63 8.12 24.28 10.60
C ASN A 63 6.89 23.39 10.39
N HIS A 64 5.85 23.96 9.77
CA HIS A 64 4.56 23.31 9.61
C HIS A 64 4.58 22.25 8.50
N ASN A 65 5.63 22.28 7.66
CA ASN A 65 5.83 21.29 6.62
C ASN A 65 6.26 19.95 7.20
N PHE A 66 6.66 19.94 8.49
CA PHE A 66 7.19 18.76 9.14
C PHE A 66 6.17 18.22 10.13
N LEU A 67 5.76 16.97 9.98
CA LEU A 67 4.93 16.27 10.96
C LEU A 67 5.77 15.26 11.70
N VAL A 68 5.86 15.45 13.02
CA VAL A 68 6.59 14.52 13.88
C VAL A 68 5.56 13.85 14.78
N GLN A 69 5.46 12.53 14.71
CA GLN A 69 4.56 11.81 15.60
C GLN A 69 5.41 10.95 16.54
N ALA A 70 5.21 11.11 17.85
CA ALA A 70 5.85 10.27 18.84
C ALA A 70 4.77 9.43 19.52
N GLY A 71 4.69 8.16 19.13
CA GLY A 71 3.56 7.34 19.51
C GLY A 71 2.30 7.89 18.84
N ASN A 72 1.25 8.09 19.63
CA ASN A 72 0.01 8.65 19.11
C ASN A 72 -0.04 10.15 19.41
N VAL A 73 1.15 10.77 19.56
CA VAL A 73 1.26 12.12 20.06
C VAL A 73 2.01 12.96 19.03
N GLN A 74 1.32 13.98 18.50
CA GLN A 74 1.93 14.92 17.58
C GLN A 74 2.88 15.85 18.32
N LEU A 75 4.14 15.87 17.90
CA LEU A 75 5.08 16.89 18.32
C LEU A 75 5.03 18.05 17.33
N ARG A 76 5.00 19.26 17.87
CA ARG A 76 4.90 20.47 17.10
C ARG A 76 6.32 20.94 16.83
N VAL A 77 6.66 21.15 15.55
CA VAL A 77 7.99 21.62 15.23
C VAL A 77 8.00 23.13 15.36
N ILE A 78 8.96 23.68 16.11
CA ILE A 78 8.98 25.11 16.41
C ILE A 78 10.25 25.74 15.89
N GLY A 79 11.04 24.96 15.13
CA GLY A 79 12.28 25.42 14.57
C GLY A 79 12.94 24.31 13.78
N HIS A 80 13.81 24.68 12.83
CA HIS A 80 14.50 23.70 12.03
C HIS A 80 15.83 24.28 11.60
N SER A 81 16.86 23.42 11.70
CA SER A 81 18.19 23.72 11.24
C SER A 81 18.76 22.46 10.59
N MET A 82 19.93 22.61 9.97
CA MET A 82 20.53 21.53 9.21
C MET A 82 21.98 21.42 9.64
N GLN A 83 22.41 20.23 10.06
CA GLN A 83 23.80 20.02 10.38
C GLN A 83 24.35 18.95 9.45
N ASN A 84 25.25 19.37 8.54
CA ASN A 84 25.69 18.52 7.47
C ASN A 84 24.46 17.87 6.85
N CYS A 85 24.33 16.55 6.97
CA CYS A 85 23.25 15.83 6.29
C CYS A 85 22.14 15.43 7.25
N VAL A 86 22.16 15.95 8.49
CA VAL A 86 21.09 15.67 9.43
C VAL A 86 20.22 16.90 9.59
N LEU A 87 18.93 16.67 9.66
CA LEU A 87 17.98 17.71 9.92
C LEU A 87 17.71 17.72 11.42
N LYS A 88 17.79 18.91 12.05
CA LYS A 88 17.47 19.07 13.46
C LYS A 88 16.17 19.87 13.59
N LEU A 89 15.11 19.19 14.01
CA LEU A 89 13.81 19.81 14.24
C LEU A 89 13.68 20.09 15.73
N LYS A 90 13.62 21.37 16.09
CA LYS A 90 13.33 21.76 17.47
C LYS A 90 11.83 21.56 17.71
N VAL A 91 11.49 20.84 18.79
CA VAL A 91 10.09 20.57 19.08
C VAL A 91 9.72 21.16 20.44
N ASP A 92 8.40 21.19 20.70
CA ASP A 92 7.83 21.87 21.84
C ASP A 92 8.04 21.07 23.13
N THR A 93 8.51 19.83 23.02
CA THR A 93 8.47 18.88 24.12
C THR A 93 9.80 18.15 24.21
N ALA A 94 10.46 18.23 25.36
CA ALA A 94 11.60 17.40 25.63
C ALA A 94 11.10 15.97 25.84
N ASN A 95 11.79 15.02 25.20
CA ASN A 95 11.52 13.61 25.41
C ASN A 95 11.71 13.28 26.89
N PRO A 96 10.67 12.84 27.64
CA PRO A 96 10.86 12.46 29.04
C PRO A 96 11.72 11.19 29.19
N LYS A 97 11.92 10.45 28.10
CA LYS A 97 12.69 9.21 28.11
C LYS A 97 14.08 9.39 27.50
N THR A 98 14.54 10.64 27.34
CA THR A 98 15.89 10.88 26.87
C THR A 98 16.88 10.19 27.80
N PRO A 99 17.73 9.28 27.30
CA PRO A 99 18.73 8.65 28.15
C PRO A 99 19.98 9.53 28.22
N LYS A 100 20.93 9.10 29.06
CA LYS A 100 22.28 9.64 28.95
C LYS A 100 22.78 9.19 27.58
N TYR A 101 23.34 10.12 26.78
CA TYR A 101 23.84 9.76 25.48
C TYR A 101 25.01 10.65 25.06
N LYS A 102 25.83 10.09 24.18
CA LYS A 102 26.83 10.83 23.43
C LYS A 102 26.64 10.55 21.94
N PHE A 103 27.16 11.42 21.10
CA PHE A 103 27.21 11.18 19.67
C PHE A 103 28.66 10.90 19.32
N VAL A 104 28.94 9.70 18.82
CA VAL A 104 30.29 9.21 18.58
C VAL A 104 30.41 8.85 17.11
N ARG A 105 31.55 9.20 16.49
CA ARG A 105 31.89 8.72 15.17
C ARG A 105 32.78 7.48 15.30
N ILE A 106 32.26 6.32 14.87
CA ILE A 106 33.00 5.07 14.95
C ILE A 106 33.95 4.95 13.78
N GLN A 107 34.87 3.98 13.86
CA GLN A 107 35.83 3.73 12.81
C GLN A 107 35.49 2.40 12.14
N PRO A 108 35.94 2.17 10.88
CA PRO A 108 35.69 0.90 10.20
C PRO A 108 36.24 -0.26 11.02
N GLY A 109 35.43 -1.32 11.13
CA GLY A 109 35.76 -2.51 11.89
C GLY A 109 34.92 -2.58 13.16
N GLN A 110 34.62 -1.40 13.74
CA GLN A 110 33.87 -1.32 14.97
C GLN A 110 32.43 -1.70 14.68
N THR A 111 31.78 -2.26 15.71
CA THR A 111 30.43 -2.77 15.59
C THR A 111 29.46 -1.96 16.45
N PHE A 112 28.16 -2.16 16.21
CA PHE A 112 27.11 -1.42 16.88
C PHE A 112 25.78 -2.16 16.69
N SER A 113 24.80 -1.81 17.52
CA SER A 113 23.47 -2.38 17.44
C SER A 113 22.58 -1.45 16.62
N VAL A 114 21.75 -2.02 15.75
CA VAL A 114 20.84 -1.24 14.93
C VAL A 114 19.42 -1.52 15.41
N LEU A 115 18.66 -0.44 15.62
CA LEU A 115 17.24 -0.57 15.90
C LEU A 115 16.46 -0.17 14.66
N ALA A 116 16.09 -1.17 13.86
CA ALA A 116 15.45 -0.91 12.58
C ALA A 116 14.02 -0.46 12.82
N CYS A 117 13.66 0.73 12.36
CA CYS A 117 12.35 1.27 12.61
C CYS A 117 11.62 1.59 11.31
N TYR A 118 10.30 1.57 11.38
CA TYR A 118 9.43 2.08 10.33
C TYR A 118 8.36 2.90 11.02
N ASN A 119 8.12 4.11 10.52
CA ASN A 119 7.01 4.91 10.99
C ASN A 119 7.18 5.20 12.48
N GLY A 120 8.44 5.37 12.93
CA GLY A 120 8.74 5.79 14.28
C GLY A 120 8.63 4.65 15.29
N SER A 121 8.34 3.44 14.80
CA SER A 121 8.12 2.24 15.61
C SER A 121 9.19 1.18 15.34
N PRO A 122 9.87 0.63 16.37
CA PRO A 122 10.89 -0.39 16.17
C PRO A 122 10.36 -1.72 15.64
N SER A 123 11.09 -2.27 14.69
CA SER A 123 10.76 -3.55 14.05
C SER A 123 11.62 -4.67 14.62
N GLY A 124 12.92 -4.38 14.78
CA GLY A 124 13.84 -5.36 15.30
C GLY A 124 15.17 -4.71 15.67
N VAL A 125 16.04 -5.51 16.29
N VAL A 125 16.04 -5.49 16.31
CA VAL A 125 17.36 -5.07 16.69
CA VAL A 125 17.36 -5.06 16.69
C VAL A 125 18.37 -6.16 16.29
C VAL A 125 18.36 -6.15 16.31
N TYR A 126 19.52 -5.72 15.78
CA TYR A 126 20.53 -6.62 15.26
C TYR A 126 21.89 -5.94 15.32
N GLN A 127 22.93 -6.75 15.25
CA GLN A 127 24.30 -6.30 15.42
C GLN A 127 24.90 -6.15 14.02
N CYS A 128 25.71 -5.10 13.87
CA CYS A 128 26.25 -4.66 12.61
C CYS A 128 27.71 -4.27 12.77
N ALA A 129 28.42 -4.22 11.64
CA ALA A 129 29.78 -3.74 11.61
C ALA A 129 29.88 -2.65 10.56
N MET A 130 30.64 -1.61 10.86
CA MET A 130 31.06 -0.64 9.87
C MET A 130 32.12 -1.35 9.02
N ARG A 131 31.78 -1.58 7.74
CA ARG A 131 32.65 -2.28 6.83
C ARG A 131 33.84 -1.37 6.49
N PRO A 132 34.99 -1.96 6.09
CA PRO A 132 36.13 -1.12 5.72
C PRO A 132 35.87 -0.11 4.62
N ASN A 133 34.80 -0.33 3.83
CA ASN A 133 34.41 0.60 2.76
C ASN A 133 33.31 1.55 3.22
N PHE A 134 33.11 1.65 4.55
CA PHE A 134 32.28 2.66 5.17
C PHE A 134 30.79 2.41 4.93
N THR A 135 30.46 1.23 4.41
CA THR A 135 29.09 0.79 4.28
C THR A 135 28.75 -0.05 5.49
N ILE A 136 27.50 -0.44 5.63
CA ILE A 136 27.12 -1.42 6.61
C ILE A 136 26.20 -2.42 5.93
N LYS A 137 26.34 -3.69 6.27
CA LYS A 137 25.48 -4.71 5.70
C LYS A 137 24.26 -4.90 6.59
N GLY A 138 23.34 -3.93 6.48
CA GLY A 138 22.18 -3.89 7.33
C GLY A 138 21.07 -4.83 6.84
N SER A 139 19.96 -4.83 7.60
CA SER A 139 18.68 -5.32 7.14
C SER A 139 17.69 -4.16 7.31
N PHE A 140 17.42 -3.51 6.19
CA PHE A 140 16.64 -2.29 6.16
C PHE A 140 15.70 -2.32 4.96
N LEU A 141 14.49 -1.77 5.13
CA LEU A 141 13.53 -1.66 4.05
C LEU A 141 13.29 -0.18 3.77
N ASN A 142 12.31 0.09 2.92
CA ASN A 142 11.84 1.43 2.62
C ASN A 142 11.17 1.94 3.90
N GLY A 143 11.58 3.14 4.34
CA GLY A 143 11.07 3.75 5.56
C GLY A 143 12.00 3.55 6.75
N SER A 144 13.14 2.89 6.53
CA SER A 144 14.06 2.56 7.60
C SER A 144 14.93 3.76 7.91
N CYS A 145 15.06 4.68 6.94
CA CYS A 145 15.92 5.84 7.09
C CYS A 145 15.60 6.56 8.39
N GLY A 146 16.66 7.03 9.06
CA GLY A 146 16.51 7.64 10.36
C GLY A 146 16.76 6.65 11.48
N SER A 147 16.65 5.34 11.19
CA SER A 147 17.01 4.29 12.13
C SER A 147 18.44 4.52 12.53
N VAL A 148 18.76 4.17 13.79
CA VAL A 148 20.07 4.47 14.33
C VAL A 148 20.81 3.23 14.78
N GLY A 149 22.13 3.34 14.75
CA GLY A 149 23.03 2.42 15.39
C GLY A 149 23.62 3.02 16.67
N PHE A 150 23.90 2.17 17.66
CA PHE A 150 24.31 2.65 18.97
C PHE A 150 25.14 1.57 19.68
N ASN A 151 25.93 2.01 20.67
CA ASN A 151 26.48 1.15 21.70
C ASN A 151 26.05 1.67 23.06
N ILE A 152 26.14 0.84 24.10
CA ILE A 152 25.83 1.22 25.46
C ILE A 152 27.01 0.91 26.36
N ASP A 153 27.46 1.94 27.12
CA ASP A 153 28.50 1.84 28.12
C ASP A 153 27.91 2.25 29.47
N TYR A 154 27.67 1.26 30.34
CA TYR A 154 27.06 1.44 31.65
C TYR A 154 25.58 1.83 31.45
N ASP A 155 25.30 3.15 31.39
CA ASP A 155 23.94 3.66 31.20
C ASP A 155 23.87 4.66 30.05
N CYS A 156 25.01 4.87 29.37
CA CYS A 156 25.16 5.90 28.36
C CYS A 156 25.02 5.26 26.97
N VAL A 157 24.07 5.76 26.19
CA VAL A 157 23.91 5.37 24.81
C VAL A 157 24.84 6.24 23.96
N SER A 158 25.75 5.58 23.23
CA SER A 158 26.57 6.22 22.21
C SER A 158 25.93 5.98 20.86
N PHE A 159 25.24 6.99 20.33
CA PHE A 159 24.69 6.93 18.99
C PHE A 159 25.83 7.13 18.00
N CYS A 160 26.05 6.16 17.11
CA CYS A 160 27.12 6.29 16.12
C CYS A 160 26.63 6.25 14.67
N TYR A 161 25.40 5.81 14.41
CA TYR A 161 24.95 5.68 13.02
C TYR A 161 23.51 6.15 12.87
N MET A 162 23.23 6.86 11.78
CA MET A 162 21.85 7.10 11.34
C MET A 162 21.74 6.71 9.87
N HIS A 163 20.75 5.87 9.56
CA HIS A 163 20.61 5.31 8.22
C HIS A 163 20.05 6.33 7.23
N HIS A 164 20.68 6.43 6.06
CA HIS A 164 20.28 7.41 5.06
C HIS A 164 19.88 6.77 3.73
N MET A 165 20.58 5.73 3.29
CA MET A 165 20.29 5.20 1.97
C MET A 165 20.78 3.77 1.82
N GLU A 166 20.24 3.10 0.81
CA GLU A 166 20.70 1.80 0.37
C GLU A 166 21.30 1.96 -1.01
N LEU A 167 22.48 1.39 -1.22
CA LEU A 167 23.15 1.40 -2.50
C LEU A 167 22.55 0.30 -3.37
N PRO A 168 22.82 0.29 -4.70
CA PRO A 168 22.31 -0.75 -5.60
C PRO A 168 22.70 -2.16 -5.23
N THR A 169 23.89 -2.33 -4.62
CA THR A 169 24.39 -3.63 -4.19
C THR A 169 23.63 -4.15 -2.97
N GLY A 170 22.79 -3.33 -2.33
CA GLY A 170 21.94 -3.79 -1.24
C GLY A 170 22.57 -3.57 0.13
N VAL A 171 23.73 -2.91 0.17
CA VAL A 171 24.36 -2.47 1.40
C VAL A 171 23.98 -1.03 1.68
N HIS A 172 24.21 -0.58 2.90
CA HIS A 172 23.59 0.64 3.41
C HIS A 172 24.65 1.67 3.78
N ALA A 173 24.26 2.93 3.82
CA ALA A 173 25.18 4.01 4.11
C ALA A 173 24.45 5.06 4.94
N GLY A 174 25.22 5.79 5.76
CA GLY A 174 24.64 6.77 6.64
C GLY A 174 25.67 7.71 7.24
N THR A 175 25.19 8.41 8.28
CA THR A 175 25.95 9.46 8.93
C THR A 175 26.13 9.12 10.41
N ASP A 176 27.08 9.81 11.05
CA ASP A 176 27.10 9.97 12.49
C ASP A 176 25.93 10.90 12.83
N LEU A 177 25.70 11.17 14.11
CA LEU A 177 24.56 12.00 14.47
C LEU A 177 24.93 13.48 14.39
N GLU A 178 26.16 13.80 13.95
CA GLU A 178 26.45 15.17 13.52
C GLU A 178 26.21 15.35 12.02
N GLY A 179 25.80 14.30 11.30
CA GLY A 179 25.34 14.48 9.93
C GLY A 179 26.41 14.23 8.87
N ASN A 180 27.58 13.74 9.28
CA ASN A 180 28.66 13.52 8.34
C ASN A 180 28.60 12.06 7.93
N PHE A 181 28.45 11.83 6.63
CA PHE A 181 28.46 10.50 6.08
C PHE A 181 29.72 9.77 6.51
N TYR A 182 29.56 8.48 6.79
CA TYR A 182 30.67 7.54 6.75
C TYR A 182 30.95 7.22 5.28
N GLY A 183 32.17 7.51 4.83
CA GLY A 183 32.61 7.09 3.52
C GLY A 183 32.34 8.17 2.47
N PRO A 184 32.60 7.87 1.18
CA PRO A 184 32.51 8.86 0.13
C PRO A 184 31.09 9.03 -0.43
N PHE A 185 30.10 9.00 0.45
CA PHE A 185 28.72 8.96 -0.01
C PHE A 185 28.07 10.32 0.22
N VAL A 186 27.03 10.58 -0.59
CA VAL A 186 26.31 11.84 -0.56
C VAL A 186 24.81 11.53 -0.60
N ASP A 187 24.00 12.39 0.07
CA ASP A 187 22.56 12.19 0.08
C ASP A 187 21.99 12.78 -1.23
N ARG A 188 22.32 12.11 -2.33
CA ARG A 188 21.95 12.52 -3.67
C ARG A 188 21.71 11.24 -4.47
N GLN A 189 20.70 11.24 -5.35
CA GLN A 189 20.45 10.09 -6.19
C GLN A 189 21.34 10.23 -7.41
N THR A 190 22.61 9.89 -7.19
CA THR A 190 23.63 9.86 -8.21
C THR A 190 24.46 8.61 -7.93
N ALA A 191 24.95 7.95 -8.99
CA ALA A 191 25.70 6.71 -8.89
C ALA A 191 26.89 6.91 -7.96
N GLN A 192 27.02 5.97 -7.02
CA GLN A 192 28.06 5.99 -6.00
C GLN A 192 28.56 4.56 -5.80
N ALA A 193 29.83 4.37 -6.15
CA ALA A 193 30.47 3.09 -5.95
C ALA A 193 30.98 3.02 -4.50
N ALA A 194 30.53 2.01 -3.77
CA ALA A 194 31.24 1.58 -2.59
C ALA A 194 32.64 1.16 -3.03
N GLY A 195 33.68 1.66 -2.37
CA GLY A 195 35.00 1.03 -2.43
C GLY A 195 34.93 -0.48 -2.26
N THR A 196 35.99 -1.21 -2.64
CA THR A 196 35.91 -2.66 -2.59
C THR A 196 35.96 -3.10 -1.13
N ASP A 197 35.05 -4.01 -0.75
CA ASP A 197 34.93 -4.40 0.65
C ASP A 197 35.99 -5.44 0.96
N THR A 198 36.63 -5.27 2.11
CA THR A 198 37.65 -6.14 2.59
C THR A 198 37.13 -6.71 3.90
N THR A 199 37.85 -7.70 4.41
CA THR A 199 37.48 -8.41 5.61
C THR A 199 38.24 -7.82 6.79
N ILE A 200 37.54 -7.65 7.91
CA ILE A 200 38.10 -6.99 9.09
C ILE A 200 38.93 -8.01 9.85
N THR A 201 40.24 -8.02 9.60
CA THR A 201 41.12 -9.10 10.02
C THR A 201 41.09 -9.26 11.53
N VAL A 202 41.22 -8.13 12.23
CA VAL A 202 41.31 -8.12 13.68
C VAL A 202 40.06 -8.75 14.29
N ASN A 203 38.92 -8.63 13.61
CA ASN A 203 37.67 -9.18 14.11
C ASN A 203 37.63 -10.68 13.89
N VAL A 204 38.13 -11.15 12.74
CA VAL A 204 38.18 -12.57 12.42
C VAL A 204 39.05 -13.27 13.47
N LEU A 205 40.17 -12.63 13.80
CA LEU A 205 41.05 -13.16 14.83
C LEU A 205 40.27 -13.23 16.14
N ALA A 206 39.57 -12.15 16.50
CA ALA A 206 38.85 -12.08 17.77
C ALA A 206 37.82 -13.20 17.86
N TRP A 207 37.20 -13.49 16.72
CA TRP A 207 36.16 -14.48 16.62
C TRP A 207 36.76 -15.87 16.73
N LEU A 208 38.00 -16.04 16.24
CA LEU A 208 38.69 -17.32 16.36
C LEU A 208 39.03 -17.55 17.83
N TYR A 209 39.46 -16.48 18.52
CA TYR A 209 39.65 -16.54 19.96
C TYR A 209 38.35 -16.97 20.62
N ALA A 210 37.23 -16.40 20.18
CA ALA A 210 35.93 -16.77 20.71
C ALA A 210 35.70 -18.28 20.53
N ALA A 211 36.11 -18.81 19.39
CA ALA A 211 35.93 -20.22 19.08
C ALA A 211 36.75 -21.08 20.02
N VAL A 212 37.95 -20.60 20.33
CA VAL A 212 38.83 -21.31 21.25
C VAL A 212 38.18 -21.34 22.63
N ILE A 213 37.61 -20.21 23.08
CA ILE A 213 36.99 -20.14 24.40
C ILE A 213 35.80 -21.10 24.45
N ASN A 214 35.13 -21.29 23.31
CA ASN A 214 33.99 -22.20 23.20
C ASN A 214 34.43 -23.60 22.81
N GLY A 215 35.72 -23.93 22.93
CA GLY A 215 36.13 -25.33 22.79
C GLY A 215 36.74 -25.69 21.43
N ASP A 216 36.26 -25.07 20.33
CA ASP A 216 36.79 -25.34 19.00
C ASP A 216 38.30 -25.05 18.94
N ARG A 217 39.11 -26.10 18.67
CA ARG A 217 40.56 -25.94 18.65
C ARG A 217 41.18 -26.56 17.40
N TRP A 218 40.37 -27.00 16.44
CA TRP A 218 40.90 -27.79 15.34
C TRP A 218 41.76 -26.93 14.42
N PHE A 219 41.41 -25.64 14.29
CA PHE A 219 42.07 -24.73 13.35
C PHE A 219 43.41 -24.22 13.89
N LEU A 220 43.67 -24.48 15.19
CA LEU A 220 44.99 -24.20 15.74
C LEU A 220 45.98 -25.15 15.07
N ASN A 221 47.08 -24.59 14.55
CA ASN A 221 48.06 -25.33 13.78
C ASN A 221 49.43 -25.12 14.41
N ARG A 222 50.42 -25.90 13.99
CA ARG A 222 51.74 -25.89 14.59
C ARG A 222 52.61 -24.74 14.06
N PHE A 223 52.08 -23.95 13.12
CA PHE A 223 52.85 -22.91 12.47
C PHE A 223 52.83 -21.63 13.29
N THR A 224 53.80 -20.76 13.03
CA THR A 224 53.77 -19.39 13.51
C THR A 224 54.17 -18.50 12.33
N THR A 225 54.05 -17.18 12.51
CA THR A 225 54.33 -16.24 11.42
C THR A 225 54.76 -14.88 11.97
N THR A 226 55.38 -14.06 11.11
CA THR A 226 55.63 -12.67 11.45
C THR A 226 54.42 -11.89 10.97
N LEU A 227 54.21 -10.71 11.55
CA LEU A 227 53.09 -9.84 11.20
C LEU A 227 53.14 -9.52 9.70
N ASN A 228 54.34 -9.24 9.19
CA ASN A 228 54.51 -8.79 7.83
C ASN A 228 54.21 -9.91 6.85
N ASP A 229 54.69 -11.12 7.14
CA ASP A 229 54.43 -12.27 6.29
C ASP A 229 52.94 -12.59 6.28
N PHE A 230 52.26 -12.31 7.40
CA PHE A 230 50.83 -12.52 7.50
C PHE A 230 50.09 -11.54 6.58
N ASN A 231 50.45 -10.27 6.68
CA ASN A 231 49.79 -9.20 5.94
C ASN A 231 49.96 -9.40 4.44
N LEU A 232 51.04 -10.07 4.02
CA LEU A 232 51.26 -10.38 2.63
C LEU A 232 50.19 -11.38 2.16
N VAL A 233 49.90 -12.39 2.99
CA VAL A 233 48.91 -13.39 2.63
C VAL A 233 47.51 -12.80 2.71
N ALA A 234 47.24 -12.05 3.79
CA ALA A 234 46.00 -11.33 3.99
C ALA A 234 45.63 -10.53 2.75
N MET A 235 46.53 -9.65 2.29
CA MET A 235 46.31 -8.84 1.10
C MET A 235 45.66 -9.65 -0.01
N LYS A 236 46.19 -10.86 -0.23
CA LYS A 236 45.81 -11.67 -1.38
C LYS A 236 44.36 -12.11 -1.27
N TYR A 237 43.84 -12.21 -0.02
CA TYR A 237 42.49 -12.70 0.22
C TYR A 237 41.52 -11.58 0.60
N ASN A 238 41.95 -10.32 0.40
CA ASN A 238 41.08 -9.17 0.52
C ASN A 238 40.79 -8.93 2.00
N TYR A 239 41.83 -9.11 2.82
CA TYR A 239 41.79 -8.87 4.26
C TYR A 239 42.46 -7.53 4.53
N GLU A 240 41.93 -6.82 5.53
CA GLU A 240 42.52 -5.58 6.00
C GLU A 240 43.89 -5.92 6.57
N PRO A 241 44.91 -5.06 6.35
CA PRO A 241 46.18 -5.21 7.04
C PRO A 241 45.98 -5.31 8.54
N LEU A 242 46.85 -6.09 9.18
CA LEU A 242 46.85 -6.15 10.62
C LEU A 242 47.94 -5.22 11.12
N THR A 243 47.53 -4.26 11.96
CA THR A 243 48.43 -3.27 12.53
C THR A 243 48.96 -3.80 13.84
N GLN A 244 49.94 -3.07 14.41
CA GLN A 244 50.44 -3.37 15.74
C GLN A 244 49.33 -3.04 16.76
N ASP A 245 48.58 -1.95 16.49
CA ASP A 245 47.49 -1.55 17.36
C ASP A 245 46.50 -2.71 17.47
N HIS A 246 46.25 -3.39 16.35
CA HIS A 246 45.34 -4.51 16.32
C HIS A 246 45.86 -5.66 17.20
N VAL A 247 47.16 -5.92 17.12
CA VAL A 247 47.78 -6.98 17.93
C VAL A 247 47.63 -6.62 19.42
N ASP A 248 47.78 -5.32 19.74
CA ASP A 248 47.71 -4.85 21.10
C ASP A 248 46.28 -5.00 21.64
N ILE A 249 45.27 -4.69 20.81
CA ILE A 249 43.87 -4.78 21.22
C ILE A 249 43.49 -6.25 21.46
N LEU A 250 44.13 -7.17 20.75
CA LEU A 250 43.83 -8.59 20.88
C LEU A 250 44.51 -9.16 22.13
N GLY A 251 45.32 -8.33 22.80
CA GLY A 251 46.09 -8.75 23.97
C GLY A 251 45.24 -9.49 25.01
N PRO A 252 44.21 -8.85 25.60
CA PRO A 252 43.29 -9.54 26.51
C PRO A 252 42.88 -10.96 26.10
N LEU A 253 42.47 -11.14 24.83
CA LEU A 253 42.01 -12.44 24.38
C LEU A 253 43.16 -13.43 24.29
N SER A 254 44.36 -12.94 23.89
CA SER A 254 45.57 -13.75 23.81
C SER A 254 45.97 -14.25 25.20
N ALA A 255 45.80 -13.38 26.20
CA ALA A 255 46.05 -13.72 27.59
C ALA A 255 44.99 -14.69 28.11
N GLN A 256 43.72 -14.45 27.79
CA GLN A 256 42.64 -15.29 28.28
C GLN A 256 42.84 -16.71 27.75
N THR A 257 43.19 -16.85 26.47
CA THR A 257 43.26 -18.15 25.83
C THR A 257 44.64 -18.76 25.99
N GLY A 258 45.65 -17.90 26.11
CA GLY A 258 47.04 -18.31 26.16
C GLY A 258 47.67 -18.45 24.77
N ILE A 259 46.88 -18.23 23.71
CA ILE A 259 47.34 -18.30 22.34
C ILE A 259 47.78 -16.91 21.90
N ALA A 260 49.01 -16.80 21.37
CA ALA A 260 49.57 -15.53 20.98
C ALA A 260 48.94 -15.12 19.66
N VAL A 261 48.94 -13.81 19.40
CA VAL A 261 48.20 -13.26 18.27
C VAL A 261 48.83 -13.74 16.97
N LEU A 262 50.17 -13.75 16.91
CA LEU A 262 50.88 -14.16 15.71
C LEU A 262 50.67 -15.65 15.46
N ASP A 263 50.46 -16.41 16.55
CA ASP A 263 50.15 -17.82 16.48
C ASP A 263 48.76 -17.98 15.87
N MET A 264 47.81 -17.19 16.37
CA MET A 264 46.45 -17.19 15.87
C MET A 264 46.45 -16.75 14.40
N CYS A 265 47.32 -15.81 14.04
CA CYS A 265 47.46 -15.31 12.69
C CYS A 265 47.83 -16.45 11.71
N ALA A 266 48.79 -17.27 12.14
CA ALA A 266 49.23 -18.38 11.31
C ALA A 266 48.08 -19.35 11.12
N SER A 267 47.25 -19.53 12.15
CA SER A 267 46.06 -20.36 12.02
C SER A 267 45.09 -19.79 10.99
N LEU A 268 44.98 -18.46 10.91
CA LEU A 268 44.10 -17.82 9.95
C LEU A 268 44.66 -17.95 8.53
N LYS A 269 45.97 -17.72 8.39
CA LYS A 269 46.70 -17.93 7.14
C LYS A 269 46.31 -19.26 6.49
N GLU A 270 46.34 -20.34 7.28
CA GLU A 270 46.08 -21.67 6.77
C GLU A 270 44.60 -21.80 6.39
N LEU A 271 43.72 -21.21 7.20
CA LEU A 271 42.29 -21.23 6.90
C LEU A 271 42.03 -20.54 5.56
N LEU A 272 42.80 -19.49 5.29
CA LEU A 272 42.62 -18.69 4.08
C LEU A 272 43.14 -19.47 2.87
N GLN A 273 44.27 -20.18 3.06
CA GLN A 273 44.94 -20.85 1.96
C GLN A 273 44.21 -22.15 1.59
N ASN A 274 43.92 -22.97 2.60
CA ASN A 274 43.47 -24.33 2.38
C ASN A 274 41.94 -24.38 2.46
N GLY A 275 41.32 -23.48 3.22
CA GLY A 275 39.88 -23.52 3.46
C GLY A 275 39.57 -24.24 4.78
N MET A 276 38.34 -24.74 4.89
CA MET A 276 37.87 -25.32 6.13
C MET A 276 37.60 -26.83 6.02
N ASN A 277 37.57 -27.36 4.78
CA ASN A 277 37.44 -28.78 4.53
C ASN A 277 36.09 -29.27 5.06
N GLY A 278 35.04 -28.49 4.84
CA GLY A 278 33.69 -28.81 5.31
C GLY A 278 33.54 -28.84 6.84
N ARG A 279 34.54 -28.34 7.57
CA ARG A 279 34.42 -28.13 9.01
C ARG A 279 33.90 -26.72 9.27
N THR A 280 33.48 -26.47 10.50
CA THR A 280 32.82 -25.23 10.88
C THR A 280 33.45 -24.70 12.17
N ILE A 281 33.46 -23.39 12.31
CA ILE A 281 33.87 -22.71 13.53
C ILE A 281 32.66 -21.96 14.09
N LEU A 282 32.31 -22.23 15.35
CA LEU A 282 31.12 -21.65 15.98
C LEU A 282 29.93 -21.71 15.04
N GLY A 283 29.72 -22.89 14.43
CA GLY A 283 28.53 -23.15 13.62
C GLY A 283 28.58 -22.55 12.22
N SER A 284 29.67 -21.82 11.90
CA SER A 284 29.77 -21.07 10.66
C SER A 284 30.79 -21.72 9.74
N ALA A 285 30.46 -21.77 8.44
CA ALA A 285 31.37 -22.36 7.45
C ALA A 285 32.21 -21.27 6.79
N LEU A 286 31.88 -20.00 7.08
CA LEU A 286 32.62 -18.84 6.63
C LEU A 286 33.31 -18.22 7.84
N LEU A 287 34.38 -17.48 7.58
CA LEU A 287 35.05 -16.72 8.61
C LEU A 287 34.22 -15.47 8.89
N GLU A 288 33.75 -15.33 10.14
CA GLU A 288 32.87 -14.26 10.57
C GLU A 288 33.74 -13.08 11.04
N ASP A 289 33.37 -11.85 10.68
CA ASP A 289 34.25 -10.73 10.98
C ASP A 289 33.49 -9.55 11.55
N GLU A 290 32.31 -9.81 12.13
CA GLU A 290 31.49 -8.73 12.68
C GLU A 290 31.43 -8.84 14.20
N PHE A 291 32.50 -9.34 14.81
CA PHE A 291 32.69 -9.30 16.26
C PHE A 291 34.05 -8.67 16.55
N THR A 292 34.05 -7.58 17.31
CA THR A 292 35.29 -6.94 17.74
C THR A 292 35.91 -7.75 18.86
N PRO A 293 37.19 -7.53 19.19
CA PRO A 293 37.79 -8.15 20.37
C PRO A 293 36.96 -7.84 21.61
N PHE A 294 36.47 -6.60 21.72
CA PHE A 294 35.70 -6.20 22.88
C PHE A 294 34.37 -6.95 22.91
N ASP A 295 33.72 -7.09 21.77
CA ASP A 295 32.46 -7.82 21.69
C ASP A 295 32.62 -9.23 22.22
N VAL A 296 33.77 -9.87 21.93
CA VAL A 296 34.01 -11.24 22.34
C VAL A 296 34.11 -11.26 23.87
N VAL A 297 34.96 -10.40 24.42
CA VAL A 297 35.15 -10.29 25.85
C VAL A 297 33.79 -10.09 26.52
N ARG A 298 33.00 -9.14 26.01
CA ARG A 298 31.75 -8.72 26.61
C ARG A 298 30.78 -9.91 26.66
N GLN A 299 30.75 -10.71 25.62
CA GLN A 299 29.84 -11.84 25.56
C GLN A 299 30.37 -13.02 26.37
N CYS A 300 31.69 -13.20 26.39
CA CYS A 300 32.32 -14.31 27.08
C CYS A 300 32.64 -14.03 28.54
N SER A 301 32.50 -12.77 28.99
CA SER A 301 32.77 -12.36 30.37
C SER A 301 31.49 -11.87 31.06
N GLY A 302 30.48 -11.44 30.29
CA GLY A 302 29.11 -11.30 30.78
C GLY A 302 28.74 -9.90 31.23
N VAL A 303 29.35 -8.86 30.62
CA VAL A 303 29.17 -7.49 31.10
C VAL A 303 27.72 -7.04 30.82
N THR A 304 27.06 -6.46 31.85
CA THR A 304 25.66 -6.06 31.82
C THR A 304 25.53 -4.53 31.70
N PHE A 305 24.28 -4.03 31.55
CA PHE A 305 24.01 -2.64 31.20
C PHE A 305 22.78 -2.11 31.92
N GLN A 306 22.90 -0.91 32.51
CA GLN A 306 21.85 -0.25 33.26
C GLN A 306 21.61 1.16 32.67
N SER B 1 18.48 -5.40 0.27
CA SER B 1 17.92 -4.84 1.52
C SER B 1 18.42 -5.59 2.75
N GLY B 2 18.83 -6.84 2.54
CA GLY B 2 19.65 -7.56 3.51
C GLY B 2 18.80 -8.46 4.39
N PHE B 3 19.47 -9.28 5.19
CA PHE B 3 18.77 -10.22 6.03
C PHE B 3 19.68 -10.66 7.16
N ARG B 4 19.23 -10.45 8.41
CA ARG B 4 20.04 -10.58 9.61
C ARG B 4 19.26 -11.38 10.64
N LYS B 5 20.00 -12.04 11.54
CA LYS B 5 19.45 -12.56 12.79
C LYS B 5 18.99 -11.36 13.62
N MET B 6 17.68 -11.09 13.59
CA MET B 6 17.16 -9.84 14.08
C MET B 6 16.24 -10.12 15.27
N ALA B 7 16.54 -9.51 16.42
CA ALA B 7 15.75 -9.72 17.63
C ALA B 7 14.67 -8.66 17.77
N PHE B 8 13.61 -8.98 18.50
CA PHE B 8 12.62 -7.99 18.88
C PHE B 8 13.30 -6.89 19.68
N PRO B 9 12.70 -5.70 19.76
CA PRO B 9 13.14 -4.68 20.71
C PRO B 9 12.93 -5.21 22.13
N SER B 10 13.89 -4.93 23.01
CA SER B 10 13.97 -5.57 24.32
C SER B 10 13.35 -4.72 25.43
N GLY B 11 13.00 -3.46 25.12
CA GLY B 11 12.57 -2.46 26.08
C GLY B 11 11.46 -2.95 27.02
N LYS B 12 10.42 -3.56 26.47
CA LYS B 12 9.31 -4.02 27.28
C LYS B 12 9.73 -5.08 28.29
N VAL B 13 10.76 -5.88 27.98
CA VAL B 13 11.20 -6.97 28.85
C VAL B 13 12.27 -6.48 29.82
N GLU B 14 13.10 -5.51 29.39
CA GLU B 14 14.13 -4.93 30.25
C GLU B 14 13.56 -4.47 31.59
N GLY B 15 12.36 -3.89 31.55
CA GLY B 15 11.74 -3.33 32.75
C GLY B 15 11.23 -4.38 33.72
N CYS B 16 11.23 -5.66 33.31
CA CYS B 16 10.71 -6.72 34.15
C CYS B 16 11.83 -7.53 34.84
N MET B 17 13.09 -7.25 34.51
CA MET B 17 14.16 -8.10 35.00
C MET B 17 14.59 -7.64 36.39
N VAL B 18 14.58 -8.56 37.36
CA VAL B 18 15.02 -8.34 38.73
C VAL B 18 16.08 -9.38 39.11
N GLN B 19 16.77 -9.12 40.21
CA GLN B 19 17.76 -10.02 40.78
C GLN B 19 17.10 -10.80 41.91
N VAL B 20 17.23 -12.12 41.91
CA VAL B 20 16.63 -12.93 42.96
C VAL B 20 17.73 -13.74 43.64
N THR B 21 17.84 -13.64 44.96
CA THR B 21 18.90 -14.31 45.70
C THR B 21 18.25 -15.22 46.73
N CYS B 22 18.85 -16.39 46.93
CA CYS B 22 18.43 -17.29 47.98
C CYS B 22 19.63 -18.17 48.32
N GLY B 23 20.00 -18.23 49.60
CA GLY B 23 21.11 -19.05 50.05
C GLY B 23 22.44 -18.61 49.42
N THR B 24 22.99 -19.44 48.52
CA THR B 24 24.23 -19.13 47.83
C THR B 24 24.01 -18.83 46.34
N THR B 25 22.73 -18.72 45.90
CA THR B 25 22.46 -18.57 44.49
C THR B 25 21.88 -17.18 44.22
N THR B 26 22.53 -16.43 43.32
CA THR B 26 21.87 -15.30 42.65
C THR B 26 21.59 -15.65 41.19
N LEU B 27 20.34 -15.44 40.76
CA LEU B 27 20.00 -15.50 39.34
C LEU B 27 19.01 -14.36 39.05
N ASN B 28 18.32 -14.43 37.90
CA ASN B 28 17.39 -13.40 37.49
C ASN B 28 15.97 -13.90 37.73
N GLY B 29 15.05 -12.93 37.88
CA GLY B 29 13.62 -13.21 37.94
C GLY B 29 12.83 -12.24 37.06
N LEU B 30 11.58 -12.62 36.74
CA LEU B 30 10.71 -11.85 35.86
C LEU B 30 9.55 -11.25 36.66
N TRP B 31 9.57 -9.93 36.77
CA TRP B 31 8.66 -9.16 37.61
C TRP B 31 7.48 -8.64 36.80
N LEU B 32 6.35 -9.34 36.93
CA LEU B 32 5.12 -9.00 36.23
C LEU B 32 4.00 -8.83 37.26
N ASP B 33 3.40 -7.63 37.28
CA ASP B 33 2.41 -7.27 38.30
C ASP B 33 3.10 -7.39 39.66
N ASP B 34 2.52 -8.16 40.59
CA ASP B 34 3.09 -8.28 41.94
C ASP B 34 3.76 -9.64 42.12
N VAL B 35 4.21 -10.27 41.01
CA VAL B 35 4.78 -11.60 41.05
C VAL B 35 6.16 -11.57 40.39
N VAL B 36 7.12 -12.25 41.04
CA VAL B 36 8.40 -12.49 40.42
C VAL B 36 8.52 -13.98 40.16
N TYR B 37 8.81 -14.31 38.90
CA TYR B 37 9.01 -15.65 38.39
C TYR B 37 10.50 -15.86 38.23
N CYS B 38 10.99 -17.00 38.73
CA CYS B 38 12.38 -17.38 38.56
C CYS B 38 12.46 -18.90 38.65
N PRO B 39 13.59 -19.49 38.23
CA PRO B 39 13.76 -20.94 38.29
C PRO B 39 13.84 -21.36 39.76
N ARG B 40 13.16 -22.45 40.10
CA ARG B 40 12.99 -22.84 41.47
C ARG B 40 14.30 -23.44 42.01
N HIS B 41 15.28 -23.74 41.13
CA HIS B 41 16.54 -24.29 41.62
C HIS B 41 17.32 -23.24 42.39
N VAL B 42 16.84 -21.98 42.40
CA VAL B 42 17.41 -20.92 43.23
C VAL B 42 17.33 -21.30 44.71
N ILE B 43 16.38 -22.17 45.10
CA ILE B 43 16.22 -22.52 46.51
C ILE B 43 17.21 -23.61 46.93
N CYS B 44 17.94 -24.20 46.00
CA CYS B 44 18.83 -25.30 46.29
C CYS B 44 20.25 -24.84 46.60
N THR B 45 20.88 -25.50 47.59
CA THR B 45 22.34 -25.47 47.76
C THR B 45 23.00 -26.44 46.77
N SER B 46 24.34 -26.37 46.63
CA SER B 46 25.07 -27.29 45.78
C SER B 46 24.66 -28.74 46.05
N GLU B 47 24.48 -29.07 47.34
CA GLU B 47 24.21 -30.44 47.73
C GLU B 47 22.75 -30.81 47.47
N ASP B 48 21.84 -29.86 47.64
CA ASP B 48 20.43 -30.08 47.33
C ASP B 48 20.25 -30.44 45.87
N MET B 49 21.10 -29.87 45.02
CA MET B 49 20.94 -29.94 43.57
C MET B 49 21.05 -31.39 43.08
N LEU B 50 21.80 -32.24 43.82
CA LEU B 50 22.09 -33.60 43.40
C LEU B 50 20.82 -34.44 43.45
N ASN B 51 19.93 -34.19 44.42
CA ASN B 51 18.68 -34.90 44.50
C ASN B 51 17.69 -34.08 45.31
N PRO B 52 17.11 -33.01 44.73
CA PRO B 52 16.24 -32.09 45.45
C PRO B 52 14.82 -32.61 45.59
N ASN B 53 14.30 -32.50 46.82
CA ASN B 53 12.86 -32.61 47.04
C ASN B 53 12.34 -31.19 47.20
N TYR B 54 11.75 -30.66 46.11
CA TYR B 54 11.48 -29.24 46.00
C TYR B 54 10.31 -28.86 46.90
N GLU B 55 9.32 -29.77 47.00
CA GLU B 55 8.16 -29.57 47.86
C GLU B 55 8.64 -29.36 49.30
N ASP B 56 9.63 -30.16 49.73
CA ASP B 56 10.10 -30.10 51.09
C ASP B 56 11.08 -28.95 51.28
N LEU B 57 11.92 -28.66 50.28
CA LEU B 57 12.85 -27.54 50.40
C LEU B 57 12.08 -26.24 50.54
N LEU B 58 10.95 -26.14 49.85
CA LEU B 58 10.18 -24.91 49.81
C LEU B 58 9.41 -24.73 51.12
N ILE B 59 8.82 -25.82 51.62
CA ILE B 59 8.14 -25.78 52.90
C ILE B 59 9.09 -25.20 53.96
N ARG B 60 10.37 -25.54 53.90
CA ARG B 60 11.35 -25.10 54.88
C ARG B 60 11.87 -23.68 54.58
N LYS B 61 11.39 -23.05 53.49
CA LYS B 61 11.78 -21.70 53.16
C LYS B 61 10.76 -20.72 53.73
N SER B 62 11.23 -19.49 54.01
CA SER B 62 10.36 -18.41 54.42
C SER B 62 10.54 -17.26 53.43
N ASN B 63 9.53 -16.38 53.38
CA ASN B 63 9.54 -15.24 52.50
C ASN B 63 10.87 -14.47 52.64
N HIS B 64 11.41 -14.44 53.86
CA HIS B 64 12.58 -13.66 54.21
C HIS B 64 13.88 -14.30 53.70
N ASN B 65 13.81 -15.58 53.31
CA ASN B 65 14.94 -16.28 52.70
C ASN B 65 15.24 -15.76 51.30
N PHE B 66 14.27 -15.01 50.71
CA PHE B 66 14.37 -14.59 49.32
C PHE B 66 14.63 -13.10 49.25
N LEU B 67 15.72 -12.70 48.58
CA LEU B 67 16.04 -11.30 48.37
C LEU B 67 15.84 -10.98 46.89
N VAL B 68 14.91 -10.07 46.61
CA VAL B 68 14.61 -9.67 45.25
C VAL B 68 14.99 -8.19 45.14
N GLN B 69 15.91 -7.85 44.25
CA GLN B 69 16.29 -6.47 44.04
C GLN B 69 15.86 -6.07 42.63
N ALA B 70 15.10 -4.97 42.56
CA ALA B 70 14.72 -4.37 41.30
C ALA B 70 15.41 -3.02 41.21
N GLY B 71 16.50 -2.95 40.44
CA GLY B 71 17.34 -1.77 40.45
C GLY B 71 17.96 -1.60 41.82
N ASN B 72 17.82 -0.40 42.38
CA ASN B 72 18.35 -0.08 43.70
C ASN B 72 17.28 -0.27 44.76
N VAL B 73 16.26 -1.09 44.45
CA VAL B 73 15.03 -1.16 45.23
C VAL B 73 14.83 -2.61 45.64
N GLN B 74 14.85 -2.86 46.95
CA GLN B 74 14.49 -4.17 47.47
C GLN B 74 12.98 -4.38 47.40
N LEU B 75 12.56 -5.44 46.71
CA LEU B 75 11.19 -5.92 46.78
C LEU B 75 11.06 -6.91 47.94
N ARG B 76 9.99 -6.73 48.71
CA ARG B 76 9.73 -7.52 49.88
C ARG B 76 8.86 -8.67 49.43
N VAL B 77 9.28 -9.89 49.73
CA VAL B 77 8.51 -11.06 49.35
C VAL B 77 7.46 -11.30 50.41
N ILE B 78 6.19 -11.42 50.00
CA ILE B 78 5.08 -11.54 50.95
C ILE B 78 4.38 -12.88 50.79
N GLY B 79 4.95 -13.74 49.94
CA GLY B 79 4.37 -15.04 49.68
C GLY B 79 5.23 -15.78 48.66
N HIS B 80 5.11 -17.11 48.66
CA HIS B 80 5.89 -17.92 47.75
C HIS B 80 5.12 -19.20 47.44
N SER B 81 5.12 -19.54 46.17
CA SER B 81 4.50 -20.75 45.65
C SER B 81 5.39 -21.28 44.53
N MET B 82 5.03 -22.46 44.04
CA MET B 82 5.85 -23.15 43.06
C MET B 82 4.90 -23.65 41.98
N GLN B 83 5.21 -23.31 40.73
CA GLN B 83 4.44 -23.88 39.63
C GLN B 83 5.39 -24.69 38.76
N ASN B 84 5.20 -26.00 38.76
CA ASN B 84 6.13 -26.93 38.15
C ASN B 84 7.54 -26.50 38.59
N CYS B 85 8.38 -26.03 37.66
CA CYS B 85 9.76 -25.74 37.95
C CYS B 85 10.03 -24.24 38.08
N VAL B 86 8.97 -23.43 38.16
CA VAL B 86 9.14 -22.00 38.34
C VAL B 86 8.71 -21.64 39.74
N LEU B 87 9.49 -20.76 40.35
CA LEU B 87 9.15 -20.23 41.66
C LEU B 87 8.41 -18.93 41.44
N LYS B 88 7.26 -18.77 42.12
CA LYS B 88 6.48 -17.52 42.07
C LYS B 88 6.56 -16.85 43.44
N LEU B 89 7.28 -15.72 43.48
CA LEU B 89 7.39 -14.89 44.66
C LEU B 89 6.38 -13.76 44.55
N LYS B 90 5.38 -13.75 45.44
CA LYS B 90 4.46 -12.63 45.52
C LYS B 90 5.19 -11.49 46.24
N VAL B 91 5.19 -10.29 45.66
CA VAL B 91 5.90 -9.16 46.24
C VAL B 91 4.89 -8.03 46.56
N ASP B 92 5.37 -7.05 47.33
CA ASP B 92 4.54 -5.99 47.89
C ASP B 92 4.19 -4.95 46.84
N THR B 93 4.82 -5.02 45.66
CA THR B 93 4.78 -3.95 44.68
C THR B 93 4.53 -4.52 43.29
N ALA B 94 3.46 -4.06 42.65
CA ALA B 94 3.24 -4.34 41.24
C ALA B 94 4.27 -3.56 40.44
N ASN B 95 4.91 -4.24 39.48
CA ASN B 95 5.82 -3.58 38.56
C ASN B 95 5.05 -2.52 37.80
N PRO B 96 5.39 -1.21 37.91
CA PRO B 96 4.70 -0.18 37.15
C PRO B 96 4.98 -0.29 35.63
N LYS B 97 6.00 -1.06 35.26
CA LYS B 97 6.40 -1.20 33.87
C LYS B 97 5.97 -2.54 33.29
N THR B 98 5.07 -3.27 33.96
CA THR B 98 4.51 -4.49 33.41
C THR B 98 3.90 -4.19 32.04
N PRO B 99 4.33 -4.88 30.97
CA PRO B 99 3.70 -4.73 29.66
C PRO B 99 2.47 -5.63 29.57
N LYS B 100 1.75 -5.50 28.46
CA LYS B 100 0.77 -6.51 28.11
C LYS B 100 1.59 -7.77 27.82
N TYR B 101 1.19 -8.92 28.37
CA TYR B 101 1.91 -10.16 28.13
C TYR B 101 1.01 -11.39 28.22
N LYS B 102 1.44 -12.45 27.57
CA LYS B 102 0.90 -13.79 27.74
C LYS B 102 2.07 -14.73 27.97
N PHE B 103 1.76 -15.90 28.54
CA PHE B 103 2.74 -16.96 28.67
C PHE B 103 2.35 -18.03 27.66
N VAL B 104 3.25 -18.30 26.72
CA VAL B 104 3.00 -19.19 25.59
C VAL B 104 4.02 -20.31 25.64
N ARG B 105 3.55 -21.54 25.34
CA ARG B 105 4.47 -22.66 25.13
C ARG B 105 4.70 -22.80 23.63
N ILE B 106 5.94 -22.55 23.18
CA ILE B 106 6.27 -22.63 21.78
C ILE B 106 6.54 -24.08 21.40
N GLN B 107 6.64 -24.33 20.09
CA GLN B 107 6.97 -25.65 19.58
C GLN B 107 8.40 -25.66 19.08
N PRO B 108 9.05 -26.84 18.99
CA PRO B 108 10.38 -26.95 18.37
C PRO B 108 10.32 -26.40 16.94
N GLY B 109 11.32 -25.60 16.60
CA GLY B 109 11.37 -24.92 15.32
C GLY B 109 11.20 -23.43 15.49
N GLN B 110 10.29 -23.08 16.41
CA GLN B 110 9.87 -21.70 16.58
C GLN B 110 11.00 -20.94 17.22
N THR B 111 11.06 -19.65 16.93
CA THR B 111 12.16 -18.80 17.39
C THR B 111 11.64 -17.79 18.41
N PHE B 112 12.60 -17.17 19.10
CA PHE B 112 12.28 -16.13 20.05
C PHE B 112 13.54 -15.30 20.31
N SER B 113 13.34 -14.13 20.91
CA SER B 113 14.42 -13.27 21.30
C SER B 113 14.78 -13.56 22.75
N VAL B 114 16.09 -13.62 23.05
CA VAL B 114 16.54 -13.85 24.40
C VAL B 114 17.14 -12.55 24.93
N LEU B 115 16.72 -12.17 26.14
CA LEU B 115 17.32 -11.06 26.83
C LEU B 115 18.20 -11.62 27.94
N ALA B 116 19.49 -11.78 27.64
CA ALA B 116 20.41 -12.41 28.57
C ALA B 116 20.70 -11.43 29.70
N CYS B 117 20.42 -11.86 30.93
CA CYS B 117 20.61 -10.99 32.08
C CYS B 117 21.57 -11.61 33.08
N TYR B 118 22.23 -10.74 33.83
CA TYR B 118 22.99 -11.12 35.00
C TYR B 118 22.63 -10.13 36.10
N ASN B 119 22.31 -10.66 37.28
CA ASN B 119 22.11 -9.79 38.43
C ASN B 119 20.94 -8.85 38.18
N GLY B 120 19.92 -9.36 37.47
CA GLY B 120 18.68 -8.63 37.24
C GLY B 120 18.83 -7.53 36.17
N SER B 121 20.00 -7.45 35.53
CA SER B 121 20.34 -6.41 34.59
C SER B 121 20.62 -6.98 33.19
N PRO B 122 19.97 -6.47 32.11
CA PRO B 122 20.20 -6.98 30.76
C PRO B 122 21.59 -6.73 30.21
N SER B 123 22.16 -7.79 29.62
CA SER B 123 23.50 -7.77 29.06
C SER B 123 23.42 -7.61 27.54
N GLY B 124 22.50 -8.35 26.92
CA GLY B 124 22.32 -8.26 25.49
C GLY B 124 21.09 -9.05 25.05
N VAL B 125 20.81 -8.94 23.74
CA VAL B 125 19.61 -9.53 23.16
C VAL B 125 20.01 -10.19 21.85
N TYR B 126 19.48 -11.40 21.62
CA TYR B 126 19.85 -12.19 20.46
C TYR B 126 18.69 -13.13 20.14
N GLN B 127 18.72 -13.66 18.91
CA GLN B 127 17.64 -14.47 18.38
C GLN B 127 18.05 -15.93 18.49
N CYS B 128 17.08 -16.76 18.85
CA CYS B 128 17.29 -18.17 19.15
C CYS B 128 16.21 -19.00 18.51
N ALA B 129 16.48 -20.29 18.36
CA ALA B 129 15.47 -21.23 17.95
C ALA B 129 15.41 -22.37 18.96
N MET B 130 14.20 -22.80 19.26
CA MET B 130 13.98 -24.04 19.98
C MET B 130 14.34 -25.18 19.03
N ARG B 131 15.41 -25.89 19.32
CA ARG B 131 15.88 -26.99 18.49
C ARG B 131 14.89 -28.15 18.59
N PRO B 132 14.83 -29.03 17.56
CA PRO B 132 13.94 -30.19 17.62
C PRO B 132 14.15 -31.08 18.83
N ASN B 133 15.33 -31.00 19.48
CA ASN B 133 15.63 -31.79 20.68
C ASN B 133 15.37 -30.98 21.97
N PHE B 134 14.63 -29.88 21.82
CA PHE B 134 14.08 -29.11 22.94
C PHE B 134 15.15 -28.33 23.69
N THR B 135 16.34 -28.26 23.10
CA THR B 135 17.43 -27.46 23.64
C THR B 135 17.43 -26.16 22.87
N ILE B 136 18.20 -25.19 23.34
CA ILE B 136 18.41 -23.97 22.56
C ILE B 136 19.90 -23.70 22.58
N LYS B 137 20.44 -23.22 21.46
CA LYS B 137 21.87 -22.93 21.40
C LYS B 137 22.08 -21.47 21.77
N GLY B 138 21.96 -21.18 23.08
CA GLY B 138 22.04 -19.82 23.57
C GLY B 138 23.47 -19.30 23.68
N SER B 139 23.60 -18.05 24.13
CA SER B 139 24.83 -17.51 24.66
C SER B 139 24.53 -17.03 26.08
N PHE B 140 24.92 -17.87 27.03
CA PHE B 140 24.56 -17.71 28.43
C PHE B 140 25.78 -18.04 29.28
N LEU B 141 25.95 -17.27 30.36
CA LEU B 141 27.01 -17.53 31.30
C LEU B 141 26.36 -17.95 32.62
N ASN B 142 27.23 -18.07 33.64
CA ASN B 142 26.80 -18.31 34.99
C ASN B 142 26.05 -17.05 35.45
N GLY B 143 24.85 -17.25 36.02
CA GLY B 143 24.02 -16.16 36.47
C GLY B 143 22.95 -15.76 35.45
N SER B 144 22.88 -16.48 34.35
CA SER B 144 21.97 -16.14 33.27
C SER B 144 20.59 -16.70 33.58
N CYS B 145 20.55 -17.73 34.45
CA CYS B 145 19.29 -18.41 34.76
C CYS B 145 18.24 -17.39 35.15
N GLY B 146 17.00 -17.63 34.70
CA GLY B 146 15.92 -16.68 34.91
C GLY B 146 15.73 -15.76 33.71
N SER B 147 16.77 -15.60 32.89
CA SER B 147 16.68 -14.89 31.63
C SER B 147 15.57 -15.52 30.81
N VAL B 148 14.88 -14.70 30.00
CA VAL B 148 13.70 -15.14 29.29
C VAL B 148 13.85 -14.95 27.78
N GLY B 149 13.12 -15.81 27.07
CA GLY B 149 12.85 -15.65 25.67
C GLY B 149 11.42 -15.17 25.44
N PHE B 150 11.23 -14.37 24.40
CA PHE B 150 9.94 -13.75 24.17
C PHE B 150 9.77 -13.43 22.68
N ASN B 151 8.49 -13.29 22.30
CA ASN B 151 8.11 -12.69 21.03
C ASN B 151 7.16 -11.55 21.33
N ILE B 152 7.04 -10.63 20.38
CA ILE B 152 6.15 -9.49 20.50
C ILE B 152 5.19 -9.48 19.32
N ASP B 153 3.89 -9.44 19.64
CA ASP B 153 2.83 -9.28 18.64
C ASP B 153 2.05 -8.00 18.96
N TYR B 154 2.28 -6.96 18.14
CA TYR B 154 1.70 -5.64 18.31
C TYR B 154 2.30 -4.99 19.57
N ASP B 155 1.64 -5.17 20.72
CA ASP B 155 2.08 -4.57 21.99
C ASP B 155 2.20 -5.63 23.09
N CYS B 156 1.94 -6.89 22.73
CA CYS B 156 1.86 -7.99 23.69
C CYS B 156 3.16 -8.77 23.64
N VAL B 157 3.81 -8.89 24.81
CA VAL B 157 4.96 -9.76 24.95
C VAL B 157 4.44 -11.17 25.27
N SER B 158 4.79 -12.14 24.41
CA SER B 158 4.60 -13.56 24.66
C SER B 158 5.90 -14.12 25.21
N PHE B 159 5.94 -14.34 26.53
CA PHE B 159 7.07 -15.00 27.15
C PHE B 159 6.95 -16.49 26.89
N CYS B 160 7.96 -17.07 26.25
CA CYS B 160 7.91 -18.49 25.94
C CYS B 160 9.07 -19.29 26.54
N TYR B 161 10.14 -18.63 27.02
CA TYR B 161 11.26 -19.38 27.54
C TYR B 161 11.79 -18.73 28.80
N MET B 162 12.14 -19.53 29.81
CA MET B 162 12.95 -19.09 30.93
C MET B 162 14.14 -20.05 31.09
N HIS B 163 15.33 -19.49 31.13
CA HIS B 163 16.55 -20.30 31.15
C HIS B 163 16.78 -20.91 32.54
N HIS B 164 17.11 -22.20 32.56
CA HIS B 164 17.30 -22.92 33.81
C HIS B 164 18.71 -23.49 33.95
N MET B 165 19.27 -24.03 32.85
CA MET B 165 20.53 -24.73 32.98
C MET B 165 21.22 -24.83 31.63
N GLU B 166 22.52 -25.08 31.73
CA GLU B 166 23.35 -25.43 30.60
C GLU B 166 23.75 -26.89 30.73
N LEU B 167 23.58 -27.63 29.64
CA LEU B 167 23.97 -29.03 29.63
C LEU B 167 25.47 -29.12 29.40
N PRO B 168 26.10 -30.30 29.60
CA PRO B 168 27.53 -30.48 29.37
C PRO B 168 28.01 -30.15 27.96
N THR B 169 27.16 -30.38 26.96
CA THR B 169 27.46 -30.08 25.57
C THR B 169 27.46 -28.58 25.27
N GLY B 170 27.02 -27.73 26.22
CA GLY B 170 27.13 -26.29 26.08
C GLY B 170 25.87 -25.64 25.51
N VAL B 171 24.83 -26.45 25.32
CA VAL B 171 23.52 -25.98 24.90
C VAL B 171 22.65 -25.86 26.13
N HIS B 172 21.52 -25.17 26.00
CA HIS B 172 20.77 -24.67 27.13
C HIS B 172 19.38 -25.27 27.16
N ALA B 173 18.82 -25.30 28.36
CA ALA B 173 17.51 -25.91 28.56
C ALA B 173 16.72 -25.06 29.55
N GLY B 174 15.38 -25.10 29.40
CA GLY B 174 14.55 -24.28 30.25
C GLY B 174 13.08 -24.66 30.13
N THR B 175 12.26 -23.75 30.68
CA THR B 175 10.84 -23.94 30.84
C THR B 175 10.08 -22.85 30.09
N ASP B 176 8.78 -23.10 29.87
CA ASP B 176 7.80 -22.05 29.61
C ASP B 176 7.63 -21.29 30.92
N LEU B 177 6.84 -20.23 30.92
CA LEU B 177 6.69 -19.47 32.16
C LEU B 177 5.60 -20.08 33.04
N GLU B 178 5.02 -21.22 32.63
CA GLU B 178 4.29 -22.04 33.57
C GLU B 178 5.17 -23.08 34.26
N GLY B 179 6.46 -23.15 33.94
CA GLY B 179 7.42 -23.92 34.73
C GLY B 179 7.68 -25.32 34.16
N ASN B 180 7.14 -25.64 32.98
CA ASN B 180 7.31 -26.95 32.42
C ASN B 180 8.49 -26.90 31.47
N PHE B 181 9.49 -27.73 31.75
CA PHE B 181 10.63 -27.88 30.88
C PHE B 181 10.18 -28.17 29.45
N TYR B 182 10.89 -27.56 28.50
CA TYR B 182 10.90 -28.05 27.14
C TYR B 182 11.84 -29.26 27.13
N GLY B 183 11.30 -30.42 26.72
CA GLY B 183 12.14 -31.58 26.49
C GLY B 183 12.21 -32.46 27.73
N PRO B 184 13.05 -33.51 27.71
CA PRO B 184 13.06 -34.51 28.76
C PRO B 184 13.96 -34.12 29.92
N PHE B 185 13.96 -32.84 30.29
CA PHE B 185 14.92 -32.36 31.25
C PHE B 185 14.23 -32.15 32.61
N VAL B 186 15.07 -32.20 33.66
CA VAL B 186 14.66 -31.92 35.02
C VAL B 186 15.68 -30.98 35.66
N ASP B 187 15.21 -30.14 36.58
CA ASP B 187 16.07 -29.23 37.33
C ASP B 187 16.75 -30.01 38.47
N ARG B 188 17.61 -30.95 38.08
CA ARG B 188 18.35 -31.80 38.99
C ARG B 188 19.75 -31.95 38.40
N GLN B 189 20.79 -31.96 39.26
CA GLN B 189 22.14 -32.15 38.78
C GLN B 189 22.39 -33.65 38.62
N THR B 190 21.84 -34.18 37.54
CA THR B 190 21.95 -35.58 37.15
C THR B 190 22.11 -35.58 35.63
N ALA B 191 22.90 -36.50 35.10
CA ALA B 191 23.23 -36.55 33.67
C ALA B 191 21.95 -36.72 32.88
N GLN B 192 21.81 -35.89 31.84
CA GLN B 192 20.62 -35.83 30.98
C GLN B 192 21.01 -35.61 29.53
N ALA B 193 20.60 -36.58 28.69
CA ALA B 193 20.98 -36.56 27.29
C ALA B 193 19.98 -35.72 26.51
N ALA B 194 20.47 -34.69 25.82
CA ALA B 194 19.72 -34.11 24.73
C ALA B 194 19.51 -35.21 23.68
N GLY B 195 18.27 -35.40 23.22
CA GLY B 195 18.03 -36.13 21.98
C GLY B 195 18.96 -35.68 20.84
N THR B 196 19.04 -36.46 19.78
CA THR B 196 19.85 -36.03 18.63
C THR B 196 19.11 -34.90 17.92
N ASP B 197 19.88 -33.87 17.57
CA ASP B 197 19.31 -32.68 16.97
C ASP B 197 19.09 -32.90 15.47
N THR B 198 17.98 -32.38 14.94
CA THR B 198 17.74 -32.39 13.51
C THR B 198 17.64 -30.94 13.00
N THR B 199 17.50 -30.74 11.70
CA THR B 199 17.40 -29.43 11.09
C THR B 199 15.92 -29.09 10.87
N ILE B 200 15.58 -27.84 11.16
CA ILE B 200 14.20 -27.37 11.10
C ILE B 200 13.83 -27.04 9.65
N THR B 201 13.22 -28.01 8.98
CA THR B 201 13.02 -27.95 7.54
C THR B 201 12.22 -26.71 7.11
N VAL B 202 11.10 -26.49 7.81
CA VAL B 202 10.19 -25.41 7.48
C VAL B 202 10.90 -24.07 7.56
N ASN B 203 11.92 -23.97 8.43
CA ASN B 203 12.64 -22.73 8.58
C ASN B 203 13.63 -22.55 7.42
N VAL B 204 14.27 -23.63 6.99
CA VAL B 204 15.21 -23.57 5.88
C VAL B 204 14.46 -23.14 4.63
N LEU B 205 13.25 -23.66 4.45
CA LEU B 205 12.40 -23.26 3.35
C LEU B 205 12.11 -21.78 3.47
N ALA B 206 11.73 -21.33 4.66
CA ALA B 206 11.36 -19.93 4.89
C ALA B 206 12.53 -19.02 4.54
N TRP B 207 13.72 -19.48 4.87
CA TRP B 207 14.94 -18.74 4.65
C TRP B 207 15.28 -18.69 3.16
N LEU B 208 14.93 -19.75 2.44
CA LEU B 208 15.12 -19.76 1.00
C LEU B 208 14.17 -18.76 0.35
N TYR B 209 12.92 -18.72 0.84
CA TYR B 209 11.99 -17.68 0.44
C TYR B 209 12.60 -16.32 0.70
N ALA B 210 13.24 -16.15 1.85
CA ALA B 210 13.88 -14.90 2.19
C ALA B 210 14.91 -14.56 1.13
N ALA B 211 15.65 -15.56 0.67
CA ALA B 211 16.71 -15.38 -0.32
C ALA B 211 16.10 -14.92 -1.63
N VAL B 212 14.95 -15.48 -1.98
CA VAL B 212 14.26 -15.10 -3.21
C VAL B 212 13.83 -13.64 -3.09
N ILE B 213 13.28 -13.23 -1.94
CA ILE B 213 12.83 -11.85 -1.76
C ILE B 213 14.02 -10.89 -1.88
N ASN B 214 15.19 -11.34 -1.46
CA ASN B 214 16.41 -10.55 -1.54
C ASN B 214 17.14 -10.79 -2.86
N GLY B 215 16.47 -11.35 -3.88
CA GLY B 215 17.04 -11.39 -5.22
C GLY B 215 17.68 -12.73 -5.62
N ASP B 216 18.30 -13.44 -4.67
CA ASP B 216 18.94 -14.74 -4.96
C ASP B 216 17.93 -15.71 -5.55
N ARG B 217 18.13 -16.14 -6.82
CA ARG B 217 17.20 -17.05 -7.49
C ARG B 217 17.93 -18.22 -8.12
N TRP B 218 19.22 -18.40 -7.83
CA TRP B 218 20.01 -19.38 -8.58
C TRP B 218 19.57 -20.80 -8.23
N PHE B 219 19.15 -21.02 -6.98
CA PHE B 219 18.85 -22.34 -6.45
C PHE B 219 17.46 -22.80 -6.90
N LEU B 220 16.67 -21.89 -7.47
CA LEU B 220 15.41 -22.29 -8.10
C LEU B 220 15.74 -23.19 -9.30
N ASN B 221 15.11 -24.38 -9.36
CA ASN B 221 15.46 -25.40 -10.33
C ASN B 221 14.19 -25.83 -11.05
N ARG B 222 14.35 -26.55 -12.16
CA ARG B 222 13.25 -26.95 -13.02
C ARG B 222 12.58 -28.23 -12.51
N PHE B 223 13.04 -28.79 -11.38
CA PHE B 223 12.46 -30.01 -10.83
C PHE B 223 11.21 -29.72 -10.00
N THR B 224 10.40 -30.76 -9.79
CA THR B 224 9.21 -30.67 -8.96
C THR B 224 9.20 -31.92 -8.06
N THR B 225 8.39 -31.92 -7.00
CA THR B 225 8.34 -33.04 -6.08
C THR B 225 7.00 -33.09 -5.34
N THR B 226 6.67 -34.29 -4.83
CA THR B 226 5.56 -34.45 -3.90
C THR B 226 6.11 -34.25 -2.49
N LEU B 227 5.22 -33.94 -1.55
CA LEU B 227 5.59 -33.72 -0.15
C LEU B 227 6.26 -34.98 0.39
N ASN B 228 5.72 -36.16 0.04
CA ASN B 228 6.16 -37.41 0.61
C ASN B 228 7.56 -37.76 0.09
N ASP B 229 7.78 -37.57 -1.21
CA ASP B 229 9.09 -37.84 -1.79
C ASP B 229 10.13 -36.90 -1.21
N PHE B 230 9.71 -35.67 -0.86
CA PHE B 230 10.60 -34.71 -0.24
C PHE B 230 11.01 -35.19 1.14
N ASN B 231 10.02 -35.59 1.95
CA ASN B 231 10.25 -35.99 3.32
C ASN B 231 11.14 -37.23 3.41
N LEU B 232 11.12 -38.05 2.36
CA LEU B 232 12.00 -39.20 2.30
C LEU B 232 13.44 -38.73 2.19
N VAL B 233 13.70 -37.71 1.37
CA VAL B 233 15.05 -37.20 1.17
C VAL B 233 15.48 -36.43 2.42
N ALA B 234 14.58 -35.59 2.95
CA ALA B 234 14.81 -34.85 4.19
C ALA B 234 15.32 -35.79 5.27
N MET B 235 14.54 -36.84 5.58
CA MET B 235 14.89 -37.79 6.63
C MET B 235 16.36 -38.18 6.54
N LYS B 236 16.85 -38.43 5.32
CA LYS B 236 18.18 -38.97 5.09
C LYS B 236 19.25 -37.98 5.52
N TYR B 237 18.92 -36.67 5.49
CA TYR B 237 19.88 -35.61 5.81
C TYR B 237 19.63 -35.00 7.19
N ASN B 238 18.80 -35.67 8.00
CA ASN B 238 18.58 -35.33 9.39
C ASN B 238 17.79 -34.03 9.45
N TYR B 239 16.79 -33.94 8.56
CA TYR B 239 15.85 -32.84 8.52
C TYR B 239 14.53 -33.32 9.13
N GLU B 240 13.87 -32.41 9.84
CA GLU B 240 12.53 -32.65 10.37
C GLU B 240 11.58 -32.89 9.20
N PRO B 241 10.64 -33.83 9.30
CA PRO B 241 9.62 -33.99 8.27
C PRO B 241 8.87 -32.66 8.06
N LEU B 242 8.42 -32.44 6.82
CA LEU B 242 7.57 -31.31 6.52
C LEU B 242 6.11 -31.77 6.58
N THR B 243 5.35 -31.09 7.46
CA THR B 243 3.96 -31.38 7.68
C THR B 243 3.11 -30.54 6.73
N GLN B 244 1.81 -30.82 6.69
CA GLN B 244 0.90 -29.99 5.93
C GLN B 244 0.76 -28.64 6.63
N ASP B 245 0.78 -28.64 7.97
CA ASP B 245 0.69 -27.40 8.74
C ASP B 245 1.87 -26.50 8.33
N HIS B 246 3.03 -27.10 8.13
CA HIS B 246 4.21 -26.36 7.72
C HIS B 246 4.00 -25.73 6.34
N VAL B 247 3.40 -26.49 5.41
CA VAL B 247 3.14 -26.00 4.07
C VAL B 247 2.15 -24.83 4.15
N ASP B 248 1.17 -24.93 5.05
CA ASP B 248 0.15 -23.92 5.23
C ASP B 248 0.76 -22.63 5.78
N ILE B 249 1.69 -22.76 6.74
CA ILE B 249 2.32 -21.59 7.35
C ILE B 249 3.24 -20.90 6.36
N LEU B 250 3.78 -21.65 5.39
CA LEU B 250 4.65 -21.08 4.36
C LEU B 250 3.80 -20.38 3.29
N GLY B 251 2.47 -20.49 3.39
CA GLY B 251 1.54 -19.93 2.43
C GLY B 251 1.82 -18.47 2.12
N PRO B 252 1.73 -17.55 3.10
CA PRO B 252 2.10 -16.15 2.89
C PRO B 252 3.36 -15.93 2.05
N LEU B 253 4.45 -16.64 2.35
CA LEU B 253 5.70 -16.43 1.62
C LEU B 253 5.58 -16.94 0.18
N SER B 254 4.84 -18.05 -0.01
CA SER B 254 4.63 -18.65 -1.31
C SER B 254 3.80 -17.69 -2.19
N ALA B 255 2.84 -17.01 -1.56
CA ALA B 255 2.02 -16.01 -2.23
C ALA B 255 2.84 -14.76 -2.51
N GLN B 256 3.66 -14.33 -1.56
CA GLN B 256 4.45 -13.14 -1.73
C GLN B 256 5.44 -13.31 -2.90
N THR B 257 6.07 -14.47 -2.99
CA THR B 257 7.11 -14.71 -3.99
C THR B 257 6.50 -15.24 -5.27
N GLY B 258 5.36 -15.95 -5.13
CA GLY B 258 4.72 -16.63 -6.24
C GLY B 258 5.21 -18.05 -6.46
N ILE B 259 6.24 -18.46 -5.70
CA ILE B 259 6.83 -19.78 -5.79
C ILE B 259 6.14 -20.70 -4.80
N ALA B 260 5.71 -21.87 -5.30
CA ALA B 260 4.94 -22.81 -4.51
C ALA B 260 5.89 -23.54 -3.59
N VAL B 261 5.34 -24.05 -2.47
CA VAL B 261 6.14 -24.64 -1.42
C VAL B 261 6.81 -25.92 -1.95
N LEU B 262 6.07 -26.73 -2.70
CA LEU B 262 6.60 -27.97 -3.22
C LEU B 262 7.68 -27.69 -4.26
N ASP B 263 7.56 -26.54 -4.95
CA ASP B 263 8.57 -26.08 -5.89
C ASP B 263 9.83 -25.74 -5.12
N MET B 264 9.65 -24.98 -4.03
CA MET B 264 10.75 -24.60 -3.17
C MET B 264 11.40 -25.85 -2.57
N CYS B 265 10.57 -26.85 -2.23
CA CYS B 265 11.03 -28.11 -1.67
C CYS B 265 12.00 -28.82 -2.61
N ALA B 266 11.64 -28.87 -3.90
CA ALA B 266 12.48 -29.52 -4.90
C ALA B 266 13.82 -28.80 -4.97
N SER B 267 13.79 -27.47 -4.84
CA SER B 267 15.01 -26.68 -4.82
C SER B 267 15.88 -27.06 -3.61
N LEU B 268 15.26 -27.35 -2.47
CA LEU B 268 15.99 -27.72 -1.26
C LEU B 268 16.55 -29.13 -1.41
N LYS B 269 15.75 -30.07 -1.93
CA LYS B 269 16.18 -31.42 -2.25
C LYS B 269 17.53 -31.42 -2.98
N GLU B 270 17.64 -30.59 -4.02
CA GLU B 270 18.85 -30.55 -4.83
C GLU B 270 19.99 -29.94 -4.04
N LEU B 271 19.70 -28.91 -3.24
CA LEU B 271 20.72 -28.30 -2.39
C LEU B 271 21.28 -29.35 -1.42
N LEU B 272 20.41 -30.23 -0.93
CA LEU B 272 20.79 -31.24 0.05
C LEU B 272 21.63 -32.32 -0.62
N GLN B 273 21.27 -32.68 -1.86
CA GLN B 273 21.89 -33.79 -2.55
C GLN B 273 23.25 -33.37 -3.10
N ASN B 274 23.27 -32.24 -3.80
CA ASN B 274 24.44 -31.84 -4.57
C ASN B 274 25.31 -30.89 -3.77
N GLY B 275 24.72 -30.13 -2.85
CA GLY B 275 25.45 -29.09 -2.12
C GLY B 275 25.27 -27.74 -2.78
N MET B 276 26.19 -26.80 -2.50
CA MET B 276 26.02 -25.42 -2.93
C MET B 276 27.05 -24.99 -3.97
N ASN B 277 28.09 -25.81 -4.19
CA ASN B 277 29.07 -25.59 -5.23
C ASN B 277 29.83 -24.31 -4.96
N GLY B 278 30.18 -24.07 -3.68
CA GLY B 278 30.89 -22.88 -3.25
C GLY B 278 30.09 -21.58 -3.44
N ARG B 279 28.77 -21.70 -3.63
CA ARG B 279 27.89 -20.54 -3.69
C ARG B 279 27.38 -20.25 -2.28
N THR B 280 26.80 -19.06 -2.11
CA THR B 280 26.25 -18.63 -0.84
C THR B 280 24.81 -18.15 -1.06
N ILE B 281 23.98 -18.37 -0.03
CA ILE B 281 22.64 -17.83 0.01
C ILE B 281 22.59 -16.88 1.20
N LEU B 282 22.20 -15.63 0.94
CA LEU B 282 22.16 -14.58 1.95
C LEU B 282 23.40 -14.61 2.85
N GLY B 283 24.56 -14.66 2.19
CA GLY B 283 25.85 -14.52 2.87
C GLY B 283 26.30 -15.79 3.59
N SER B 284 25.50 -16.85 3.52
CA SER B 284 25.76 -18.07 4.29
C SER B 284 26.14 -19.20 3.34
N ALA B 285 27.13 -19.99 3.75
CA ALA B 285 27.59 -21.13 2.97
C ALA B 285 26.91 -22.42 3.46
N LEU B 286 26.19 -22.31 4.59
CA LEU B 286 25.39 -23.40 5.15
C LEU B 286 23.91 -23.03 5.00
N LEU B 287 23.05 -24.04 5.04
CA LEU B 287 21.61 -23.80 5.06
C LEU B 287 21.20 -23.38 6.46
N GLU B 288 20.63 -22.19 6.59
CA GLU B 288 20.32 -21.58 7.88
C GLU B 288 18.91 -21.99 8.28
N ASP B 289 18.68 -22.35 9.55
CA ASP B 289 17.39 -22.89 9.92
C ASP B 289 16.82 -22.25 11.18
N GLU B 290 17.30 -21.05 11.53
CA GLU B 290 16.82 -20.38 12.74
C GLU B 290 15.99 -19.13 12.39
N PHE B 291 15.30 -19.17 11.26
CA PHE B 291 14.32 -18.15 10.90
C PHE B 291 12.98 -18.83 10.58
N THR B 292 11.93 -18.45 11.30
CA THR B 292 10.60 -18.98 11.03
C THR B 292 10.03 -18.29 9.80
N PRO B 293 8.95 -18.85 9.21
CA PRO B 293 8.22 -18.15 8.16
C PRO B 293 7.83 -16.75 8.61
N PHE B 294 7.37 -16.63 9.86
CA PHE B 294 6.90 -15.35 10.34
C PHE B 294 8.08 -14.37 10.46
N ASP B 295 9.22 -14.87 10.95
CA ASP B 295 10.40 -14.04 11.09
C ASP B 295 10.78 -13.41 9.73
N VAL B 296 10.65 -14.19 8.67
CA VAL B 296 11.04 -13.75 7.34
C VAL B 296 10.09 -12.63 6.92
N VAL B 297 8.78 -12.89 7.03
CA VAL B 297 7.77 -11.91 6.67
C VAL B 297 8.07 -10.61 7.40
N ARG B 298 8.29 -10.70 8.72
CA ARG B 298 8.43 -9.54 9.57
C ARG B 298 9.65 -8.72 9.15
N GLN B 299 10.73 -9.37 8.76
CA GLN B 299 11.95 -8.68 8.38
C GLN B 299 11.85 -8.17 6.95
N CYS B 300 11.17 -8.91 6.08
CA CYS B 300 11.06 -8.57 4.66
C CYS B 300 9.87 -7.66 4.37
N SER B 301 8.96 -7.46 5.33
CA SER B 301 7.77 -6.63 5.12
C SER B 301 7.78 -5.42 6.06
N GLY B 302 8.53 -5.47 7.16
CA GLY B 302 8.85 -4.29 7.96
C GLY B 302 7.89 -4.08 9.15
N VAL B 303 7.40 -5.19 9.73
CA VAL B 303 6.45 -5.17 10.82
C VAL B 303 7.09 -4.53 12.06
N THR B 304 6.39 -3.52 12.63
CA THR B 304 6.86 -2.73 13.77
C THR B 304 6.08 -3.14 15.01
N PHE B 305 6.49 -2.61 16.18
CA PHE B 305 5.99 -3.06 17.47
C PHE B 305 5.75 -1.86 18.41
N GLN B 306 4.47 -1.74 18.86
CA GLN B 306 3.98 -0.62 19.65
C GLN B 306 3.97 -1.00 21.14
N SER C 1 -12.40 8.06 8.87
CA SER C 1 -12.17 7.99 10.34
C SER C 1 -13.14 8.87 11.12
N GLY C 2 -13.10 8.74 12.45
CA GLY C 2 -14.05 9.42 13.32
C GLY C 2 -15.24 8.51 13.67
N PHE C 3 -15.94 8.85 14.76
CA PHE C 3 -17.09 8.07 15.15
C PHE C 3 -18.00 8.95 15.97
N ARG C 4 -19.26 9.09 15.52
CA ARG C 4 -20.24 10.00 16.07
C ARG C 4 -21.55 9.25 16.31
N LYS C 5 -22.35 9.79 17.23
CA LYS C 5 -23.78 9.48 17.30
C LYS C 5 -24.41 10.03 16.04
N MET C 6 -24.66 9.14 15.08
CA MET C 6 -24.99 9.54 13.73
C MET C 6 -26.42 9.08 13.43
N ALA C 7 -27.29 10.04 13.07
CA ALA C 7 -28.69 9.71 12.82
C ALA C 7 -28.90 9.49 11.32
N PHE C 8 -29.95 8.74 10.99
CA PHE C 8 -30.35 8.64 9.60
C PHE C 8 -30.73 10.02 9.09
N PRO C 9 -30.71 10.24 7.76
CA PRO C 9 -31.28 11.45 7.17
C PRO C 9 -32.78 11.49 7.47
N SER C 10 -33.28 12.68 7.80
CA SER C 10 -34.62 12.83 8.34
C SER C 10 -35.63 13.22 7.27
N GLY C 11 -35.16 13.52 6.04
CA GLY C 11 -35.98 14.04 4.95
C GLY C 11 -37.27 13.26 4.71
N LYS C 12 -37.19 11.94 4.65
CA LYS C 12 -38.36 11.13 4.38
C LYS C 12 -39.41 11.23 5.49
N VAL C 13 -38.98 11.50 6.73
CA VAL C 13 -39.87 11.57 7.88
C VAL C 13 -40.37 13.01 8.06
N GLU C 14 -39.53 14.00 7.74
CA GLU C 14 -39.91 15.41 7.82
C GLU C 14 -41.23 15.68 7.10
N GLY C 15 -41.43 15.04 5.95
CA GLY C 15 -42.60 15.29 5.14
C GLY C 15 -43.87 14.68 5.72
N CYS C 16 -43.75 13.88 6.78
CA CYS C 16 -44.93 13.24 7.38
C CYS C 16 -45.39 13.94 8.66
N MET C 17 -44.64 14.94 9.12
CA MET C 17 -44.94 15.51 10.43
C MET C 17 -45.99 16.61 10.28
N VAL C 18 -47.08 16.47 11.05
CA VAL C 18 -48.18 17.42 11.09
C VAL C 18 -48.42 17.84 12.54
N GLN C 19 -49.18 18.93 12.69
CA GLN C 19 -49.63 19.47 13.98
C GLN C 19 -51.03 18.95 14.22
N VAL C 20 -51.29 18.37 15.39
CA VAL C 20 -52.63 17.90 15.72
C VAL C 20 -53.06 18.61 16.99
N THR C 21 -54.23 19.25 16.95
CA THR C 21 -54.75 19.99 18.07
C THR C 21 -56.10 19.40 18.46
N CYS C 22 -56.33 19.30 19.77
CA CYS C 22 -57.62 18.88 20.27
C CYS C 22 -57.83 19.51 21.63
N GLY C 23 -58.95 20.21 21.81
CA GLY C 23 -59.15 21.09 22.96
C GLY C 23 -58.09 22.18 23.02
N THR C 24 -57.23 22.12 24.04
CA THR C 24 -56.11 23.05 24.17
C THR C 24 -54.77 22.33 23.95
N THR C 25 -54.78 21.03 23.61
CA THR C 25 -53.53 20.30 23.54
C THR C 25 -53.08 20.23 22.09
N THR C 26 -51.87 20.74 21.84
CA THR C 26 -51.21 20.58 20.56
C THR C 26 -50.02 19.63 20.72
N LEU C 27 -49.98 18.62 19.85
CA LEU C 27 -48.80 17.79 19.74
C LEU C 27 -48.59 17.48 18.26
N ASN C 28 -47.73 16.50 17.96
CA ASN C 28 -47.40 16.14 16.61
C ASN C 28 -48.13 14.88 16.22
N GLY C 29 -48.36 14.73 14.90
CA GLY C 29 -48.92 13.52 14.31
C GLY C 29 -48.12 13.09 13.08
N LEU C 30 -48.31 11.81 12.71
CA LEU C 30 -47.58 11.20 11.60
C LEU C 30 -48.56 10.91 10.46
N TRP C 31 -48.37 11.65 9.37
CA TRP C 31 -49.26 11.66 8.22
C TRP C 31 -48.74 10.72 7.15
N LEU C 32 -49.37 9.53 7.08
CA LEU C 32 -49.02 8.50 6.10
C LEU C 32 -50.27 8.15 5.32
N ASP C 33 -50.23 8.30 3.99
CA ASP C 33 -51.39 8.10 3.14
C ASP C 33 -52.47 9.07 3.61
N ASP C 34 -53.68 8.58 3.92
CA ASP C 34 -54.80 9.43 4.32
C ASP C 34 -55.05 9.30 5.83
N VAL C 35 -54.01 8.92 6.59
CA VAL C 35 -54.16 8.69 8.03
C VAL C 35 -53.13 9.52 8.78
N VAL C 36 -53.58 10.14 9.88
CA VAL C 36 -52.66 10.78 10.79
C VAL C 36 -52.70 10.01 12.10
N TYR C 37 -51.49 9.59 12.53
CA TYR C 37 -51.27 8.87 13.78
C TYR C 37 -50.73 9.87 14.79
N CYS C 38 -51.31 9.88 16.00
CA CYS C 38 -50.79 10.69 17.09
C CYS C 38 -51.17 10.00 18.39
N PRO C 39 -50.57 10.41 19.53
CA PRO C 39 -50.91 9.83 20.83
C PRO C 39 -52.33 10.22 21.21
N ARG C 40 -53.08 9.26 21.73
CA ARG C 40 -54.49 9.46 21.98
C ARG C 40 -54.69 10.35 23.21
N HIS C 41 -53.65 10.62 23.99
CA HIS C 41 -53.79 11.47 25.15
C HIS C 41 -54.06 12.93 24.73
N VAL C 42 -53.95 13.23 23.42
CA VAL C 42 -54.30 14.52 22.88
C VAL C 42 -55.78 14.85 23.16
N ILE C 43 -56.63 13.81 23.35
CA ILE C 43 -58.04 14.03 23.55
C ILE C 43 -58.36 14.40 25.00
N CYS C 44 -57.38 14.30 25.91
CA CYS C 44 -57.60 14.52 27.33
C CYS C 44 -57.36 15.96 27.74
N THR C 45 -58.19 16.46 28.68
CA THR C 45 -57.92 17.65 29.45
C THR C 45 -57.00 17.30 30.62
N SER C 46 -56.45 18.33 31.30
CA SER C 46 -55.62 18.12 32.50
C SER C 46 -56.29 17.13 33.44
N GLU C 47 -57.61 17.27 33.62
CA GLU C 47 -58.35 16.51 34.62
C GLU C 47 -58.60 15.08 34.11
N ASP C 48 -58.84 14.93 32.80
CA ASP C 48 -59.04 13.62 32.21
C ASP C 48 -57.80 12.77 32.42
N MET C 49 -56.63 13.40 32.41
CA MET C 49 -55.35 12.72 32.40
C MET C 49 -55.17 11.86 33.64
N LEU C 50 -55.78 12.26 34.77
CA LEU C 50 -55.57 11.59 36.05
C LEU C 50 -56.18 10.19 36.04
N ASN C 51 -57.32 10.02 35.35
CA ASN C 51 -57.92 8.71 35.22
C ASN C 51 -58.83 8.68 33.99
N PRO C 52 -58.24 8.60 32.78
CA PRO C 52 -59.01 8.68 31.54
C PRO C 52 -59.70 7.37 31.17
N ASN C 53 -60.98 7.49 30.80
CA ASN C 53 -61.67 6.41 30.09
C ASN C 53 -61.70 6.80 28.62
N TYR C 54 -60.77 6.22 27.85
CA TYR C 54 -60.46 6.68 26.50
C TYR C 54 -61.58 6.32 25.55
N GLU C 55 -62.19 5.14 25.76
CA GLU C 55 -63.32 4.70 24.95
C GLU C 55 -64.45 5.71 25.05
N ASP C 56 -64.70 6.23 26.26
CA ASP C 56 -65.79 7.16 26.49
C ASP C 56 -65.40 8.56 26.04
N LEU C 57 -64.15 8.97 26.28
CA LEU C 57 -63.73 10.29 25.85
C LEU C 57 -63.83 10.42 24.33
N LEU C 58 -63.52 9.33 23.63
CA LEU C 58 -63.46 9.35 22.18
C LEU C 58 -64.86 9.36 21.58
N ILE C 59 -65.75 8.54 22.17
CA ILE C 59 -67.12 8.51 21.71
C ILE C 59 -67.69 9.94 21.74
N ARG C 60 -67.32 10.73 22.75
CA ARG C 60 -67.83 12.09 22.90
C ARG C 60 -67.07 13.09 22.02
N LYS C 61 -66.07 12.65 21.26
CA LYS C 61 -65.36 13.53 20.33
C LYS C 61 -65.98 13.42 18.94
N SER C 62 -65.80 14.50 18.16
CA SER C 62 -66.23 14.53 16.77
C SER C 62 -65.04 14.88 15.90
N ASN C 63 -65.12 14.52 14.61
CA ASN C 63 -64.06 14.77 13.67
C ASN C 63 -63.61 16.23 13.74
N HIS C 64 -64.57 17.13 13.99
CA HIS C 64 -64.31 18.57 13.93
C HIS C 64 -63.61 19.08 15.20
N ASN C 65 -63.56 18.24 16.24
CA ASN C 65 -62.81 18.55 17.44
C ASN C 65 -61.30 18.47 17.22
N PHE C 66 -60.89 17.88 16.08
CA PHE C 66 -59.48 17.67 15.77
C PHE C 66 -59.04 18.62 14.67
N LEU C 67 -58.03 19.44 14.93
CA LEU C 67 -57.41 20.30 13.95
C LEU C 67 -56.03 19.75 13.59
N VAL C 68 -55.86 19.41 12.33
CA VAL C 68 -54.60 18.89 11.83
C VAL C 68 -54.05 19.90 10.84
N GLN C 69 -52.86 20.43 11.10
CA GLN C 69 -52.23 21.36 10.18
C GLN C 69 -50.97 20.72 9.61
N ALA C 70 -50.87 20.67 8.30
CA ALA C 70 -49.68 20.20 7.60
C ALA C 70 -49.08 21.40 6.88
N GLY C 71 -48.02 21.95 7.43
CA GLY C 71 -47.50 23.23 6.97
C GLY C 71 -48.53 24.31 7.28
N ASN C 72 -48.87 25.13 6.28
CA ASN C 72 -49.90 26.14 6.47
C ASN C 72 -51.21 25.63 5.87
N VAL C 73 -51.38 24.31 5.87
CA VAL C 73 -52.49 23.66 5.18
C VAL C 73 -53.29 22.83 6.17
N GLN C 74 -54.54 23.20 6.39
CA GLN C 74 -55.47 22.47 7.24
C GLN C 74 -55.91 21.18 6.55
N LEU C 75 -55.66 20.05 7.21
CA LEU C 75 -56.25 18.76 6.85
C LEU C 75 -57.58 18.59 7.57
N ARG C 76 -58.58 18.16 6.84
CA ARG C 76 -59.92 17.95 7.37
C ARG C 76 -60.01 16.51 7.84
N VAL C 77 -60.43 16.34 9.10
CA VAL C 77 -60.55 14.99 9.64
C VAL C 77 -61.92 14.46 9.25
N ILE C 78 -61.97 13.27 8.65
CA ILE C 78 -63.22 12.73 8.14
C ILE C 78 -63.56 11.42 8.85
N GLY C 79 -62.79 11.09 9.88
CA GLY C 79 -62.99 9.87 10.63
C GLY C 79 -61.95 9.77 11.74
N HIS C 80 -62.26 9.02 12.79
CA HIS C 80 -61.34 8.84 13.88
C HIS C 80 -61.61 7.48 14.52
N SER C 81 -60.50 6.78 14.78
CA SER C 81 -60.50 5.51 15.48
C SER C 81 -59.32 5.50 16.45
N MET C 82 -59.29 4.49 17.30
CA MET C 82 -58.26 4.39 18.31
C MET C 82 -57.65 3.00 18.23
N GLN C 83 -56.32 2.93 18.10
CA GLN C 83 -55.67 1.64 18.15
C GLN C 83 -54.71 1.64 19.33
N ASN C 84 -55.04 0.80 20.33
CA ASN C 84 -54.36 0.83 21.61
C ASN C 84 -54.23 2.29 22.02
N CYS C 85 -53.01 2.84 22.08
CA CYS C 85 -52.79 4.17 22.61
C CYS C 85 -52.54 5.19 21.50
N VAL C 86 -52.75 4.80 20.24
CA VAL C 86 -52.58 5.73 19.15
C VAL C 86 -53.95 6.11 18.60
N LEU C 87 -54.07 7.39 18.28
CA LEU C 87 -55.27 7.90 17.65
C LEU C 87 -55.02 7.91 16.15
N LYS C 88 -55.96 7.33 15.38
CA LYS C 88 -55.89 7.34 13.92
C LYS C 88 -56.97 8.25 13.35
N LEU C 89 -56.52 9.39 12.81
CA LEU C 89 -57.40 10.37 12.20
C LEU C 89 -57.37 10.14 10.70
N LYS C 90 -58.50 9.72 10.12
CA LYS C 90 -58.63 9.63 8.68
C LYS C 90 -58.82 11.03 8.13
N VAL C 91 -58.02 11.41 7.14
CA VAL C 91 -58.09 12.75 6.58
C VAL C 91 -58.45 12.69 5.10
N ASP C 92 -58.82 13.86 4.55
CA ASP C 92 -59.36 13.99 3.21
C ASP C 92 -58.26 13.87 2.15
N THR C 93 -56.99 13.85 2.57
CA THR C 93 -55.87 14.03 1.66
C THR C 93 -54.78 13.01 1.99
N ALA C 94 -54.41 12.20 0.99
CA ALA C 94 -53.24 11.35 1.14
C ALA C 94 -52.00 12.26 1.08
N ASN C 95 -51.06 12.03 2.01
CA ASN C 95 -49.78 12.71 1.98
C ASN C 95 -49.08 12.38 0.65
N PRO C 96 -48.80 13.36 -0.24
CA PRO C 96 -48.06 13.07 -1.47
C PRO C 96 -46.60 12.67 -1.21
N LYS C 97 -46.11 12.92 0.01
CA LYS C 97 -44.73 12.62 0.37
C LYS C 97 -44.63 11.37 1.25
N THR C 98 -45.71 10.56 1.32
CA THR C 98 -45.64 9.30 2.02
C THR C 98 -44.51 8.45 1.45
N PRO C 99 -43.52 8.04 2.28
CA PRO C 99 -42.44 7.19 1.78
C PRO C 99 -42.87 5.73 1.84
N LYS C 100 -42.02 4.87 1.31
CA LYS C 100 -42.12 3.46 1.61
C LYS C 100 -41.86 3.33 3.12
N TYR C 101 -42.74 2.62 3.84
CA TYR C 101 -42.59 2.50 5.28
C TYR C 101 -43.18 1.20 5.78
N LYS C 102 -42.63 0.74 6.91
CA LYS C 102 -43.18 -0.33 7.71
C LYS C 102 -43.32 0.19 9.15
N PHE C 103 -44.19 -0.46 9.92
CA PHE C 103 -44.27 -0.20 11.34
C PHE C 103 -43.67 -1.41 12.04
N VAL C 104 -42.59 -1.20 12.78
CA VAL C 104 -41.88 -2.28 13.43
C VAL C 104 -41.88 -2.03 14.93
N ARG C 105 -42.05 -3.09 15.71
CA ARG C 105 -41.77 -3.06 17.14
C ARG C 105 -40.33 -3.52 17.40
N ILE C 106 -39.48 -2.60 17.87
CA ILE C 106 -38.09 -2.89 18.12
C ILE C 106 -37.93 -3.58 19.47
N GLN C 107 -36.73 -4.10 19.69
CA GLN C 107 -36.42 -4.77 20.94
C GLN C 107 -35.47 -3.88 21.73
N PRO C 108 -35.42 -4.06 23.08
CA PRO C 108 -34.47 -3.34 23.90
C PRO C 108 -33.04 -3.62 23.42
N GLY C 109 -32.24 -2.54 23.35
CA GLY C 109 -30.88 -2.61 22.85
C GLY C 109 -30.73 -1.99 21.46
N GLN C 110 -31.80 -2.14 20.67
CA GLN C 110 -31.82 -1.64 19.30
C GLN C 110 -31.94 -0.13 19.37
N THR C 111 -31.38 0.51 18.35
CA THR C 111 -31.31 1.97 18.29
C THR C 111 -32.18 2.50 17.15
N PHE C 112 -32.43 3.80 17.15
CA PHE C 112 -33.23 4.45 16.13
C PHE C 112 -32.95 5.95 16.15
N SER C 113 -33.34 6.62 15.06
CA SER C 113 -33.22 8.06 14.96
C SER C 113 -34.53 8.71 15.38
N VAL C 114 -34.44 9.80 16.13
CA VAL C 114 -35.62 10.53 16.60
C VAL C 114 -35.67 11.86 15.85
N LEU C 115 -36.83 12.18 15.32
CA LEU C 115 -37.06 13.48 14.74
C LEU C 115 -37.94 14.29 15.70
N ALA C 116 -37.29 15.10 16.53
CA ALA C 116 -37.99 15.82 17.58
C ALA C 116 -38.78 16.95 16.95
N CYS C 117 -40.10 16.97 17.13
CA CYS C 117 -40.93 17.97 16.49
C CYS C 117 -41.73 18.75 17.52
N TYR C 118 -42.06 19.99 17.15
CA TYR C 118 -43.02 20.79 17.89
C TYR C 118 -43.93 21.43 16.86
N ASN C 119 -45.24 21.34 17.10
CA ASN C 119 -46.18 22.05 16.27
C ASN C 119 -46.07 21.57 14.82
N GLY C 120 -45.79 20.28 14.65
CA GLY C 120 -45.78 19.62 13.36
C GLY C 120 -44.54 19.94 12.54
N SER C 121 -43.59 20.66 13.15
CA SER C 121 -42.37 21.11 12.51
C SER C 121 -41.13 20.49 13.17
N PRO C 122 -40.21 19.86 12.39
CA PRO C 122 -39.00 19.25 12.97
C PRO C 122 -38.01 20.24 13.55
N SER C 123 -37.50 19.92 14.74
CA SER C 123 -36.60 20.78 15.48
C SER C 123 -35.18 20.26 15.36
N GLY C 124 -35.03 18.94 15.52
CA GLY C 124 -33.73 18.30 15.52
C GLY C 124 -33.87 16.81 15.19
N VAL C 125 -32.75 16.15 14.88
CA VAL C 125 -32.68 14.72 14.76
C VAL C 125 -31.48 14.22 15.57
N TYR C 126 -31.69 13.09 16.25
CA TYR C 126 -30.66 12.51 17.12
C TYR C 126 -30.88 11.01 17.25
N GLN C 127 -29.84 10.31 17.68
CA GLN C 127 -29.81 8.87 17.76
C GLN C 127 -30.09 8.47 19.21
N CYS C 128 -30.88 7.40 19.35
CA CYS C 128 -31.41 6.93 20.62
C CYS C 128 -31.31 5.43 20.71
N ALA C 129 -31.43 4.89 21.92
CA ALA C 129 -31.51 3.47 22.14
C ALA C 129 -32.73 3.17 23.00
N MET C 130 -33.41 2.08 22.66
CA MET C 130 -34.43 1.52 23.55
C MET C 130 -33.70 0.85 24.70
N ARG C 131 -33.87 1.42 25.90
CA ARG C 131 -33.20 0.92 27.09
C ARG C 131 -33.77 -0.43 27.46
N PRO C 132 -33.04 -1.29 28.18
CA PRO C 132 -33.60 -2.55 28.66
C PRO C 132 -34.87 -2.41 29.49
N ASN C 133 -35.12 -1.21 30.06
CA ASN C 133 -36.32 -0.94 30.84
C ASN C 133 -37.39 -0.24 30.01
N PHE C 134 -37.22 -0.28 28.68
CA PHE C 134 -38.24 0.12 27.71
C PHE C 134 -38.47 1.63 27.71
N THR C 135 -37.57 2.38 28.34
CA THR C 135 -37.55 3.83 28.27
C THR C 135 -36.57 4.23 27.19
N ILE C 136 -36.52 5.50 26.86
CA ILE C 136 -35.48 6.02 25.99
C ILE C 136 -34.99 7.31 26.61
N LYS C 137 -33.70 7.57 26.51
CA LYS C 137 -33.14 8.79 27.09
C LYS C 137 -33.12 9.89 26.05
N GLY C 138 -34.31 10.43 25.73
CA GLY C 138 -34.47 11.37 24.62
C GLY C 138 -34.03 12.79 25.00
N SER C 139 -34.17 13.70 24.03
CA SER C 139 -34.20 15.12 24.28
C SER C 139 -35.51 15.65 23.70
N PHE C 140 -36.48 15.87 24.61
CA PHE C 140 -37.83 16.21 24.26
C PHE C 140 -38.34 17.31 25.20
N LEU C 141 -39.15 18.21 24.67
CA LEU C 141 -39.78 19.25 25.47
C LEU C 141 -41.30 19.01 25.45
N ASN C 142 -42.01 19.99 26.01
CA ASN C 142 -43.45 20.10 25.95
C ASN C 142 -43.84 20.28 24.49
N GLY C 143 -44.76 19.43 23.98
CA GLY C 143 -45.19 19.50 22.60
C GLY C 143 -44.47 18.50 21.69
N SER C 144 -43.58 17.68 22.28
CA SER C 144 -42.76 16.78 21.51
C SER C 144 -43.56 15.53 21.20
N CYS C 145 -44.60 15.26 21.99
CA CYS C 145 -45.39 14.05 21.84
C CYS C 145 -45.85 13.90 20.40
N GLY C 146 -45.85 12.66 19.92
CA GLY C 146 -46.15 12.39 18.53
C GLY C 146 -44.89 12.30 17.67
N SER C 147 -43.78 12.89 18.14
CA SER C 147 -42.49 12.76 17.50
C SER C 147 -42.18 11.28 17.38
N VAL C 148 -41.48 10.89 16.30
CA VAL C 148 -41.27 9.48 16.01
C VAL C 148 -39.79 9.12 15.96
N GLY C 149 -39.53 7.85 16.26
CA GLY C 149 -38.27 7.20 16.01
C GLY C 149 -38.37 6.26 14.82
N PHE C 150 -37.28 6.14 14.06
CA PHE C 150 -37.30 5.39 12.82
C PHE C 150 -35.90 4.88 12.49
N ASN C 151 -35.86 3.84 11.64
CA ASN C 151 -34.65 3.45 10.92
C ASN C 151 -34.97 3.46 9.43
N ILE C 152 -33.91 3.50 8.60
CA ILE C 152 -34.07 3.45 7.17
C ILE C 152 -33.22 2.30 6.61
N ASP C 153 -33.88 1.42 5.83
CA ASP C 153 -33.23 0.31 5.14
C ASP C 153 -33.48 0.47 3.64
N TYR C 154 -32.43 0.88 2.92
CA TYR C 154 -32.49 1.19 1.49
C TYR C 154 -33.31 2.47 1.30
N ASP C 155 -34.63 2.33 1.08
CA ASP C 155 -35.53 3.45 0.85
C ASP C 155 -36.73 3.41 1.79
N CYS C 156 -36.75 2.41 2.68
CA CYS C 156 -37.93 2.07 3.47
C CYS C 156 -37.71 2.60 4.88
N VAL C 157 -38.64 3.44 5.33
CA VAL C 157 -38.63 3.95 6.68
C VAL C 157 -39.37 2.94 7.56
N SER C 158 -38.67 2.42 8.57
CA SER C 158 -39.25 1.61 9.63
C SER C 158 -39.52 2.49 10.84
N PHE C 159 -40.77 2.91 11.00
CA PHE C 159 -41.20 3.64 12.18
C PHE C 159 -41.32 2.67 13.35
N CYS C 160 -40.55 2.91 14.42
CA CYS C 160 -40.60 2.03 15.56
C CYS C 160 -41.03 2.73 16.86
N TYR C 161 -41.01 4.07 16.92
CA TYR C 161 -41.29 4.75 18.17
C TYR C 161 -42.18 5.97 17.92
N MET C 162 -43.17 6.18 18.79
CA MET C 162 -43.88 7.45 18.86
C MET C 162 -43.88 7.91 20.32
N HIS C 163 -43.45 9.16 20.53
CA HIS C 163 -43.26 9.68 21.88
C HIS C 163 -44.60 10.02 22.53
N HIS C 164 -44.79 9.61 23.78
CA HIS C 164 -46.03 9.84 24.50
C HIS C 164 -45.83 10.68 25.76
N MET C 165 -44.79 10.41 26.54
CA MET C 165 -44.64 11.06 27.82
C MET C 165 -43.21 11.07 28.33
N GLU C 166 -42.97 11.96 29.27
CA GLU C 166 -41.74 12.03 30.03
C GLU C 166 -42.04 11.64 31.46
N LEU C 167 -41.22 10.75 32.01
CA LEU C 167 -41.34 10.33 33.38
C LEU C 167 -40.68 11.37 34.27
N PRO C 168 -40.91 11.31 35.60
CA PRO C 168 -40.29 12.24 36.55
C PRO C 168 -38.76 12.24 36.54
N THR C 169 -38.16 11.09 36.23
CA THR C 169 -36.70 10.98 36.12
C THR C 169 -36.14 11.67 34.89
N GLY C 170 -36.98 12.12 33.96
CA GLY C 170 -36.55 12.90 32.81
C GLY C 170 -36.29 12.03 31.57
N VAL C 171 -36.58 10.72 31.67
CA VAL C 171 -36.50 9.82 30.54
C VAL C 171 -37.89 9.66 29.95
N HIS C 172 -37.97 9.09 28.74
CA HIS C 172 -39.15 9.18 27.90
C HIS C 172 -39.71 7.80 27.62
N ALA C 173 -41.00 7.76 27.31
CA ALA C 173 -41.69 6.52 27.05
C ALA C 173 -42.68 6.72 25.92
N GLY C 174 -42.98 5.64 25.20
CA GLY C 174 -43.86 5.73 24.06
C GLY C 174 -44.30 4.36 23.55
N THR C 175 -44.87 4.39 22.33
CA THR C 175 -45.48 3.25 21.70
C THR C 175 -44.79 2.96 20.37
N ASP C 176 -45.03 1.74 19.86
CA ASP C 176 -44.87 1.43 18.46
C ASP C 176 -45.98 2.18 17.72
N LEU C 177 -46.01 2.09 16.40
CA LEU C 177 -47.02 2.83 15.64
C LEU C 177 -48.31 2.04 15.57
N GLU C 178 -48.38 0.86 16.22
CA GLU C 178 -49.68 0.24 16.46
C GLU C 178 -50.26 0.65 17.83
N GLY C 179 -49.54 1.48 18.60
CA GLY C 179 -50.15 2.07 19.79
C GLY C 179 -49.85 1.32 21.09
N ASN C 180 -48.97 0.33 21.04
CA ASN C 180 -48.66 -0.45 22.22
C ASN C 180 -47.40 0.13 22.83
N PHE C 181 -47.52 0.56 24.09
CA PHE C 181 -46.39 1.06 24.84
C PHE C 181 -45.27 0.03 24.81
N TYR C 182 -44.03 0.56 24.70
CA TYR C 182 -42.86 -0.17 25.14
C TYR C 182 -42.83 -0.09 26.65
N GLY C 183 -42.84 -1.25 27.32
CA GLY C 183 -42.61 -1.31 28.74
C GLY C 183 -43.92 -1.25 29.52
N PRO C 184 -43.86 -1.17 30.87
CA PRO C 184 -45.05 -1.26 31.71
C PRO C 184 -45.75 0.08 31.89
N PHE C 185 -45.82 0.87 30.82
CA PHE C 185 -46.30 2.24 30.97
C PHE C 185 -47.72 2.36 30.41
N VAL C 186 -48.44 3.37 30.91
CA VAL C 186 -49.79 3.68 30.47
C VAL C 186 -49.89 5.19 30.26
N ASP C 187 -50.75 5.58 29.31
CA ASP C 187 -50.97 6.99 29.02
C ASP C 187 -51.96 7.56 30.03
N ARG C 188 -51.51 7.62 31.29
CA ARG C 188 -52.31 8.05 32.42
C ARG C 188 -51.38 8.81 33.34
N GLN C 189 -51.85 9.91 33.94
CA GLN C 189 -51.03 10.66 34.87
C GLN C 189 -51.15 10.01 36.23
N THR C 190 -50.46 8.89 36.38
CA THR C 190 -50.37 8.12 37.60
C THR C 190 -48.91 7.68 37.72
N ALA C 191 -48.40 7.61 38.96
CA ALA C 191 -46.99 7.34 39.20
C ALA C 191 -46.62 6.01 38.56
N GLN C 192 -45.50 6.04 37.80
CA GLN C 192 -45.00 4.88 37.08
C GLN C 192 -43.49 4.82 37.20
N ALA C 193 -43.01 3.74 37.83
CA ALA C 193 -41.59 3.52 37.96
C ALA C 193 -41.08 2.83 36.69
N ALA C 194 -40.09 3.44 36.05
CA ALA C 194 -39.23 2.69 35.15
C ALA C 194 -38.58 1.56 35.94
N GLY C 195 -38.68 0.32 35.44
CA GLY C 195 -37.84 -0.75 35.94
C GLY C 195 -36.36 -0.34 35.98
N THR C 196 -35.54 -1.15 36.66
CA THR C 196 -34.13 -0.78 36.81
C THR C 196 -33.45 -0.94 35.46
N ASP C 197 -32.68 0.08 35.07
CA ASP C 197 -32.04 0.09 33.77
C ASP C 197 -30.74 -0.71 33.88
N THR C 198 -30.46 -1.49 32.84
CA THR C 198 -29.20 -2.20 32.73
C THR C 198 -28.46 -1.66 31.52
N THR C 199 -27.20 -2.05 31.37
CA THR C 199 -26.36 -1.62 30.26
C THR C 199 -26.39 -2.67 29.17
N ILE C 200 -26.49 -2.21 27.91
CA ILE C 200 -26.65 -3.09 26.76
C ILE C 200 -25.28 -3.62 26.35
N THR C 201 -24.93 -4.81 26.86
CA THR C 201 -23.57 -5.32 26.82
C THR C 201 -23.06 -5.41 25.39
N VAL C 202 -23.90 -6.01 24.53
CA VAL C 202 -23.53 -6.28 23.15
C VAL C 202 -23.18 -4.97 22.44
N ASN C 203 -23.81 -3.87 22.85
CA ASN C 203 -23.56 -2.58 22.24
C ASN C 203 -22.22 -2.01 22.72
N VAL C 204 -21.91 -2.16 24.01
CA VAL C 204 -20.65 -1.69 24.57
C VAL C 204 -19.50 -2.38 23.86
N LEU C 205 -19.67 -3.69 23.65
CA LEU C 205 -18.68 -4.46 22.92
C LEU C 205 -18.53 -3.89 21.52
N ALA C 206 -19.65 -3.66 20.84
CA ALA C 206 -19.64 -3.16 19.47
C ALA C 206 -18.89 -1.84 19.39
N TRP C 207 -19.09 -1.01 20.41
CA TRP C 207 -18.50 0.31 20.47
C TRP C 207 -17.01 0.22 20.74
N LEU C 208 -16.59 -0.82 21.50
CA LEU C 208 -15.17 -1.05 21.73
C LEU C 208 -14.51 -1.49 20.44
N TYR C 209 -15.18 -2.34 19.67
CA TYR C 209 -14.74 -2.68 18.34
C TYR C 209 -14.59 -1.41 17.51
N ALA C 210 -15.57 -0.49 17.61
CA ALA C 210 -15.49 0.77 16.90
C ALA C 210 -14.21 1.51 17.30
N ALA C 211 -13.85 1.45 18.57
CA ALA C 211 -12.69 2.14 19.09
C ALA C 211 -11.42 1.54 18.49
N VAL C 212 -11.42 0.22 18.35
CA VAL C 212 -10.29 -0.47 17.77
C VAL C 212 -10.14 -0.04 16.30
N ILE C 213 -11.25 0.04 15.56
CA ILE C 213 -11.20 0.43 14.16
C ILE C 213 -10.67 1.86 14.04
N ASN C 214 -10.96 2.71 15.03
CA ASN C 214 -10.49 4.07 15.06
C ASN C 214 -9.14 4.19 15.77
N GLY C 215 -8.41 3.09 15.95
CA GLY C 215 -7.04 3.18 16.41
C GLY C 215 -6.82 2.91 17.91
N ASP C 216 -7.79 3.30 18.76
CA ASP C 216 -7.68 3.09 20.21
C ASP C 216 -7.50 1.61 20.53
N ARG C 217 -6.36 1.25 21.13
CA ARG C 217 -6.05 -0.14 21.43
C ARG C 217 -5.59 -0.31 22.88
N TRP C 218 -5.69 0.74 23.70
CA TRP C 218 -5.07 0.67 25.02
C TRP C 218 -5.82 -0.30 25.92
N PHE C 219 -7.13 -0.42 25.75
CA PHE C 219 -8.00 -1.21 26.64
C PHE C 219 -7.91 -2.70 26.31
N LEU C 220 -7.29 -3.03 25.16
CA LEU C 220 -7.00 -4.43 24.86
C LEU C 220 -5.99 -4.92 25.89
N ASN C 221 -6.29 -6.05 26.53
CA ASN C 221 -5.49 -6.55 27.64
C ASN C 221 -5.10 -8.00 27.32
N ARG C 222 -4.15 -8.53 28.11
CA ARG C 222 -3.57 -9.84 27.89
C ARG C 222 -4.45 -10.96 28.46
N PHE C 223 -5.60 -10.61 29.05
CA PHE C 223 -6.49 -11.60 29.65
C PHE C 223 -7.42 -12.19 28.60
N THR C 224 -7.99 -13.36 28.90
CA THR C 224 -9.08 -13.91 28.10
C THR C 224 -10.16 -14.41 29.07
N THR C 225 -11.33 -14.80 28.53
CA THR C 225 -12.41 -15.27 29.39
C THR C 225 -13.36 -16.23 28.67
N THR C 226 -14.14 -16.99 29.44
CA THR C 226 -15.26 -17.75 28.90
C THR C 226 -16.48 -16.85 28.95
N LEU C 227 -17.50 -17.18 28.14
CA LEU C 227 -18.71 -16.40 28.07
C LEU C 227 -19.38 -16.34 29.46
N ASN C 228 -19.38 -17.50 30.14
CA ASN C 228 -20.09 -17.64 31.39
C ASN C 228 -19.39 -16.85 32.49
N ASP C 229 -18.05 -16.91 32.53
CA ASP C 229 -17.29 -16.17 33.53
C ASP C 229 -17.47 -14.67 33.30
N PHE C 230 -17.66 -14.27 32.04
CA PHE C 230 -17.89 -12.87 31.71
C PHE C 230 -19.24 -12.43 32.27
N ASN C 231 -20.28 -13.22 31.99
CA ASN C 231 -21.64 -12.90 32.37
C ASN C 231 -21.79 -12.81 33.89
N LEU C 232 -20.94 -13.53 34.62
CA LEU C 232 -20.93 -13.45 36.07
C LEU C 232 -20.47 -12.07 36.50
N VAL C 233 -19.44 -11.52 35.84
CA VAL C 233 -18.91 -10.22 36.18
C VAL C 233 -19.88 -9.12 35.72
N ALA C 234 -20.38 -9.27 34.49
CA ALA C 234 -21.38 -8.38 33.93
C ALA C 234 -22.54 -8.18 34.89
N MET C 235 -23.17 -9.29 35.33
CA MET C 235 -24.30 -9.24 36.25
C MET C 235 -24.02 -8.25 37.38
N LYS C 236 -22.82 -8.28 37.94
CA LYS C 236 -22.48 -7.52 39.13
C LYS C 236 -22.51 -6.03 38.85
N TYR C 237 -22.29 -5.64 37.57
CA TYR C 237 -22.21 -4.23 37.18
C TYR C 237 -23.46 -3.78 36.41
N ASN C 238 -24.51 -4.60 36.46
CA ASN C 238 -25.83 -4.25 35.93
C ASN C 238 -25.76 -4.20 34.41
N TYR C 239 -25.06 -5.19 33.85
CA TYR C 239 -24.94 -5.37 32.42
C TYR C 239 -25.89 -6.50 32.01
N GLU C 240 -26.50 -6.35 30.83
CA GLU C 240 -27.33 -7.38 30.24
C GLU C 240 -26.46 -8.60 29.99
N PRO C 241 -26.97 -9.83 30.24
CA PRO C 241 -26.22 -11.04 29.88
C PRO C 241 -25.81 -11.01 28.41
N LEU C 242 -24.66 -11.61 28.12
CA LEU C 242 -24.24 -11.78 26.74
C LEU C 242 -24.63 -13.19 26.30
N THR C 243 -25.44 -13.27 25.24
CA THR C 243 -25.91 -14.54 24.70
C THR C 243 -24.96 -15.01 23.61
N GLN C 244 -25.18 -16.23 23.12
CA GLN C 244 -24.46 -16.73 21.96
C GLN C 244 -24.89 -15.94 20.72
N ASP C 245 -26.19 -15.58 20.66
CA ASP C 245 -26.72 -14.81 19.54
C ASP C 245 -25.94 -13.49 19.47
N HIS C 246 -25.66 -12.90 20.64
CA HIS C 246 -24.92 -11.65 20.69
C HIS C 246 -23.50 -11.84 20.17
N VAL C 247 -22.86 -12.96 20.52
CA VAL C 247 -21.51 -13.25 20.05
C VAL C 247 -21.53 -13.39 18.54
N ASP C 248 -22.59 -14.01 18.01
CA ASP C 248 -22.72 -14.26 16.58
C ASP C 248 -22.91 -12.95 15.83
N ILE C 249 -23.70 -12.02 16.39
CA ILE C 249 -23.96 -10.73 15.76
C ILE C 249 -22.68 -9.88 15.74
N LEU C 250 -21.79 -10.09 16.71
CA LEU C 250 -20.55 -9.35 16.79
C LEU C 250 -19.52 -9.92 15.83
N GLY C 251 -19.87 -11.04 15.18
CA GLY C 251 -18.98 -11.75 14.27
C GLY C 251 -18.32 -10.84 13.24
N PRO C 252 -19.09 -10.17 12.35
CA PRO C 252 -18.51 -9.19 11.43
C PRO C 252 -17.41 -8.30 12.00
N LEU C 253 -17.66 -7.70 13.16
CA LEU C 253 -16.70 -6.76 13.75
C LEU C 253 -15.47 -7.51 14.26
N SER C 254 -15.66 -8.74 14.77
CA SER C 254 -14.58 -9.59 15.24
C SER C 254 -13.66 -9.97 14.08
N ALA C 255 -14.28 -10.22 12.91
CA ALA C 255 -13.55 -10.54 11.70
C ALA C 255 -12.85 -9.29 11.17
N GLN C 256 -13.54 -8.15 11.19
CA GLN C 256 -12.97 -6.92 10.65
C GLN C 256 -11.72 -6.55 11.45
N THR C 257 -11.79 -6.67 12.78
CA THR C 257 -10.71 -6.22 13.64
C THR C 257 -9.69 -7.32 13.86
N GLY C 258 -10.16 -8.57 13.79
CA GLY C 258 -9.35 -9.73 14.09
C GLY C 258 -9.35 -10.10 15.58
N ILE C 259 -10.03 -9.30 16.40
CA ILE C 259 -10.13 -9.54 17.83
C ILE C 259 -11.40 -10.35 18.09
N ALA C 260 -11.26 -11.44 18.83
CA ALA C 260 -12.35 -12.35 19.09
C ALA C 260 -13.24 -11.73 20.16
N VAL C 261 -14.50 -12.15 20.19
CA VAL C 261 -15.50 -11.51 21.03
C VAL C 261 -15.17 -11.76 22.50
N LEU C 262 -14.74 -12.99 22.81
CA LEU C 262 -14.41 -13.36 24.19
C LEU C 262 -13.18 -12.60 24.65
N ASP C 263 -12.31 -12.26 23.70
CA ASP C 263 -11.12 -11.48 23.97
C ASP C 263 -11.54 -10.05 24.30
N MET C 264 -12.45 -9.52 23.47
CA MET C 264 -13.00 -8.20 23.71
C MET C 264 -13.74 -8.14 25.05
N CYS C 265 -14.43 -9.25 25.39
CA CYS C 265 -15.16 -9.38 26.64
C CYS C 265 -14.23 -9.21 27.84
N ALA C 266 -13.07 -9.86 27.78
CA ALA C 266 -12.10 -9.80 28.86
C ALA C 266 -11.64 -8.36 29.03
N SER C 267 -11.47 -7.64 27.90
CA SER C 267 -11.12 -6.24 27.95
C SER C 267 -12.19 -5.41 28.66
N LEU C 268 -13.47 -5.77 28.45
CA LEU C 268 -14.57 -5.05 29.08
C LEU C 268 -14.62 -5.37 30.58
N LYS C 269 -14.47 -6.66 30.93
CA LYS C 269 -14.35 -7.11 32.31
C LYS C 269 -13.42 -6.20 33.13
N GLU C 270 -12.23 -5.94 32.59
CA GLU C 270 -11.22 -5.18 33.30
C GLU C 270 -11.65 -3.72 33.38
N LEU C 271 -12.26 -3.19 32.31
CA LEU C 271 -12.76 -1.83 32.32
C LEU C 271 -13.81 -1.65 33.41
N LEU C 272 -14.61 -2.71 33.63
CA LEU C 272 -15.69 -2.67 34.61
C LEU C 272 -15.10 -2.74 36.03
N GLN C 273 -14.05 -3.55 36.21
CA GLN C 273 -13.48 -3.81 37.51
C GLN C 273 -12.61 -2.64 37.96
N ASN C 274 -11.70 -2.21 37.09
CA ASN C 274 -10.66 -1.26 37.46
C ASN C 274 -11.07 0.16 37.11
N GLY C 275 -11.92 0.33 36.10
CA GLY C 275 -12.31 1.66 35.62
C GLY C 275 -11.44 2.10 34.44
N MET C 276 -11.28 3.41 34.23
CA MET C 276 -10.64 3.90 33.02
C MET C 276 -9.28 4.58 33.30
N ASN C 277 -9.02 4.92 34.57
CA ASN C 277 -7.77 5.54 34.98
C ASN C 277 -7.60 6.89 34.27
N GLY C 278 -8.69 7.66 34.20
CA GLY C 278 -8.71 8.95 33.54
C GLY C 278 -8.46 8.90 32.03
N ARG C 279 -8.49 7.71 31.42
CA ARG C 279 -8.33 7.59 29.97
C ARG C 279 -9.69 7.60 29.31
N THR C 280 -9.73 7.76 27.99
CA THR C 280 -10.95 7.90 27.23
C THR C 280 -10.95 6.95 26.03
N ILE C 281 -12.13 6.46 25.67
CA ILE C 281 -12.34 5.67 24.47
C ILE C 281 -13.28 6.47 23.56
N LEU C 282 -12.83 6.72 22.32
CA LEU C 282 -13.58 7.53 21.36
C LEU C 282 -14.14 8.79 22.04
N GLY C 283 -13.27 9.49 22.78
CA GLY C 283 -13.60 10.79 23.34
C GLY C 283 -14.46 10.72 24.60
N SER C 284 -14.85 9.50 25.02
CA SER C 284 -15.80 9.31 26.10
C SER C 284 -15.08 8.73 27.31
N ALA C 285 -15.45 9.21 28.51
CA ALA C 285 -14.87 8.71 29.74
C ALA C 285 -15.77 7.63 30.35
N LEU C 286 -16.98 7.48 29.78
CA LEU C 286 -17.94 6.46 30.16
C LEU C 286 -18.02 5.44 29.05
N LEU C 287 -18.44 4.22 29.40
CA LEU C 287 -18.68 3.18 28.41
C LEU C 287 -20.02 3.48 27.74
N GLU C 288 -19.99 3.68 26.42
CA GLU C 288 -21.14 4.07 25.63
C GLU C 288 -21.86 2.81 25.15
N ASP C 289 -23.19 2.78 25.21
CA ASP C 289 -23.90 1.54 24.90
C ASP C 289 -25.08 1.79 23.97
N GLU C 290 -25.05 2.91 23.24
CA GLU C 290 -26.15 3.26 22.36
C GLU C 290 -25.71 3.18 20.90
N PHE C 291 -24.77 2.26 20.60
CA PHE C 291 -24.44 1.87 19.24
C PHE C 291 -24.57 0.36 19.12
N THR C 292 -25.40 -0.10 18.18
CA THR C 292 -25.51 -1.52 17.89
C THR C 292 -24.30 -1.98 17.10
N PRO C 293 -24.05 -3.30 17.00
CA PRO C 293 -23.03 -3.82 16.08
C PRO C 293 -23.27 -3.31 14.67
N PHE C 294 -24.52 -3.27 14.26
CA PHE C 294 -24.85 -2.84 12.91
C PHE C 294 -24.56 -1.36 12.74
N ASP C 295 -24.88 -0.55 13.74
CA ASP C 295 -24.60 0.88 13.69
C ASP C 295 -23.11 1.12 13.45
N VAL C 296 -22.25 0.30 14.08
CA VAL C 296 -20.82 0.47 13.98
C VAL C 296 -20.40 0.18 12.52
N VAL C 297 -20.84 -0.98 12.02
CA VAL C 297 -20.55 -1.40 10.67
C VAL C 297 -20.95 -0.29 9.71
N ARG C 298 -22.19 0.21 9.88
CA ARG C 298 -22.80 1.15 8.96
C ARG C 298 -21.96 2.43 8.92
N GLN C 299 -21.47 2.88 10.06
CA GLN C 299 -20.71 4.12 10.13
C GLN C 299 -19.27 3.89 9.67
N CYS C 300 -18.71 2.72 9.96
CA CYS C 300 -17.32 2.41 9.62
C CYS C 300 -17.16 1.81 8.22
N SER C 301 -18.26 1.45 7.55
CA SER C 301 -18.22 0.89 6.20
C SER C 301 -18.89 1.81 5.18
N GLY C 302 -19.76 2.71 5.63
CA GLY C 302 -20.23 3.84 4.82
C GLY C 302 -21.55 3.59 4.08
N VAL C 303 -22.45 2.81 4.70
CA VAL C 303 -23.73 2.41 4.11
C VAL C 303 -24.61 3.64 3.84
N THR C 304 -25.10 3.75 2.60
CA THR C 304 -25.90 4.87 2.12
C THR C 304 -27.38 4.47 2.00
N PHE C 305 -28.24 5.47 1.72
CA PHE C 305 -29.70 5.31 1.68
C PHE C 305 -30.28 6.04 0.46
N SER D 1 -35.85 16.15 30.78
CA SER D 1 -36.24 16.48 29.38
C SER D 1 -35.13 16.09 28.39
N GLY D 2 -33.89 16.13 28.88
CA GLY D 2 -32.78 15.47 28.21
C GLY D 2 -31.99 16.45 27.36
N PHE D 3 -30.79 16.02 26.95
CA PHE D 3 -29.95 16.87 26.15
C PHE D 3 -29.00 15.99 25.35
N ARG D 4 -29.04 16.15 24.03
CA ARG D 4 -28.41 15.25 23.07
C ARG D 4 -27.65 16.08 22.06
N LYS D 5 -26.62 15.46 21.48
CA LYS D 5 -25.99 15.94 20.25
C LYS D 5 -27.04 15.86 19.14
N MET D 6 -27.65 16.99 18.83
CA MET D 6 -28.87 17.00 18.04
C MET D 6 -28.60 17.77 16.76
N ALA D 7 -28.81 17.11 15.62
CA ALA D 7 -28.55 17.71 14.33
C ALA D 7 -29.84 18.33 13.77
N PHE D 8 -29.66 19.30 12.88
CA PHE D 8 -30.79 19.85 12.14
C PHE D 8 -31.42 18.73 11.33
N PRO D 9 -32.69 18.88 10.92
CA PRO D 9 -33.29 18.01 9.92
C PRO D 9 -32.50 18.14 8.62
N SER D 10 -32.27 17.00 7.94
CA SER D 10 -31.36 16.94 6.81
C SER D 10 -32.09 17.05 5.46
N GLY D 11 -33.43 17.00 5.49
CA GLY D 11 -34.27 16.95 4.30
C GLY D 11 -33.92 17.99 3.23
N LYS D 12 -33.77 19.24 3.63
CA LYS D 12 -33.47 20.31 2.70
C LYS D 12 -32.13 20.11 2.00
N VAL D 13 -31.16 19.45 2.66
CA VAL D 13 -29.83 19.25 2.12
C VAL D 13 -29.75 17.95 1.34
N GLU D 14 -30.53 16.93 1.76
CA GLU D 14 -30.57 15.64 1.08
C GLU D 14 -30.84 15.82 -0.42
N GLY D 15 -31.74 16.76 -0.76
CA GLY D 15 -32.13 16.96 -2.13
C GLY D 15 -31.07 17.62 -2.99
N CYS D 16 -29.98 18.10 -2.38
CA CYS D 16 -28.93 18.80 -3.11
C CYS D 16 -27.71 17.92 -3.38
N MET D 17 -27.68 16.70 -2.83
CA MET D 17 -26.48 15.89 -2.92
C MET D 17 -26.47 15.11 -4.24
N VAL D 18 -25.39 15.29 -5.02
CA VAL D 18 -25.16 14.57 -6.28
C VAL D 18 -23.80 13.87 -6.23
N GLN D 19 -23.59 12.96 -7.18
CA GLN D 19 -22.35 12.23 -7.36
C GLN D 19 -21.56 12.92 -8.47
N VAL D 20 -20.30 13.22 -8.22
CA VAL D 20 -19.47 13.83 -9.26
C VAL D 20 -18.26 12.93 -9.49
N THR D 21 -18.04 12.54 -10.74
CA THR D 21 -16.96 11.63 -11.08
C THR D 21 -16.06 12.32 -12.10
N CYS D 22 -14.75 12.11 -11.95
CA CYS D 22 -13.79 12.65 -12.88
C CYS D 22 -12.54 11.77 -12.79
N GLY D 23 -12.10 11.23 -13.93
CA GLY D 23 -10.97 10.33 -13.98
C GLY D 23 -11.16 9.08 -13.11
N THR D 24 -10.41 8.99 -11.99
CA THR D 24 -10.51 7.87 -11.08
C THR D 24 -11.16 8.26 -9.74
N THR D 25 -11.70 9.50 -9.64
CA THR D 25 -12.24 9.97 -8.38
C THR D 25 -13.76 10.11 -8.47
N THR D 26 -14.47 9.43 -7.56
CA THR D 26 -15.86 9.79 -7.26
C THR D 26 -15.96 10.44 -5.88
N LEU D 27 -16.60 11.60 -5.82
CA LEU D 27 -16.97 12.19 -4.55
C LEU D 27 -18.37 12.78 -4.68
N ASN D 28 -18.77 13.62 -3.72
CA ASN D 28 -20.08 14.23 -3.70
C ASN D 28 -19.98 15.69 -4.14
N GLY D 29 -21.09 16.21 -4.68
CA GLY D 29 -21.23 17.61 -5.02
C GLY D 29 -22.56 18.17 -4.54
N LEU D 30 -22.64 19.51 -4.45
CA LEU D 30 -23.78 20.21 -3.92
C LEU D 30 -24.49 20.97 -5.05
N TRP D 31 -25.70 20.51 -5.36
CA TRP D 31 -26.47 20.95 -6.52
C TRP D 31 -27.49 21.99 -6.09
N LEU D 32 -27.13 23.26 -6.37
CA LEU D 32 -27.96 24.39 -6.03
C LEU D 32 -28.22 25.20 -7.31
N ASP D 33 -29.49 25.37 -7.66
CA ASP D 33 -29.87 25.99 -8.93
C ASP D 33 -29.25 25.15 -10.05
N ASP D 34 -28.49 25.79 -10.95
CA ASP D 34 -27.91 25.09 -12.09
C ASP D 34 -26.40 24.90 -11.90
N VAL D 35 -25.95 24.89 -10.63
CA VAL D 35 -24.52 24.77 -10.32
C VAL D 35 -24.31 23.61 -9.37
N VAL D 36 -23.24 22.84 -9.63
CA VAL D 36 -22.81 21.82 -8.72
C VAL D 36 -21.45 22.25 -8.18
N TYR D 37 -21.36 22.30 -6.84
CA TYR D 37 -20.17 22.64 -6.09
C TYR D 37 -19.58 21.34 -5.55
N CYS D 38 -18.27 21.18 -5.73
CA CYS D 38 -17.57 20.02 -5.20
C CYS D 38 -16.13 20.42 -5.00
N PRO D 39 -15.34 19.63 -4.26
CA PRO D 39 -13.92 19.92 -4.04
C PRO D 39 -13.19 19.76 -5.37
N ARG D 40 -12.30 20.69 -5.66
CA ARG D 40 -11.66 20.73 -6.95
C ARG D 40 -10.62 19.63 -7.08
N HIS D 41 -10.26 18.96 -5.97
CA HIS D 41 -9.27 17.88 -6.06
C HIS D 41 -9.87 16.68 -6.79
N VAL D 42 -11.17 16.71 -7.12
CA VAL D 42 -11.80 15.71 -7.96
C VAL D 42 -11.13 15.64 -9.34
N ILE D 43 -10.51 16.74 -9.78
CA ILE D 43 -9.91 16.77 -11.11
C ILE D 43 -8.52 16.13 -11.12
N CYS D 44 -7.97 15.80 -9.94
CA CYS D 44 -6.61 15.30 -9.85
C CYS D 44 -6.57 13.77 -9.89
N THR D 45 -5.54 13.24 -10.56
CA THR D 45 -5.12 11.85 -10.39
C THR D 45 -4.25 11.72 -9.13
N SER D 46 -3.96 10.47 -8.72
CA SER D 46 -3.07 10.20 -7.60
C SER D 46 -1.80 11.02 -7.73
N GLU D 47 -1.25 11.09 -8.95
CA GLU D 47 0.04 11.73 -9.16
C GLU D 47 -0.09 13.25 -9.16
N ASP D 48 -1.21 13.77 -9.67
CA ASP D 48 -1.47 15.20 -9.67
C ASP D 48 -1.51 15.73 -8.23
N MET D 49 -1.99 14.88 -7.32
CA MET D 49 -2.28 15.27 -5.95
C MET D 49 -1.03 15.73 -5.22
N LEU D 50 0.15 15.22 -5.63
CA LEU D 50 1.40 15.49 -4.92
C LEU D 50 1.81 16.95 -5.10
N ASN D 51 1.55 17.51 -6.28
CA ASN D 51 1.87 18.89 -6.55
C ASN D 51 1.00 19.42 -7.69
N PRO D 52 -0.29 19.68 -7.42
CA PRO D 52 -1.24 20.09 -8.47
C PRO D 52 -1.13 21.56 -8.84
N ASN D 53 -1.10 21.82 -10.15
CA ASN D 53 -1.35 23.15 -10.68
C ASN D 53 -2.79 23.14 -11.20
N TYR D 54 -3.70 23.69 -10.39
CA TYR D 54 -5.13 23.49 -10.58
C TYR D 54 -5.62 24.29 -11.78
N GLU D 55 -5.05 25.48 -11.96
CA GLU D 55 -5.37 26.34 -13.10
C GLU D 55 -5.09 25.58 -14.39
N ASP D 56 -3.96 24.86 -14.44
CA ASP D 56 -3.55 24.16 -15.64
C ASP D 56 -4.31 22.85 -15.77
N LEU D 57 -4.56 22.15 -14.66
CA LEU D 57 -5.29 20.88 -14.74
C LEU D 57 -6.69 21.13 -15.26
N LEU D 58 -7.28 22.27 -14.89
CA LEU D 58 -8.66 22.55 -15.23
C LEU D 58 -8.77 22.98 -16.69
N ILE D 59 -7.81 23.81 -17.13
CA ILE D 59 -7.77 24.23 -18.53
C ILE D 59 -7.78 22.97 -19.41
N ARG D 60 -7.09 21.91 -19.00
CA ARG D 60 -7.00 20.69 -19.80
C ARG D 60 -8.20 19.77 -19.59
N LYS D 61 -9.18 20.17 -18.77
CA LYS D 61 -10.40 19.39 -18.60
C LYS D 61 -11.48 19.92 -19.55
N SER D 62 -12.40 19.02 -19.91
CA SER D 62 -13.58 19.43 -20.67
C SER D 62 -14.82 19.06 -19.87
N ASN D 63 -15.93 19.73 -20.19
CA ASN D 63 -17.20 19.50 -19.53
C ASN D 63 -17.50 17.99 -19.49
N HIS D 64 -17.11 17.27 -20.54
CA HIS D 64 -17.42 15.86 -20.74
C HIS D 64 -16.57 14.95 -19.85
N ASN D 65 -15.49 15.49 -19.27
CA ASN D 65 -14.66 14.77 -18.32
C ASN D 65 -15.38 14.56 -16.99
N PHE D 66 -16.48 15.31 -16.77
CA PHE D 66 -17.19 15.30 -15.50
C PHE D 66 -18.51 14.57 -15.66
N LEU D 67 -18.73 13.52 -14.86
CA LEU D 67 -19.99 12.81 -14.80
C LEU D 67 -20.67 13.16 -13.48
N VAL D 68 -21.84 13.81 -13.58
CA VAL D 68 -22.60 14.23 -12.43
C VAL D 68 -23.88 13.43 -12.47
N GLN D 69 -24.15 12.65 -11.42
CA GLN D 69 -25.39 11.91 -11.35
C GLN D 69 -26.18 12.42 -10.16
N ALA D 70 -27.44 12.76 -10.43
CA ALA D 70 -28.40 13.06 -9.38
C ALA D 70 -29.45 11.94 -9.36
N GLY D 71 -29.34 11.03 -8.42
CA GLY D 71 -30.20 9.86 -8.42
C GLY D 71 -29.89 8.99 -9.64
N ASN D 72 -30.92 8.65 -10.39
CA ASN D 72 -30.78 7.87 -11.62
C ASN D 72 -30.73 8.80 -12.82
N VAL D 73 -30.33 10.05 -12.60
CA VAL D 73 -30.44 11.11 -13.59
C VAL D 73 -29.05 11.69 -13.82
N GLN D 74 -28.54 11.54 -15.05
CA GLN D 74 -27.30 12.18 -15.43
C GLN D 74 -27.54 13.67 -15.67
N LEU D 75 -26.80 14.52 -14.95
CA LEU D 75 -26.71 15.94 -15.25
C LEU D 75 -25.59 16.17 -16.24
N ARG D 76 -25.88 17.00 -17.26
CA ARG D 76 -24.93 17.29 -18.31
C ARG D 76 -24.21 18.55 -17.88
N VAL D 77 -22.88 18.48 -17.89
CA VAL D 77 -22.10 19.64 -17.47
C VAL D 77 -21.92 20.52 -18.70
N ILE D 78 -22.25 21.82 -18.56
CA ILE D 78 -22.24 22.71 -19.72
C ILE D 78 -21.22 23.84 -19.50
N GLY D 79 -20.46 23.74 -18.41
CA GLY D 79 -19.47 24.74 -18.08
C GLY D 79 -18.78 24.37 -16.77
N HIS D 80 -17.58 24.91 -16.58
CA HIS D 80 -16.81 24.61 -15.38
C HIS D 80 -15.89 25.79 -15.09
N SER D 81 -15.87 26.14 -13.81
CA SER D 81 -15.04 27.20 -13.27
C SER D 81 -14.55 26.77 -11.89
N MET D 82 -13.68 27.56 -11.29
CA MET D 82 -13.05 27.19 -10.04
C MET D 82 -13.08 28.41 -9.14
N GLN D 83 -13.58 28.26 -7.91
CA GLN D 83 -13.50 29.34 -6.95
C GLN D 83 -12.69 28.86 -5.76
N ASN D 84 -11.52 29.47 -5.57
CA ASN D 84 -10.55 29.00 -4.60
C ASN D 84 -10.44 27.48 -4.77
N CYS D 85 -10.86 26.70 -3.78
CA CYS D 85 -10.68 25.27 -3.80
C CYS D 85 -11.97 24.52 -4.12
N VAL D 86 -13.02 25.24 -4.55
CA VAL D 86 -14.25 24.59 -4.94
C VAL D 86 -14.39 24.64 -6.45
N LEU D 87 -14.84 23.52 -7.00
CA LEU D 87 -15.12 23.44 -8.41
C LEU D 87 -16.59 23.74 -8.61
N LYS D 88 -16.92 24.64 -9.55
CA LYS D 88 -18.30 24.95 -9.90
C LYS D 88 -18.60 24.41 -11.30
N LEU D 89 -19.44 23.38 -11.35
CA LEU D 89 -19.90 22.81 -12.60
C LEU D 89 -21.26 23.40 -12.92
N LYS D 90 -21.37 24.16 -14.00
CA LYS D 90 -22.65 24.62 -14.50
C LYS D 90 -23.34 23.45 -15.20
N VAL D 91 -24.58 23.17 -14.84
CA VAL D 91 -25.30 22.03 -15.42
C VAL D 91 -26.57 22.54 -16.14
N ASP D 92 -27.17 21.64 -16.93
CA ASP D 92 -28.27 21.99 -17.83
C ASP D 92 -29.58 22.13 -17.06
N THR D 93 -29.59 21.76 -15.77
CA THR D 93 -30.82 21.60 -15.03
C THR D 93 -30.68 22.25 -13.66
N ALA D 94 -31.56 23.21 -13.37
CA ALA D 94 -31.67 23.75 -12.03
C ALA D 94 -32.30 22.66 -11.15
N ASN D 95 -31.70 22.46 -9.97
CA ASN D 95 -32.27 21.58 -8.98
C ASN D 95 -33.67 22.08 -8.61
N PRO D 96 -34.76 21.32 -8.86
CA PRO D 96 -36.09 21.76 -8.45
C PRO D 96 -36.26 21.79 -6.93
N LYS D 97 -35.33 21.16 -6.19
CA LYS D 97 -35.40 21.07 -4.74
C LYS D 97 -34.42 22.02 -4.07
N THR D 98 -33.85 22.97 -4.81
CA THR D 98 -32.99 23.99 -4.21
C THR D 98 -33.74 24.70 -3.09
N PRO D 99 -33.22 24.69 -1.85
CA PRO D 99 -33.83 25.43 -0.76
C PRO D 99 -33.35 26.88 -0.79
N LYS D 100 -33.95 27.69 0.08
CA LYS D 100 -33.36 28.99 0.39
C LYS D 100 -32.03 28.67 1.07
N TYR D 101 -30.94 29.32 0.64
CA TYR D 101 -29.63 29.07 1.24
C TYR D 101 -28.73 30.30 1.16
N LYS D 102 -27.78 30.35 2.07
CA LYS D 102 -26.66 31.28 2.03
C LYS D 102 -25.38 30.44 2.22
N PHE D 103 -24.26 31.03 1.80
CA PHE D 103 -22.97 30.44 2.04
C PHE D 103 -22.28 31.30 3.08
N VAL D 104 -21.97 30.69 4.23
CA VAL D 104 -21.50 31.41 5.41
C VAL D 104 -20.16 30.81 5.80
N ARG D 105 -19.21 31.67 6.20
CA ARG D 105 -17.99 31.23 6.84
C ARG D 105 -18.16 31.28 8.35
N ILE D 106 -18.14 30.12 9.01
CA ILE D 106 -18.29 30.05 10.46
C ILE D 106 -16.95 30.33 11.13
N GLN D 107 -17.00 30.50 12.46
CA GLN D 107 -15.80 30.73 13.25
C GLN D 107 -15.48 29.48 14.04
N PRO D 108 -14.23 29.29 14.51
CA PRO D 108 -13.91 28.19 15.43
C PRO D 108 -14.77 28.28 16.68
N GLY D 109 -15.31 27.15 17.10
CA GLY D 109 -16.21 27.06 18.23
C GLY D 109 -17.63 26.74 17.77
N GLN D 110 -17.99 27.33 16.62
CA GLN D 110 -19.34 27.24 16.11
C GLN D 110 -19.56 25.84 15.61
N THR D 111 -20.83 25.39 15.67
CA THR D 111 -21.18 24.03 15.34
C THR D 111 -22.05 24.01 14.08
N PHE D 112 -22.21 22.81 13.52
CA PHE D 112 -23.03 22.62 12.35
C PHE D 112 -23.36 21.14 12.23
N SER D 113 -24.37 20.85 11.39
CA SER D 113 -24.77 19.49 11.12
C SER D 113 -24.07 19.03 9.85
N VAL D 114 -23.60 17.78 9.84
CA VAL D 114 -22.93 17.22 8.69
C VAL D 114 -23.85 16.17 8.10
N LEU D 115 -24.03 16.24 6.78
CA LEU D 115 -24.74 15.19 6.07
C LEU D 115 -23.70 14.38 5.29
N ALA D 116 -23.25 13.27 5.91
CA ALA D 116 -22.19 12.48 5.34
C ALA D 116 -22.75 11.70 4.15
N CYS D 117 -22.14 11.90 2.98
CA CYS D 117 -22.62 11.27 1.77
C CYS D 117 -21.55 10.41 1.14
N TYR D 118 -22.00 9.38 0.42
CA TYR D 118 -21.15 8.62 -0.47
C TYR D 118 -21.91 8.46 -1.79
N ASN D 119 -21.25 8.78 -2.89
CA ASN D 119 -21.83 8.50 -4.20
C ASN D 119 -23.11 9.30 -4.38
N GLY D 120 -23.09 10.53 -3.83
CA GLY D 120 -24.18 11.48 -4.01
C GLY D 120 -25.41 11.14 -3.16
N SER D 121 -25.29 10.14 -2.29
CA SER D 121 -26.39 9.63 -1.49
C SER D 121 -26.09 9.78 0.01
N PRO D 122 -27.00 10.38 0.81
CA PRO D 122 -26.76 10.55 2.25
C PRO D 122 -26.73 9.24 3.02
N SER D 123 -25.73 9.14 3.91
CA SER D 123 -25.51 7.99 4.76
C SER D 123 -26.07 8.27 6.15
N GLY D 124 -25.82 9.48 6.65
CA GLY D 124 -26.29 9.85 7.96
C GLY D 124 -25.99 11.31 8.24
N VAL D 125 -26.47 11.77 9.41
CA VAL D 125 -26.35 13.15 9.82
C VAL D 125 -25.90 13.16 11.28
N TYR D 126 -24.99 14.09 11.58
CA TYR D 126 -24.44 14.20 12.93
C TYR D 126 -23.98 15.64 13.14
N GLN D 127 -23.77 15.99 14.41
CA GLN D 127 -23.45 17.34 14.82
C GLN D 127 -21.96 17.40 15.07
N CYS D 128 -21.37 18.53 14.65
CA CYS D 128 -19.94 18.74 14.65
C CYS D 128 -19.61 20.13 15.16
N ALA D 129 -18.36 20.31 15.60
CA ALA D 129 -17.86 21.62 15.92
C ALA D 129 -16.60 21.90 15.13
N MET D 130 -16.46 23.14 14.65
CA MET D 130 -15.21 23.65 14.13
C MET D 130 -14.27 23.83 15.33
N ARG D 131 -13.23 23.00 15.39
CA ARG D 131 -12.28 23.03 16.49
C ARG D 131 -11.46 24.32 16.43
N PRO D 132 -10.90 24.80 17.55
CA PRO D 132 -10.05 25.99 17.51
C PRO D 132 -8.89 25.90 16.53
N ASN D 133 -8.48 24.67 16.13
CA ASN D 133 -7.40 24.46 15.17
C ASN D 133 -7.93 24.26 13.74
N PHE D 134 -9.20 24.62 13.52
CA PHE D 134 -9.79 24.73 12.20
C PHE D 134 -10.03 23.36 11.57
N THR D 135 -9.89 22.30 12.37
CA THR D 135 -10.21 20.96 11.94
C THR D 135 -11.61 20.66 12.46
N ILE D 136 -12.19 19.54 12.01
CA ILE D 136 -13.43 19.07 12.59
C ILE D 136 -13.26 17.60 12.88
N LYS D 137 -13.81 17.13 14.00
CA LYS D 137 -13.71 15.73 14.34
C LYS D 137 -14.93 15.01 13.79
N GLY D 138 -14.92 14.80 12.47
CA GLY D 138 -16.04 14.20 11.76
C GLY D 138 -16.09 12.68 11.90
N SER D 139 -17.09 12.08 11.27
CA SER D 139 -17.10 10.66 10.95
C SER D 139 -17.29 10.55 9.45
N PHE D 140 -16.17 10.31 8.76
CA PHE D 140 -16.11 10.35 7.31
C PHE D 140 -15.28 9.18 6.81
N LEU D 141 -15.69 8.62 5.68
CA LEU D 141 -14.93 7.55 5.05
C LEU D 141 -14.40 8.07 3.71
N ASN D 142 -13.83 7.13 2.95
CA ASN D 142 -13.40 7.40 1.60
C ASN D 142 -14.66 7.61 0.76
N GLY D 143 -14.68 8.71 -0.01
CA GLY D 143 -15.84 9.06 -0.83
C GLY D 143 -16.74 10.10 -0.15
N SER D 144 -16.32 10.58 1.02
CA SER D 144 -17.15 11.49 1.80
C SER D 144 -16.95 12.90 1.29
N CYS D 145 -15.82 13.15 0.63
CA CYS D 145 -15.48 14.50 0.18
C CYS D 145 -16.65 15.09 -0.61
N GLY D 146 -16.88 16.38 -0.42
CA GLY D 146 -18.02 17.05 -1.00
C GLY D 146 -19.21 17.12 -0.05
N SER D 147 -19.24 16.22 0.96
CA SER D 147 -20.21 16.26 2.03
C SER D 147 -20.12 17.64 2.67
N VAL D 148 -21.27 18.14 3.15
CA VAL D 148 -21.35 19.51 3.64
C VAL D 148 -21.84 19.56 5.07
N GLY D 149 -21.43 20.64 5.72
CA GLY D 149 -21.98 21.06 6.99
C GLY D 149 -22.88 22.28 6.82
N PHE D 150 -23.93 22.36 7.63
CA PHE D 150 -24.93 23.40 7.47
C PHE D 150 -25.61 23.69 8.80
N ASN D 151 -26.20 24.90 8.87
CA ASN D 151 -27.18 25.23 9.89
C ASN D 151 -28.45 25.68 9.18
N ILE D 152 -29.57 25.66 9.91
CA ILE D 152 -30.85 26.10 9.38
C ILE D 152 -31.41 27.18 10.29
N ASP D 153 -31.78 28.32 9.68
CA ASP D 153 -32.49 29.41 10.36
C ASP D 153 -33.83 29.63 9.65
N TYR D 154 -34.91 29.19 10.30
CA TYR D 154 -36.27 29.26 9.78
C TYR D 154 -36.40 28.30 8.59
N ASP D 155 -36.14 28.80 7.37
CA ASP D 155 -36.26 28.04 6.13
C ASP D 155 -34.96 28.07 5.31
N CYS D 156 -33.95 28.79 5.82
CA CYS D 156 -32.74 29.09 5.10
C CYS D 156 -31.64 28.15 5.57
N VAL D 157 -31.06 27.41 4.63
CA VAL D 157 -29.87 26.61 4.90
C VAL D 157 -28.65 27.51 4.74
N SER D 158 -27.87 27.63 5.82
CA SER D 158 -26.54 28.22 5.78
C SER D 158 -25.50 27.12 5.63
N PHE D 159 -25.00 26.93 4.41
CA PHE D 159 -23.91 25.99 4.17
C PHE D 159 -22.62 26.63 4.64
N CYS D 160 -21.93 26.00 5.58
CA CYS D 160 -20.69 26.55 6.10
C CYS D 160 -19.48 25.64 5.91
N TYR D 161 -19.67 24.36 5.59
CA TYR D 161 -18.53 23.46 5.46
C TYR D 161 -18.71 22.55 4.26
N MET D 162 -17.61 22.33 3.51
CA MET D 162 -17.54 21.24 2.54
C MET D 162 -16.28 20.44 2.81
N HIS D 163 -16.44 19.13 2.94
CA HIS D 163 -15.35 18.25 3.33
C HIS D 163 -14.40 18.02 2.15
N HIS D 164 -13.10 18.11 2.43
CA HIS D 164 -12.08 17.99 1.38
C HIS D 164 -11.13 16.83 1.66
N MET D 165 -10.73 16.66 2.94
CA MET D 165 -9.69 15.68 3.22
C MET D 165 -9.71 15.29 4.68
N GLU D 166 -9.09 14.14 4.92
CA GLU D 166 -8.81 13.65 6.26
C GLU D 166 -7.30 13.73 6.46
N LEU D 167 -6.91 14.29 7.59
CA LEU D 167 -5.51 14.41 7.93
C LEU D 167 -5.04 13.08 8.52
N PRO D 168 -3.72 12.86 8.68
CA PRO D 168 -3.19 11.63 9.27
C PRO D 168 -3.69 11.32 10.67
N THR D 169 -3.97 12.37 11.46
CA THR D 169 -4.50 12.21 12.81
C THR D 169 -5.95 11.75 12.83
N GLY D 170 -6.63 11.73 11.68
CA GLY D 170 -7.98 11.17 11.60
C GLY D 170 -9.08 12.21 11.76
N VAL D 171 -8.65 13.48 11.84
CA VAL D 171 -9.55 14.62 11.87
C VAL D 171 -9.63 15.17 10.45
N HIS D 172 -10.62 16.03 10.21
CA HIS D 172 -11.02 16.38 8.86
C HIS D 172 -10.84 17.86 8.63
N ALA D 173 -10.70 18.21 7.37
CA ALA D 173 -10.45 19.58 6.98
C ALA D 173 -11.24 19.90 5.71
N GLY D 174 -11.61 21.16 5.55
CA GLY D 174 -12.41 21.55 4.41
C GLY D 174 -12.50 23.07 4.25
N THR D 175 -13.44 23.46 3.38
CA THR D 175 -13.65 24.82 2.97
C THR D 175 -15.05 25.30 3.34
N ASP D 176 -15.23 26.63 3.30
CA ASP D 176 -16.54 27.23 3.15
C ASP D 176 -17.01 26.93 1.74
N LEU D 177 -18.23 27.33 1.38
CA LEU D 177 -18.72 27.02 0.04
C LEU D 177 -18.25 28.06 -0.97
N GLU D 178 -17.44 29.04 -0.53
CA GLU D 178 -16.67 29.85 -1.46
C GLU D 178 -15.28 29.26 -1.74
N GLY D 179 -14.93 28.14 -1.12
CA GLY D 179 -13.75 27.40 -1.52
C GLY D 179 -12.51 27.71 -0.69
N ASN D 180 -12.65 28.49 0.37
CA ASN D 180 -11.49 28.86 1.17
C ASN D 180 -11.42 27.89 2.34
N PHE D 181 -10.31 27.19 2.45
CA PHE D 181 -10.05 26.31 3.57
C PHE D 181 -10.24 27.04 4.89
N TYR D 182 -10.83 26.33 5.85
CA TYR D 182 -10.69 26.68 7.25
C TYR D 182 -9.31 26.18 7.68
N GLY D 183 -8.48 27.10 8.16
CA GLY D 183 -7.22 26.75 8.76
C GLY D 183 -6.09 26.80 7.75
N PRO D 184 -4.87 26.38 8.14
CA PRO D 184 -3.70 26.54 7.28
C PRO D 184 -3.53 25.37 6.32
N PHE D 185 -4.63 24.90 5.75
CA PHE D 185 -4.58 23.69 4.95
C PHE D 185 -4.65 24.05 3.46
N VAL D 186 -4.13 23.14 2.62
CA VAL D 186 -4.20 23.23 1.17
C VAL D 186 -4.62 21.87 0.61
N ASP D 187 -5.32 21.88 -0.53
CA ASP D 187 -5.75 20.66 -1.19
C ASP D 187 -4.58 20.10 -2.00
N ARG D 188 -3.57 19.66 -1.27
CA ARG D 188 -2.35 19.09 -1.84
C ARG D 188 -1.94 17.95 -0.94
N GLN D 189 -1.46 16.84 -1.52
CA GLN D 189 -0.99 15.74 -0.70
C GLN D 189 0.43 16.00 -0.24
N THR D 190 0.54 16.90 0.74
CA THR D 190 1.80 17.31 1.34
C THR D 190 1.55 17.44 2.84
N ALA D 191 2.55 17.10 3.67
CA ALA D 191 2.41 17.12 5.11
C ALA D 191 2.02 18.52 5.58
N GLN D 192 1.00 18.59 6.43
CA GLN D 192 0.43 19.81 6.97
C GLN D 192 0.01 19.62 8.43
N ALA D 193 0.53 20.48 9.31
CA ALA D 193 0.29 20.30 10.74
C ALA D 193 -1.03 20.97 11.14
N ALA D 194 -1.95 20.20 11.71
CA ALA D 194 -3.02 20.82 12.49
C ALA D 194 -2.36 21.55 13.66
N GLY D 195 -2.72 22.82 13.88
CA GLY D 195 -2.40 23.45 15.16
C GLY D 195 -2.83 22.58 16.36
N THR D 196 -2.34 22.90 17.56
CA THR D 196 -2.74 22.13 18.72
C THR D 196 -4.17 22.53 19.08
N ASP D 197 -4.99 21.52 19.40
CA ASP D 197 -6.39 21.75 19.69
C ASP D 197 -6.57 22.20 21.14
N THR D 198 -7.48 23.15 21.37
CA THR D 198 -7.86 23.58 22.72
C THR D 198 -9.36 23.33 22.92
N THR D 199 -9.86 23.59 24.14
CA THR D 199 -11.27 23.39 24.46
C THR D 199 -12.03 24.71 24.31
N ILE D 200 -13.23 24.62 23.71
CA ILE D 200 -14.05 25.79 23.41
C ILE D 200 -14.80 26.21 24.66
N THR D 201 -14.21 27.18 25.38
CA THR D 201 -14.65 27.52 26.72
C THR D 201 -16.12 27.97 26.72
N VAL D 202 -16.43 28.86 25.79
CA VAL D 202 -17.75 29.48 25.70
C VAL D 202 -18.82 28.40 25.53
N ASN D 203 -18.46 27.29 24.88
CA ASN D 203 -19.39 26.21 24.64
C ASN D 203 -19.59 25.39 25.92
N VAL D 204 -18.52 25.16 26.66
CA VAL D 204 -18.60 24.41 27.92
C VAL D 204 -19.51 25.18 28.88
N LEU D 205 -19.36 26.50 28.91
CA LEU D 205 -20.22 27.34 29.71
C LEU D 205 -21.66 27.15 29.28
N ALA D 206 -21.89 27.22 27.95
CA ALA D 206 -23.24 27.11 27.40
C ALA D 206 -23.87 25.77 27.82
N TRP D 207 -23.06 24.74 27.84
CA TRP D 207 -23.48 23.40 28.15
C TRP D 207 -23.79 23.27 29.65
N LEU D 208 -23.08 24.03 30.47
CA LEU D 208 -23.38 24.07 31.89
C LEU D 208 -24.70 24.77 32.14
N TYR D 209 -24.94 25.86 31.41
CA TYR D 209 -26.26 26.50 31.38
C TYR D 209 -27.31 25.46 31.01
N ALA D 210 -27.02 24.64 30.00
CA ALA D 210 -27.94 23.61 29.59
C ALA D 210 -28.25 22.68 30.75
N ALA D 211 -27.22 22.35 31.55
CA ALA D 211 -27.37 21.45 32.67
C ALA D 211 -28.30 22.06 33.70
N VAL D 212 -28.15 23.36 33.91
CA VAL D 212 -28.98 24.06 34.88
C VAL D 212 -30.43 24.03 34.38
N ILE D 213 -30.68 24.26 33.09
CA ILE D 213 -32.03 24.25 32.55
C ILE D 213 -32.66 22.87 32.72
N ASN D 214 -31.82 21.83 32.64
CA ASN D 214 -32.28 20.46 32.83
C ASN D 214 -32.20 20.03 34.29
N GLY D 215 -32.09 20.96 35.23
CA GLY D 215 -32.25 20.63 36.64
C GLY D 215 -30.95 20.46 37.41
N ASP D 216 -29.89 19.94 36.77
CA ASP D 216 -28.59 19.72 37.41
C ASP D 216 -28.04 21.05 37.95
N ARG D 217 -27.90 21.18 39.29
CA ARG D 217 -27.50 22.45 39.90
C ARG D 217 -26.39 22.23 40.93
N TRP D 218 -25.81 21.03 40.99
CA TRP D 218 -24.89 20.72 42.05
C TRP D 218 -23.59 21.53 41.91
N PHE D 219 -23.18 21.78 40.66
CA PHE D 219 -21.89 22.40 40.37
C PHE D 219 -21.95 23.92 40.60
N LEU D 220 -23.15 24.46 40.78
CA LEU D 220 -23.29 25.86 41.14
C LEU D 220 -22.70 26.04 42.54
N ASN D 221 -21.87 27.07 42.66
CA ASN D 221 -21.07 27.30 43.85
C ASN D 221 -21.29 28.73 44.32
N ARG D 222 -20.90 29.00 45.56
CA ARG D 222 -21.07 30.30 46.18
C ARG D 222 -19.89 31.23 45.86
N PHE D 223 -18.91 30.75 45.10
CA PHE D 223 -17.77 31.56 44.69
C PHE D 223 -18.14 32.38 43.44
N THR D 224 -17.41 33.47 43.22
CA THR D 224 -17.51 34.25 41.99
C THR D 224 -16.10 34.57 41.52
N THR D 225 -15.97 35.15 40.32
CA THR D 225 -14.64 35.41 39.76
C THR D 225 -14.68 36.60 38.79
N THR D 226 -13.48 37.16 38.52
CA THR D 226 -13.33 38.10 37.42
C THR D 226 -13.00 37.30 36.17
N LEU D 227 -13.23 37.93 35.01
CA LEU D 227 -12.97 37.30 33.72
C LEU D 227 -11.50 36.88 33.63
N ASN D 228 -10.60 37.77 34.07
CA ASN D 228 -9.18 37.57 33.90
C ASN D 228 -8.71 36.45 34.82
N ASP D 229 -9.20 36.41 36.05
CA ASP D 229 -8.80 35.36 36.99
C ASP D 229 -9.29 34.00 36.48
N PHE D 230 -10.42 34.01 35.76
CA PHE D 230 -10.95 32.78 35.16
C PHE D 230 -10.01 32.30 34.05
N ASN D 231 -9.65 33.23 33.15
CA ASN D 231 -8.84 32.93 31.98
C ASN D 231 -7.45 32.43 32.39
N LEU D 232 -6.99 32.82 33.58
CA LEU D 232 -5.73 32.32 34.11
C LEU D 232 -5.85 30.84 34.39
N VAL D 233 -6.98 30.41 34.97
CA VAL D 233 -7.17 29.01 35.31
C VAL D 233 -7.44 28.20 34.03
N ALA D 234 -8.30 28.75 33.16
CA ALA D 234 -8.59 28.17 31.86
C ALA D 234 -7.31 27.81 31.11
N MET D 235 -6.42 28.79 30.92
CA MET D 235 -5.17 28.60 30.22
C MET D 235 -4.49 27.32 30.66
N LYS D 236 -4.48 27.05 31.97
CA LYS D 236 -3.73 25.94 32.53
C LYS D 236 -4.29 24.60 32.03
N TYR D 237 -5.58 24.57 31.68
CA TYR D 237 -6.24 23.33 31.27
C TYR D 237 -6.51 23.28 29.76
N ASN D 238 -5.88 24.20 29.02
CA ASN D 238 -5.88 24.17 27.56
C ASN D 238 -7.27 24.56 27.05
N TYR D 239 -7.82 25.58 27.72
CA TYR D 239 -9.10 26.16 27.36
C TYR D 239 -8.83 27.46 26.61
N GLU D 240 -9.68 27.72 25.60
CA GLU D 240 -9.65 28.96 24.87
C GLU D 240 -9.93 30.09 25.86
N PRO D 241 -9.22 31.25 25.76
CA PRO D 241 -9.57 32.40 26.58
C PRO D 241 -11.05 32.75 26.38
N LEU D 242 -11.66 33.26 27.44
CA LEU D 242 -13.01 33.79 27.35
C LEU D 242 -12.94 35.29 27.11
N THR D 243 -13.54 35.72 26.00
CA THR D 243 -13.56 37.11 25.59
C THR D 243 -14.79 37.78 26.17
N GLN D 244 -14.86 39.10 26.02
CA GLN D 244 -16.07 39.83 26.38
C GLN D 244 -17.17 39.48 25.39
N ASP D 245 -16.81 39.28 24.12
CA ASP D 245 -17.77 38.90 23.09
C ASP D 245 -18.44 37.59 23.52
N HIS D 246 -17.66 36.68 24.08
CA HIS D 246 -18.17 35.40 24.56
C HIS D 246 -19.18 35.61 25.68
N VAL D 247 -18.86 36.52 26.61
CA VAL D 247 -19.76 36.83 27.72
C VAL D 247 -21.07 37.41 27.18
N ASP D 248 -20.96 38.24 26.14
CA ASP D 248 -22.12 38.90 25.55
C ASP D 248 -23.01 37.87 24.85
N ILE D 249 -22.41 36.89 24.16
CA ILE D 249 -23.19 35.89 23.45
C ILE D 249 -23.88 34.95 24.43
N LEU D 250 -23.31 34.78 25.64
CA LEU D 250 -23.92 33.94 26.66
C LEU D 250 -25.05 34.68 27.36
N GLY D 251 -25.25 35.97 27.02
CA GLY D 251 -26.25 36.84 27.62
C GLY D 251 -27.62 36.19 27.68
N PRO D 252 -28.25 35.86 26.52
CA PRO D 252 -29.50 35.10 26.51
C PRO D 252 -29.63 34.00 27.55
N LEU D 253 -28.62 33.12 27.66
CA LEU D 253 -28.69 31.99 28.59
C LEU D 253 -28.61 32.49 30.03
N SER D 254 -27.82 33.54 30.27
CA SER D 254 -27.66 34.12 31.59
C SER D 254 -28.98 34.75 32.06
N ALA D 255 -29.70 35.37 31.12
CA ALA D 255 -31.00 35.95 31.38
C ALA D 255 -32.05 34.84 31.55
N GLN D 256 -32.00 33.80 30.72
CA GLN D 256 -32.96 32.72 30.79
C GLN D 256 -32.87 32.02 32.15
N THR D 257 -31.64 31.78 32.62
CA THR D 257 -31.43 31.00 33.83
C THR D 257 -31.41 31.91 35.04
N GLY D 258 -31.00 33.17 34.82
CA GLY D 258 -30.80 34.13 35.90
C GLY D 258 -29.39 34.07 36.49
N ILE D 259 -28.57 33.12 36.05
CA ILE D 259 -27.20 32.97 36.52
C ILE D 259 -26.26 33.74 35.61
N ALA D 260 -25.43 34.60 36.20
CA ALA D 260 -24.56 35.48 35.44
C ALA D 260 -23.38 34.66 34.94
N VAL D 261 -22.75 35.15 33.87
CA VAL D 261 -21.74 34.39 33.16
C VAL D 261 -20.51 34.19 34.05
N LEU D 262 -20.12 35.24 34.77
CA LEU D 262 -18.94 35.19 35.63
C LEU D 262 -19.21 34.25 36.80
N ASP D 263 -20.49 34.13 37.19
CA ASP D 263 -20.92 33.22 38.24
C ASP D 263 -20.76 31.79 37.71
N MET D 264 -21.24 31.59 36.49
CA MET D 264 -21.11 30.28 35.83
C MET D 264 -19.63 29.94 35.66
N CYS D 265 -18.81 30.95 35.35
CA CYS D 265 -17.37 30.78 35.17
C CYS D 265 -16.70 30.22 36.43
N ALA D 266 -17.09 30.76 37.59
CA ALA D 266 -16.53 30.32 38.86
C ALA D 266 -16.87 28.86 39.06
N SER D 267 -18.10 28.48 38.66
CA SER D 267 -18.52 27.08 38.76
C SER D 267 -17.65 26.19 37.87
N LEU D 268 -17.26 26.70 36.70
CA LEU D 268 -16.43 25.94 35.77
C LEU D 268 -15.00 25.82 36.31
N LYS D 269 -14.46 26.93 36.83
CA LYS D 269 -13.16 26.95 37.51
C LYS D 269 -13.00 25.75 38.46
N GLU D 270 -14.01 25.55 39.31
CA GLU D 270 -13.97 24.51 40.32
C GLU D 270 -14.04 23.13 39.65
N LEU D 271 -14.89 23.01 38.62
CA LEU D 271 -15.00 21.76 37.90
C LEU D 271 -13.65 21.39 37.26
N LEU D 272 -12.91 22.40 36.81
CA LEU D 272 -11.63 22.19 36.15
C LEU D 272 -10.58 21.77 37.16
N GLN D 273 -10.64 22.38 38.36
CA GLN D 273 -9.61 22.17 39.36
C GLN D 273 -9.82 20.84 40.07
N ASN D 274 -11.05 20.61 40.52
CA ASN D 274 -11.33 19.51 41.44
C ASN D 274 -11.82 18.28 40.65
N GLY D 275 -12.44 18.51 39.47
CA GLY D 275 -12.96 17.42 38.66
C GLY D 275 -14.45 17.21 38.95
N MET D 276 -14.92 15.97 38.79
CA MET D 276 -16.35 15.72 38.90
C MET D 276 -16.71 14.86 40.11
N ASN D 277 -15.71 14.18 40.71
CA ASN D 277 -15.90 13.41 41.93
C ASN D 277 -16.90 12.28 41.67
N GLY D 278 -16.77 11.63 40.51
CA GLY D 278 -17.66 10.54 40.10
C GLY D 278 -19.11 10.98 39.88
N ARG D 279 -19.36 12.28 39.78
CA ARG D 279 -20.65 12.81 39.33
C ARG D 279 -20.62 12.94 37.81
N THR D 280 -21.81 13.16 37.23
CA THR D 280 -21.97 13.40 35.81
C THR D 280 -22.82 14.66 35.61
N ILE D 281 -22.54 15.37 34.51
CA ILE D 281 -23.39 16.46 34.06
C ILE D 281 -23.99 16.04 32.73
N LEU D 282 -25.33 16.08 32.65
CA LEU D 282 -26.07 15.67 31.47
C LEU D 282 -25.50 14.37 30.90
N GLY D 283 -25.31 13.38 31.77
CA GLY D 283 -24.94 12.03 31.38
C GLY D 283 -23.45 11.88 31.05
N SER D 284 -22.68 12.97 31.11
CA SER D 284 -21.31 12.98 30.66
C SER D 284 -20.38 13.12 31.88
N ALA D 285 -19.26 12.40 31.84
CA ALA D 285 -18.25 12.45 32.89
C ALA D 285 -17.17 13.47 32.52
N LEU D 286 -17.17 13.91 31.24
CA LEU D 286 -16.25 14.90 30.74
C LEU D 286 -17.02 16.18 30.45
N LEU D 287 -16.31 17.31 30.45
CA LEU D 287 -16.93 18.58 30.10
C LEU D 287 -17.05 18.67 28.59
N GLU D 288 -18.29 18.82 28.11
CA GLU D 288 -18.62 18.75 26.70
C GLU D 288 -18.51 20.14 26.09
N ASP D 289 -17.91 20.28 24.89
CA ASP D 289 -17.65 21.59 24.35
C ASP D 289 -18.10 21.74 22.90
N GLU D 290 -19.02 20.85 22.46
CA GLU D 290 -19.50 20.91 21.09
C GLU D 290 -20.95 21.37 21.03
N PHE D 291 -21.37 22.22 21.97
CA PHE D 291 -22.67 22.87 21.94
C PHE D 291 -22.47 24.37 22.10
N THR D 292 -22.94 25.14 21.12
CA THR D 292 -22.88 26.59 21.20
C THR D 292 -23.98 27.10 22.12
N PRO D 293 -23.91 28.37 22.56
CA PRO D 293 -25.03 28.99 23.26
C PRO D 293 -26.33 28.84 22.50
N PHE D 294 -26.27 29.03 21.18
CA PHE D 294 -27.47 28.97 20.37
C PHE D 294 -28.01 27.54 20.35
N ASP D 295 -27.11 26.56 20.24
CA ASP D 295 -27.53 25.16 20.22
C ASP D 295 -28.32 24.81 21.46
N VAL D 296 -27.89 25.37 22.60
CA VAL D 296 -28.53 25.08 23.88
C VAL D 296 -29.94 25.68 23.84
N VAL D 297 -30.03 26.97 23.48
CA VAL D 297 -31.32 27.64 23.40
C VAL D 297 -32.26 26.82 22.52
N ARG D 298 -31.78 26.43 21.34
CA ARG D 298 -32.61 25.77 20.35
C ARG D 298 -33.16 24.45 20.89
N GLN D 299 -32.32 23.70 21.62
CA GLN D 299 -32.74 22.41 22.14
C GLN D 299 -33.59 22.58 23.41
N CYS D 300 -33.29 23.60 24.20
CA CYS D 300 -33.97 23.83 25.47
C CYS D 300 -35.21 24.72 25.34
N SER D 301 -35.43 25.31 24.16
CA SER D 301 -36.59 26.18 23.92
C SER D 301 -37.51 25.56 22.88
N GLY D 302 -36.98 24.68 22.00
CA GLY D 302 -37.79 23.88 21.09
C GLY D 302 -38.01 24.52 19.72
N VAL D 303 -37.00 25.27 19.24
CA VAL D 303 -37.05 25.98 17.97
C VAL D 303 -37.18 24.98 16.82
N THR D 304 -38.19 25.19 15.94
CA THR D 304 -38.52 24.31 14.83
C THR D 304 -38.08 24.95 13.52
N PHE D 305 -38.18 24.18 12.42
CA PHE D 305 -37.58 24.55 11.14
C PHE D 305 -38.53 24.17 9.99
N GLN D 306 -38.82 25.18 9.15
CA GLN D 306 -39.86 25.08 8.14
C GLN D 306 -39.26 25.33 6.75
N SER E 1 13.53 -5.84 -48.98
CA SER E 1 14.25 -6.84 -48.15
C SER E 1 14.05 -6.60 -46.65
N GLY E 2 14.67 -7.53 -45.90
CA GLY E 2 14.76 -7.45 -44.46
C GLY E 2 13.62 -8.22 -43.79
N PHE E 3 13.71 -8.38 -42.48
CA PHE E 3 12.69 -9.13 -41.79
C PHE E 3 12.73 -8.74 -40.31
N ARG E 4 11.60 -8.25 -39.81
CA ARG E 4 11.48 -7.64 -38.48
C ARG E 4 10.29 -8.25 -37.75
N LYS E 5 10.37 -8.22 -36.42
CA LYS E 5 9.19 -8.42 -35.58
C LYS E 5 8.26 -7.24 -35.83
N MET E 6 7.22 -7.48 -36.63
CA MET E 6 6.41 -6.41 -37.16
C MET E 6 5.00 -6.52 -36.61
N ALA E 7 4.53 -5.44 -35.97
CA ALA E 7 3.21 -5.45 -35.36
C ALA E 7 2.17 -4.88 -36.32
N PHE E 8 0.91 -5.29 -36.13
CA PHE E 8 -0.18 -4.71 -36.87
C PHE E 8 -0.25 -3.24 -36.55
N PRO E 9 -0.87 -2.41 -37.42
CA PRO E 9 -1.17 -1.02 -37.08
C PRO E 9 -2.15 -1.02 -35.91
N SER E 10 -1.93 -0.08 -34.97
CA SER E 10 -2.62 -0.12 -33.69
C SER E 10 -3.86 0.79 -33.67
N GLY E 11 -4.03 1.61 -34.71
CA GLY E 11 -5.07 2.65 -34.78
C GLY E 11 -6.47 2.14 -34.45
N LYS E 12 -6.88 1.01 -35.02
CA LYS E 12 -8.21 0.50 -34.78
C LYS E 12 -8.43 0.13 -33.31
N VAL E 13 -7.37 -0.28 -32.60
CA VAL E 13 -7.46 -0.71 -31.22
C VAL E 13 -7.25 0.46 -30.27
N GLU E 14 -6.42 1.44 -30.67
CA GLU E 14 -6.18 2.64 -29.86
C GLU E 14 -7.49 3.30 -29.45
N GLY E 15 -8.47 3.34 -30.36
CA GLY E 15 -9.72 4.02 -30.11
C GLY E 15 -10.63 3.27 -29.13
N CYS E 16 -10.26 2.05 -28.75
CA CYS E 16 -11.09 1.26 -27.84
C CYS E 16 -10.53 1.24 -26.41
N MET E 17 -9.36 1.84 -26.19
CA MET E 17 -8.71 1.72 -24.91
C MET E 17 -9.25 2.83 -23.99
N VAL E 18 -9.75 2.38 -22.82
CA VAL E 18 -10.27 3.25 -21.79
C VAL E 18 -9.59 2.94 -20.46
N GLN E 19 -9.75 3.87 -19.51
CA GLN E 19 -9.25 3.74 -18.14
C GLN E 19 -10.40 3.26 -17.27
N VAL E 20 -10.18 2.20 -16.50
CA VAL E 20 -11.22 1.67 -15.64
C VAL E 20 -10.68 1.68 -14.23
N THR E 21 -11.44 2.33 -13.34
CA THR E 21 -11.02 2.46 -11.95
C THR E 21 -12.08 1.80 -11.07
N CYS E 22 -11.60 1.11 -10.04
CA CYS E 22 -12.50 0.58 -9.02
C CYS E 22 -11.74 0.57 -7.70
N GLY E 23 -12.33 1.27 -6.71
CA GLY E 23 -11.61 1.70 -5.53
C GLY E 23 -10.38 2.55 -5.89
N THR E 24 -9.20 1.99 -5.58
CA THR E 24 -7.94 2.63 -5.90
C THR E 24 -7.17 1.85 -6.97
N THR E 25 -7.79 0.82 -7.57
CA THR E 25 -7.11 0.11 -8.65
C THR E 25 -7.52 0.68 -10.00
N THR E 26 -6.53 1.18 -10.75
CA THR E 26 -6.73 1.64 -12.11
C THR E 26 -5.99 0.70 -13.06
N LEU E 27 -6.71 0.19 -14.04
CA LEU E 27 -6.11 -0.55 -15.15
C LEU E 27 -6.84 -0.11 -16.43
N ASN E 28 -6.66 -0.88 -17.50
CA ASN E 28 -7.24 -0.55 -18.79
C ASN E 28 -8.47 -1.42 -19.04
N GLY E 29 -9.36 -0.92 -19.89
CA GLY E 29 -10.50 -1.68 -20.39
C GLY E 29 -10.66 -1.50 -21.90
N LEU E 30 -11.44 -2.41 -22.50
CA LEU E 30 -11.67 -2.45 -23.93
C LEU E 30 -13.11 -2.08 -24.22
N TRP E 31 -13.30 -0.92 -24.85
CA TRP E 31 -14.61 -0.33 -25.10
C TRP E 31 -15.09 -0.66 -26.51
N LEU E 32 -15.98 -1.65 -26.59
CA LEU E 32 -16.55 -2.09 -27.85
C LEU E 32 -18.07 -2.03 -27.79
N ASP E 33 -18.67 -1.24 -28.70
CA ASP E 33 -20.10 -0.95 -28.63
C ASP E 33 -20.37 -0.28 -27.29
N ASP E 34 -21.33 -0.80 -26.52
CA ASP E 34 -21.70 -0.19 -25.25
C ASP E 34 -21.16 -1.01 -24.08
N VAL E 35 -20.07 -1.78 -24.31
CA VAL E 35 -19.51 -2.63 -23.27
C VAL E 35 -18.03 -2.31 -23.09
N VAL E 36 -17.61 -2.25 -21.84
CA VAL E 36 -16.20 -2.17 -21.52
C VAL E 36 -15.79 -3.47 -20.84
N TYR E 37 -14.76 -4.11 -21.43
CA TYR E 37 -14.18 -5.35 -20.95
C TYR E 37 -12.89 -5.02 -20.22
N CYS E 38 -12.70 -5.58 -19.03
CA CYS E 38 -11.46 -5.43 -18.29
C CYS E 38 -11.31 -6.65 -17.38
N PRO E 39 -10.11 -6.86 -16.79
CA PRO E 39 -9.89 -7.98 -15.89
C PRO E 39 -10.67 -7.74 -14.61
N ARG E 40 -11.32 -8.79 -14.11
CA ARG E 40 -12.21 -8.65 -12.99
C ARG E 40 -11.44 -8.44 -11.70
N HIS E 41 -10.11 -8.64 -11.70
CA HIS E 41 -9.34 -8.44 -10.48
C HIS E 41 -9.28 -6.95 -10.12
N VAL E 42 -9.79 -6.08 -11.01
CA VAL E 42 -9.91 -4.66 -10.70
C VAL E 42 -10.81 -4.43 -9.48
N ILE E 43 -11.71 -5.38 -9.18
CA ILE E 43 -12.62 -5.21 -8.07
C ILE E 43 -11.97 -5.58 -6.73
N CYS E 44 -10.77 -6.15 -6.75
CA CYS E 44 -10.11 -6.64 -5.54
C CYS E 44 -9.20 -5.59 -4.92
N THR E 45 -9.16 -5.57 -3.58
CA THR E 45 -8.11 -4.92 -2.81
C THR E 45 -6.89 -5.84 -2.71
N SER E 46 -5.75 -5.32 -2.22
CA SER E 46 -4.56 -6.11 -1.97
C SER E 46 -4.92 -7.40 -1.25
N GLU E 47 -5.79 -7.28 -0.24
CA GLU E 47 -6.10 -8.37 0.66
C GLU E 47 -7.06 -9.37 -0.01
N ASP E 48 -7.99 -8.85 -0.82
CA ASP E 48 -8.93 -9.70 -1.55
C ASP E 48 -8.15 -10.63 -2.48
N MET E 49 -7.03 -10.15 -3.01
CA MET E 49 -6.27 -10.83 -4.04
C MET E 49 -5.75 -12.20 -3.58
N LEU E 50 -5.53 -12.34 -2.27
CA LEU E 50 -4.93 -13.57 -1.74
C LEU E 50 -5.92 -14.74 -1.84
N ASN E 51 -7.21 -14.46 -1.66
CA ASN E 51 -8.23 -15.50 -1.80
C ASN E 51 -9.57 -14.86 -2.12
N PRO E 52 -9.78 -14.39 -3.37
CA PRO E 52 -10.99 -13.68 -3.75
C PRO E 52 -12.17 -14.61 -4.01
N ASN E 53 -13.32 -14.24 -3.44
CA ASN E 53 -14.59 -14.76 -3.88
C ASN E 53 -15.25 -13.71 -4.76
N TYR E 54 -15.11 -13.89 -6.08
CA TYR E 54 -15.40 -12.85 -7.06
C TYR E 54 -16.92 -12.64 -7.17
N GLU E 55 -17.67 -13.73 -7.06
CA GLU E 55 -19.13 -13.70 -7.10
C GLU E 55 -19.61 -12.79 -5.97
N ASP E 56 -19.01 -12.93 -4.78
CA ASP E 56 -19.44 -12.16 -3.62
C ASP E 56 -18.89 -10.75 -3.65
N LEU E 57 -17.65 -10.57 -4.12
CA LEU E 57 -17.08 -9.22 -4.19
C LEU E 57 -17.91 -8.37 -5.15
N LEU E 58 -18.41 -8.99 -6.23
CA LEU E 58 -19.09 -8.25 -7.28
C LEU E 58 -20.51 -7.90 -6.82
N ILE E 59 -21.17 -8.86 -6.16
CA ILE E 59 -22.49 -8.60 -5.62
C ILE E 59 -22.45 -7.35 -4.74
N ARG E 60 -21.36 -7.15 -4.00
CA ARG E 60 -21.23 -6.00 -3.11
C ARG E 60 -20.80 -4.74 -3.85
N LYS E 61 -20.58 -4.81 -5.17
CA LYS E 61 -20.22 -3.63 -5.97
C LYS E 61 -21.48 -3.05 -6.62
N SER E 62 -21.42 -1.76 -6.95
CA SER E 62 -22.50 -1.08 -7.66
C SER E 62 -21.93 -0.42 -8.91
N ASN E 63 -22.79 -0.13 -9.89
CA ASN E 63 -22.38 0.47 -11.14
C ASN E 63 -21.52 1.70 -10.88
N HIS E 64 -21.83 2.43 -9.81
CA HIS E 64 -21.19 3.72 -9.55
C HIS E 64 -19.81 3.54 -8.89
N ASN E 65 -19.51 2.32 -8.46
CA ASN E 65 -18.18 1.99 -7.97
C ASN E 65 -17.15 1.91 -9.10
N PHE E 66 -17.62 1.91 -10.36
CA PHE E 66 -16.77 1.75 -11.53
C PHE E 66 -16.64 3.05 -12.28
N LEU E 67 -15.43 3.56 -12.44
CA LEU E 67 -15.17 4.81 -13.13
C LEU E 67 -14.44 4.47 -14.41
N VAL E 68 -15.08 4.79 -15.55
CA VAL E 68 -14.50 4.51 -16.85
C VAL E 68 -14.28 5.86 -17.51
N GLN E 69 -13.04 6.15 -17.87
CA GLN E 69 -12.75 7.36 -18.62
C GLN E 69 -12.22 6.96 -20.00
N ALA E 70 -12.89 7.42 -21.05
CA ALA E 70 -12.54 7.10 -22.41
C ALA E 70 -12.13 8.40 -23.09
N GLY E 71 -10.82 8.58 -23.24
CA GLY E 71 -10.32 9.84 -23.74
C GLY E 71 -10.62 10.93 -22.73
N ASN E 72 -11.25 12.03 -23.16
CA ASN E 72 -11.60 13.10 -22.23
C ASN E 72 -13.04 12.95 -21.76
N VAL E 73 -13.57 11.72 -21.84
CA VAL E 73 -15.00 11.48 -21.70
C VAL E 73 -15.24 10.47 -20.58
N GLN E 74 -15.88 10.89 -19.49
CA GLN E 74 -16.34 9.95 -18.48
C GLN E 74 -17.56 9.17 -18.96
N LEU E 75 -17.46 7.84 -18.97
CA LEU E 75 -18.57 6.96 -19.29
C LEU E 75 -19.37 6.61 -18.04
N ARG E 76 -20.71 6.61 -18.19
CA ARG E 76 -21.57 6.17 -17.10
C ARG E 76 -21.77 4.66 -17.19
N VAL E 77 -21.49 3.95 -16.11
CA VAL E 77 -21.70 2.51 -16.10
C VAL E 77 -23.15 2.25 -15.70
N ILE E 78 -23.88 1.47 -16.50
CA ILE E 78 -25.31 1.28 -16.28
C ILE E 78 -25.61 -0.20 -16.00
N GLY E 79 -24.56 -1.00 -15.85
CA GLY E 79 -24.72 -2.41 -15.62
C GLY E 79 -23.34 -3.07 -15.50
N HIS E 80 -23.30 -4.22 -14.84
CA HIS E 80 -22.05 -4.93 -14.67
C HIS E 80 -22.36 -6.40 -14.53
N SER E 81 -21.57 -7.19 -15.24
CA SER E 81 -21.62 -8.63 -15.22
C SER E 81 -20.20 -9.16 -15.29
N MET E 82 -20.08 -10.46 -15.08
CA MET E 82 -18.79 -11.10 -15.03
C MET E 82 -18.85 -12.31 -15.92
N GLN E 83 -17.92 -12.40 -16.87
CA GLN E 83 -17.82 -13.59 -17.69
C GLN E 83 -16.45 -14.21 -17.45
N ASN E 84 -16.46 -15.40 -16.84
CA ASN E 84 -15.25 -16.03 -16.36
C ASN E 84 -14.45 -14.96 -15.62
N CYS E 85 -13.28 -14.58 -16.15
CA CYS E 85 -12.39 -13.67 -15.43
C CYS E 85 -12.42 -12.26 -16.02
N VAL E 86 -13.37 -11.99 -16.92
CA VAL E 86 -13.50 -10.65 -17.49
C VAL E 86 -14.71 -9.98 -16.90
N LEU E 87 -14.53 -8.71 -16.58
CA LEU E 87 -15.61 -7.88 -16.10
C LEU E 87 -16.19 -7.16 -17.31
N LYS E 88 -17.54 -7.22 -17.47
CA LYS E 88 -18.22 -6.52 -18.56
C LYS E 88 -19.07 -5.41 -17.97
N LEU E 89 -18.62 -4.17 -18.22
CA LEU E 89 -19.31 -2.99 -17.76
C LEU E 89 -20.16 -2.47 -18.92
N LYS E 90 -21.50 -2.53 -18.78
CA LYS E 90 -22.38 -1.94 -19.76
C LYS E 90 -22.38 -0.43 -19.55
N VAL E 91 -22.16 0.35 -20.61
CA VAL E 91 -22.09 1.79 -20.49
C VAL E 91 -23.19 2.43 -21.34
N ASP E 92 -23.42 3.73 -21.12
CA ASP E 92 -24.53 4.46 -21.72
C ASP E 92 -24.28 4.76 -23.20
N THR E 93 -23.05 4.54 -23.68
CA THR E 93 -22.59 5.08 -24.95
C THR E 93 -21.83 4.01 -25.70
N ALA E 94 -22.29 3.73 -26.92
CA ALA E 94 -21.54 2.90 -27.83
C ALA E 94 -20.32 3.69 -28.29
N ASN E 95 -19.15 3.03 -28.26
CA ASN E 95 -17.93 3.61 -28.81
C ASN E 95 -18.17 3.92 -30.29
N PRO E 96 -18.10 5.20 -30.75
CA PRO E 96 -18.26 5.50 -32.16
C PRO E 96 -17.10 4.97 -33.02
N LYS E 97 -15.99 4.59 -32.36
CA LYS E 97 -14.80 4.11 -33.04
C LYS E 97 -14.67 2.60 -32.93
N THR E 98 -15.73 1.89 -32.51
CA THR E 98 -15.76 0.44 -32.53
C THR E 98 -15.45 -0.05 -33.94
N PRO E 99 -14.41 -0.87 -34.13
CA PRO E 99 -14.12 -1.42 -35.44
C PRO E 99 -14.94 -2.69 -35.64
N LYS E 100 -14.85 -3.26 -36.84
CA LYS E 100 -15.28 -4.63 -37.04
C LYS E 100 -14.34 -5.48 -36.17
N TYR E 101 -14.92 -6.38 -35.35
CA TYR E 101 -14.08 -7.21 -34.50
C TYR E 101 -14.76 -8.56 -34.24
N LYS E 102 -13.92 -9.55 -33.97
CA LYS E 102 -14.34 -10.82 -33.41
C LYS E 102 -13.46 -11.09 -32.19
N PHE E 103 -13.93 -11.99 -31.34
CA PHE E 103 -13.13 -12.49 -30.23
C PHE E 103 -12.72 -13.90 -30.58
N VAL E 104 -11.39 -14.14 -30.65
CA VAL E 104 -10.87 -15.46 -30.97
C VAL E 104 -10.02 -15.95 -29.81
N ARG E 105 -10.10 -17.26 -29.55
CA ARG E 105 -9.11 -17.94 -28.71
C ARG E 105 -8.02 -18.53 -29.59
N ILE E 106 -6.80 -18.00 -29.47
CA ILE E 106 -5.66 -18.45 -30.26
C ILE E 106 -5.08 -19.72 -29.63
N GLN E 107 -4.19 -20.37 -30.36
CA GLN E 107 -3.54 -21.59 -29.89
C GLN E 107 -2.08 -21.26 -29.58
N PRO E 108 -1.40 -22.05 -28.72
CA PRO E 108 0.04 -21.87 -28.50
C PRO E 108 0.79 -21.97 -29.83
N GLY E 109 1.74 -21.04 -30.02
CA GLY E 109 2.50 -20.91 -31.24
C GLY E 109 2.09 -19.66 -32.00
N GLN E 110 0.78 -19.37 -31.97
CA GLN E 110 0.22 -18.28 -32.75
C GLN E 110 0.66 -16.98 -32.12
N THR E 111 0.77 -15.94 -32.95
CA THR E 111 1.29 -14.65 -32.54
C THR E 111 0.20 -13.59 -32.64
N PHE E 112 0.47 -12.42 -32.04
CA PHE E 112 -0.46 -11.31 -32.03
C PHE E 112 0.30 -10.05 -31.63
N SER E 113 -0.33 -8.91 -31.91
CA SER E 113 0.21 -7.61 -31.56
C SER E 113 -0.38 -7.18 -30.21
N VAL E 114 0.47 -6.62 -29.36
CA VAL E 114 0.05 -6.14 -28.06
C VAL E 114 0.10 -4.63 -28.09
N LEU E 115 -0.99 -4.00 -27.64
CA LEU E 115 -1.02 -2.57 -27.44
C LEU E 115 -0.95 -2.30 -25.93
N ALA E 116 0.27 -2.05 -25.45
CA ALA E 116 0.50 -1.89 -24.03
C ALA E 116 -0.06 -0.53 -23.60
N CYS E 117 -0.99 -0.52 -22.66
CA CYS E 117 -1.60 0.72 -22.23
C CYS E 117 -1.41 0.95 -20.73
N TYR E 118 -1.43 2.22 -20.35
CA TYR E 118 -1.55 2.62 -18.96
C TYR E 118 -2.58 3.74 -18.90
N ASN E 119 -3.53 3.62 -17.98
CA ASN E 119 -4.47 4.71 -17.76
C ASN E 119 -5.30 4.97 -19.02
N GLY E 120 -5.59 3.88 -19.74
CA GLY E 120 -6.48 3.94 -20.90
C GLY E 120 -5.80 4.50 -22.14
N SER E 121 -4.49 4.75 -22.04
CA SER E 121 -3.71 5.44 -23.07
C SER E 121 -2.57 4.52 -23.58
N PRO E 122 -2.43 4.30 -24.90
CA PRO E 122 -1.38 3.42 -25.42
C PRO E 122 0.02 3.96 -25.22
N SER E 123 0.92 3.07 -24.78
CA SER E 123 2.32 3.35 -24.54
C SER E 123 3.15 2.87 -25.73
N GLY E 124 2.83 1.67 -26.24
CA GLY E 124 3.55 1.13 -27.36
C GLY E 124 2.85 -0.10 -27.91
N VAL E 125 3.37 -0.60 -29.05
CA VAL E 125 2.86 -1.79 -29.70
C VAL E 125 4.04 -2.68 -30.07
N TYR E 126 3.86 -3.99 -29.87
CA TYR E 126 4.91 -4.96 -30.10
C TYR E 126 4.27 -6.31 -30.39
N GLN E 127 5.08 -7.21 -30.96
CA GLN E 127 4.62 -8.49 -31.44
C GLN E 127 5.01 -9.54 -30.39
N CYS E 128 4.10 -10.49 -30.18
CA CYS E 128 4.19 -11.48 -29.15
C CYS E 128 3.79 -12.83 -29.69
N ALA E 129 4.22 -13.88 -29.00
CA ALA E 129 3.77 -15.22 -29.30
C ALA E 129 3.20 -15.85 -28.03
N MET E 130 2.10 -16.59 -28.20
CA MET E 130 1.61 -17.46 -27.15
C MET E 130 2.58 -18.63 -27.04
N ARG E 131 3.31 -18.68 -25.92
CA ARG E 131 4.31 -19.71 -25.71
C ARG E 131 3.61 -21.06 -25.52
N PRO E 132 4.27 -22.20 -25.78
CA PRO E 132 3.66 -23.50 -25.55
C PRO E 132 3.14 -23.71 -24.13
N ASN E 133 3.64 -22.92 -23.16
CA ASN E 133 3.20 -23.00 -21.76
C ASN E 133 2.16 -21.93 -21.45
N PHE E 134 1.56 -21.34 -22.49
CA PHE E 134 0.40 -20.49 -22.40
C PHE E 134 0.72 -19.14 -21.76
N THR E 135 2.01 -18.84 -21.62
CA THR E 135 2.46 -17.54 -21.15
C THR E 135 2.81 -16.72 -22.37
N ILE E 136 3.08 -15.44 -22.17
CA ILE E 136 3.54 -14.55 -23.22
C ILE E 136 4.71 -13.78 -22.66
N LYS E 137 5.76 -13.58 -23.45
CA LYS E 137 6.93 -12.89 -22.90
C LYS E 137 6.85 -11.40 -23.22
N GLY E 138 5.93 -10.70 -22.55
CA GLY E 138 5.52 -9.34 -22.93
C GLY E 138 6.51 -8.30 -22.41
N SER E 139 6.19 -7.03 -22.68
CA SER E 139 6.77 -5.89 -21.98
C SER E 139 5.62 -5.09 -21.38
N PHE E 140 5.43 -5.30 -20.08
CA PHE E 140 4.29 -4.78 -19.36
C PHE E 140 4.75 -4.27 -18.00
N LEU E 141 4.15 -3.18 -17.54
CA LEU E 141 4.42 -2.65 -16.22
C LEU E 141 3.16 -2.79 -15.36
N ASN E 142 3.23 -2.20 -14.16
CA ASN E 142 2.07 -2.05 -13.30
C ASN E 142 1.09 -1.09 -14.00
N GLY E 143 -0.17 -1.52 -14.12
CA GLY E 143 -1.21 -0.73 -14.78
C GLY E 143 -1.46 -1.17 -16.22
N SER E 144 -0.73 -2.20 -16.66
CA SER E 144 -0.81 -2.67 -18.03
C SER E 144 -2.04 -3.56 -18.18
N CYS E 145 -2.52 -4.14 -17.08
CA CYS E 145 -3.63 -5.07 -17.11
C CYS E 145 -4.80 -4.45 -17.88
N GLY E 146 -5.47 -5.30 -18.66
CA GLY E 146 -6.54 -4.84 -19.54
C GLY E 146 -6.05 -4.57 -20.95
N SER E 147 -4.73 -4.34 -21.10
CA SER E 147 -4.10 -4.25 -22.41
C SER E 147 -4.44 -5.51 -23.19
N VAL E 148 -4.57 -5.36 -24.51
CA VAL E 148 -5.05 -6.46 -25.34
C VAL E 148 -4.04 -6.83 -26.43
N GLY E 149 -4.15 -8.09 -26.83
CA GLY E 149 -3.49 -8.61 -28.02
C GLY E 149 -4.52 -8.85 -29.12
N PHE E 150 -4.10 -8.63 -30.37
CA PHE E 150 -5.02 -8.68 -31.49
C PHE E 150 -4.27 -9.04 -32.77
N ASN E 151 -5.04 -9.54 -33.75
CA ASN E 151 -4.62 -9.62 -35.14
C ASN E 151 -5.64 -8.88 -35.98
N ILE E 152 -5.23 -8.50 -37.20
CA ILE E 152 -6.13 -7.83 -38.14
C ILE E 152 -6.16 -8.64 -39.43
N ASP E 153 -7.37 -8.96 -39.90
CA ASP E 153 -7.60 -9.56 -41.21
C ASP E 153 -8.49 -8.63 -42.03
N TYR E 154 -7.87 -7.96 -43.02
CA TYR E 154 -8.53 -6.98 -43.87
C TYR E 154 -8.86 -5.74 -43.03
N ASP E 155 -10.07 -5.70 -42.44
CA ASP E 155 -10.51 -4.57 -41.62
C ASP E 155 -11.02 -5.04 -40.26
N CYS E 156 -10.93 -6.35 -40.00
CA CYS E 156 -11.54 -6.98 -38.85
C CYS E 156 -10.47 -7.23 -37.80
N VAL E 157 -10.66 -6.66 -36.60
CA VAL E 157 -9.76 -6.92 -35.48
C VAL E 157 -10.24 -8.17 -34.78
N SER E 158 -9.35 -9.17 -34.69
CA SER E 158 -9.52 -10.36 -33.86
C SER E 158 -8.80 -10.15 -32.54
N PHE E 159 -9.55 -9.81 -31.50
CA PHE E 159 -9.00 -9.72 -30.16
C PHE E 159 -8.81 -11.11 -29.59
N CYS E 160 -7.58 -11.45 -29.22
CA CYS E 160 -7.30 -12.78 -28.72
C CYS E 160 -6.70 -12.78 -27.30
N TYR E 161 -6.19 -11.64 -26.80
CA TYR E 161 -5.56 -11.64 -25.50
C TYR E 161 -5.97 -10.41 -24.71
N MET E 162 -6.20 -10.58 -23.40
CA MET E 162 -6.26 -9.47 -22.46
C MET E 162 -5.33 -9.77 -21.28
N HIS E 163 -4.46 -8.82 -20.96
CA HIS E 163 -3.44 -9.03 -19.96
C HIS E 163 -4.03 -8.96 -18.54
N HIS E 164 -3.66 -9.94 -17.70
CA HIS E 164 -4.19 -10.02 -16.35
C HIS E 164 -3.10 -9.96 -15.28
N MET E 165 -1.97 -10.62 -15.51
CA MET E 165 -0.98 -10.71 -14.44
C MET E 165 0.42 -10.98 -15.00
N GLU E 166 1.41 -10.65 -14.17
CA GLU E 166 2.78 -11.01 -14.40
C GLU E 166 3.19 -12.04 -13.36
N LEU E 167 3.77 -13.14 -13.82
CA LEU E 167 4.24 -14.19 -12.94
C LEU E 167 5.58 -13.81 -12.36
N PRO E 168 6.08 -14.56 -11.35
CA PRO E 168 7.39 -14.28 -10.73
C PRO E 168 8.56 -14.30 -11.68
N THR E 169 8.48 -15.17 -12.71
CA THR E 169 9.52 -15.29 -13.71
C THR E 169 9.56 -14.10 -14.67
N GLY E 170 8.56 -13.21 -14.62
CA GLY E 170 8.59 -11.97 -15.41
C GLY E 170 7.88 -12.10 -16.76
N VAL E 171 7.25 -13.25 -16.98
CA VAL E 171 6.41 -13.52 -18.11
C VAL E 171 4.96 -13.28 -17.69
N HIS E 172 4.07 -13.17 -18.69
CA HIS E 172 2.75 -12.63 -18.48
C HIS E 172 1.70 -13.68 -18.82
N ALA E 173 0.52 -13.49 -18.24
CA ALA E 173 -0.58 -14.40 -18.45
C ALA E 173 -1.88 -13.61 -18.57
N GLY E 174 -2.84 -14.18 -19.28
CA GLY E 174 -4.10 -13.49 -19.51
C GLY E 174 -5.17 -14.43 -20.06
N THR E 175 -6.25 -13.77 -20.51
CA THR E 175 -7.45 -14.43 -20.97
C THR E 175 -7.72 -14.08 -22.43
N ASP E 176 -8.58 -14.90 -23.07
CA ASP E 176 -9.29 -14.49 -24.25
C ASP E 176 -10.30 -13.44 -23.83
N LEU E 177 -11.04 -12.88 -24.78
CA LEU E 177 -11.97 -11.81 -24.43
C LEU E 177 -13.29 -12.38 -23.94
N GLU E 178 -13.41 -13.72 -23.83
CA GLU E 178 -14.49 -14.31 -23.08
C GLU E 178 -14.10 -14.57 -21.62
N GLY E 179 -12.85 -14.26 -21.23
CA GLY E 179 -12.50 -14.30 -19.81
C GLY E 179 -11.83 -15.59 -19.35
N ASN E 180 -11.52 -16.49 -20.29
CA ASN E 180 -10.91 -17.75 -19.93
C ASN E 180 -9.41 -17.61 -20.08
N PHE E 181 -8.70 -17.83 -18.99
CA PHE E 181 -7.24 -17.82 -19.02
C PHE E 181 -6.72 -18.76 -20.09
N TYR E 182 -5.66 -18.33 -20.76
CA TYR E 182 -4.75 -19.23 -21.43
C TYR E 182 -3.88 -19.90 -20.37
N GLY E 183 -3.95 -21.22 -20.30
CA GLY E 183 -3.03 -21.98 -19.46
C GLY E 183 -3.60 -22.24 -18.09
N PRO E 184 -2.81 -22.83 -17.17
CA PRO E 184 -3.30 -23.24 -15.87
C PRO E 184 -3.27 -22.12 -14.83
N PHE E 185 -3.62 -20.91 -15.25
CA PHE E 185 -3.48 -19.76 -14.39
C PHE E 185 -4.84 -19.33 -13.86
N VAL E 186 -4.81 -18.63 -12.72
CA VAL E 186 -6.01 -18.09 -12.08
C VAL E 186 -5.71 -16.67 -11.62
N ASP E 187 -6.76 -15.81 -11.59
CA ASP E 187 -6.62 -14.43 -11.15
C ASP E 187 -6.66 -14.41 -9.62
N ARG E 188 -5.65 -15.01 -9.01
CA ARG E 188 -5.55 -15.12 -7.56
C ARG E 188 -4.07 -14.98 -7.24
N GLN E 189 -3.75 -14.27 -6.15
CA GLN E 189 -2.35 -14.17 -5.76
C GLN E 189 -1.99 -15.41 -4.93
N THR E 190 -1.79 -16.50 -5.66
CA THR E 190 -1.36 -17.79 -5.14
C THR E 190 -0.34 -18.34 -6.13
N ALA E 191 0.67 -19.05 -5.63
CA ALA E 191 1.83 -19.46 -6.40
C ALA E 191 1.38 -20.28 -7.57
N GLN E 192 1.91 -19.93 -8.76
CA GLN E 192 1.56 -20.57 -10.01
C GLN E 192 2.80 -20.75 -10.88
N ALA E 193 3.14 -22.01 -11.15
CA ALA E 193 4.26 -22.33 -12.01
C ALA E 193 3.81 -22.28 -13.47
N ALA E 194 4.47 -21.46 -14.28
CA ALA E 194 4.46 -21.71 -15.71
C ALA E 194 5.02 -23.11 -15.97
N GLY E 195 4.29 -23.93 -16.73
CA GLY E 195 4.87 -25.15 -17.31
C GLY E 195 6.21 -24.86 -17.99
N THR E 196 6.95 -25.93 -18.32
CA THR E 196 8.23 -25.77 -18.98
C THR E 196 8.00 -25.27 -20.41
N ASP E 197 8.75 -24.24 -20.81
CA ASP E 197 8.56 -23.67 -22.12
C ASP E 197 9.34 -24.48 -23.14
N THR E 198 8.76 -24.69 -24.32
CA THR E 198 9.46 -25.34 -25.43
C THR E 198 9.55 -24.35 -26.58
N THR E 199 10.26 -24.73 -27.64
CA THR E 199 10.39 -23.91 -28.83
C THR E 199 9.33 -24.31 -29.87
N ILE E 200 8.73 -23.29 -30.49
CA ILE E 200 7.65 -23.48 -31.44
C ILE E 200 8.22 -23.89 -32.79
N THR E 201 8.27 -25.20 -33.05
CA THR E 201 9.02 -25.76 -34.16
C THR E 201 8.51 -25.20 -35.49
N VAL E 202 7.19 -25.23 -35.67
CA VAL E 202 6.56 -24.82 -36.90
C VAL E 202 6.92 -23.37 -37.24
N ASN E 203 7.16 -22.55 -36.20
CA ASN E 203 7.50 -21.15 -36.41
C ASN E 203 8.95 -21.03 -36.86
N VAL E 204 9.84 -21.82 -36.25
CA VAL E 204 11.26 -21.80 -36.61
C VAL E 204 11.40 -22.19 -38.07
N LEU E 205 10.64 -23.20 -38.48
CA LEU E 205 10.62 -23.59 -39.88
C LEU E 205 10.16 -22.43 -40.75
N ALA E 206 9.06 -21.77 -40.34
CA ALA E 206 8.49 -20.67 -41.11
C ALA E 206 9.53 -19.56 -41.30
N TRP E 207 10.31 -19.34 -40.23
CA TRP E 207 11.30 -18.30 -40.20
C TRP E 207 12.49 -18.67 -41.07
N LEU E 208 12.78 -19.96 -41.19
CA LEU E 208 13.83 -20.43 -42.09
C LEU E 208 13.41 -20.21 -43.53
N TYR E 209 12.13 -20.49 -43.81
CA TYR E 209 11.54 -20.15 -45.11
C TYR E 209 11.73 -18.66 -45.36
N ALA E 210 11.47 -17.84 -44.36
CA ALA E 210 11.64 -16.40 -44.47
C ALA E 210 13.08 -16.07 -44.87
N ALA E 211 14.03 -16.80 -44.29
CA ALA E 211 15.45 -16.57 -44.56
C ALA E 211 15.75 -16.90 -46.02
N VAL E 212 15.14 -17.98 -46.51
CA VAL E 212 15.31 -18.37 -47.90
C VAL E 212 14.75 -17.28 -48.82
N ILE E 213 13.57 -16.73 -48.50
CA ILE E 213 12.98 -15.71 -49.33
C ILE E 213 13.87 -14.46 -49.35
N ASN E 214 14.56 -14.20 -48.24
CA ASN E 214 15.48 -13.08 -48.15
C ASN E 214 16.89 -13.46 -48.61
N GLY E 215 17.06 -14.58 -49.30
CA GLY E 215 18.33 -14.87 -49.95
C GLY E 215 19.23 -15.84 -49.20
N ASP E 216 19.20 -15.83 -47.84
CA ASP E 216 20.01 -16.76 -47.05
C ASP E 216 19.70 -18.22 -47.43
N ARG E 217 20.70 -18.94 -47.95
CA ARG E 217 20.50 -20.31 -48.39
C ARG E 217 21.60 -21.23 -47.86
N TRP E 218 22.45 -20.75 -46.94
CA TRP E 218 23.61 -21.53 -46.56
C TRP E 218 23.20 -22.75 -45.75
N PHE E 219 22.12 -22.63 -44.97
CA PHE E 219 21.69 -23.68 -44.05
C PHE E 219 20.95 -24.79 -44.79
N LEU E 220 20.59 -24.57 -46.05
CA LEU E 220 20.04 -25.62 -46.88
C LEU E 220 21.12 -26.67 -47.07
N ASN E 221 20.75 -27.94 -46.83
CA ASN E 221 21.64 -29.06 -46.96
C ASN E 221 21.01 -30.06 -47.92
N ARG E 222 21.81 -31.01 -48.37
CA ARG E 222 21.41 -32.00 -49.38
C ARG E 222 20.58 -33.14 -48.77
N PHE E 223 20.40 -33.13 -47.43
CA PHE E 223 19.77 -34.22 -46.74
C PHE E 223 18.25 -34.05 -46.74
N THR E 224 17.54 -35.15 -46.48
CA THR E 224 16.12 -35.08 -46.17
C THR E 224 15.87 -35.98 -44.96
N THR E 225 14.63 -36.00 -44.44
CA THR E 225 14.30 -36.75 -43.24
C THR E 225 12.82 -37.14 -43.25
N THR E 226 12.45 -38.11 -42.40
CA THR E 226 11.04 -38.39 -42.15
C THR E 226 10.59 -37.49 -41.00
N LEU E 227 9.28 -37.27 -40.91
CA LEU E 227 8.69 -36.48 -39.85
C LEU E 227 9.05 -37.06 -38.48
N ASN E 228 9.00 -38.38 -38.37
CA ASN E 228 9.19 -39.07 -37.10
C ASN E 228 10.65 -38.93 -36.66
N ASP E 229 11.59 -39.13 -37.59
CA ASP E 229 13.00 -39.02 -37.28
C ASP E 229 13.34 -37.59 -36.87
N PHE E 230 12.61 -36.62 -37.44
CA PHE E 230 12.81 -35.22 -37.10
C PHE E 230 12.36 -34.97 -35.66
N ASN E 231 11.15 -35.44 -35.33
CA ASN E 231 10.54 -35.22 -34.03
C ASN E 231 11.37 -35.85 -32.92
N LEU E 232 12.12 -36.90 -33.25
CA LEU E 232 13.01 -37.53 -32.28
C LEU E 232 14.13 -36.56 -31.93
N VAL E 233 14.68 -35.86 -32.93
CA VAL E 233 15.78 -34.93 -32.70
C VAL E 233 15.23 -33.67 -32.01
N ALA E 234 14.09 -33.17 -32.50
CA ALA E 234 13.40 -32.03 -31.91
C ALA E 234 13.24 -32.22 -30.41
N MET E 235 12.61 -33.32 -30.00
CA MET E 235 12.38 -33.63 -28.58
C MET E 235 13.62 -33.33 -27.76
N LYS E 236 14.78 -33.74 -28.26
CA LYS E 236 16.02 -33.70 -27.50
C LYS E 236 16.43 -32.25 -27.23
N TYR E 237 16.01 -31.32 -28.10
CA TYR E 237 16.40 -29.91 -28.00
C TYR E 237 15.25 -29.03 -27.50
N ASN E 238 14.19 -29.66 -26.96
CA ASN E 238 13.11 -28.97 -26.27
C ASN E 238 12.28 -28.19 -27.29
N TYR E 239 12.05 -28.86 -28.43
CA TYR E 239 11.22 -28.34 -29.50
C TYR E 239 9.86 -29.05 -29.43
N GLU E 240 8.80 -28.31 -29.77
CA GLU E 240 7.47 -28.86 -29.90
C GLU E 240 7.50 -29.91 -31.00
N PRO E 241 6.81 -31.07 -30.84
CA PRO E 241 6.65 -32.00 -31.94
C PRO E 241 6.05 -31.31 -33.17
N LEU E 242 6.46 -31.77 -34.35
CA LEU E 242 5.89 -31.27 -35.58
C LEU E 242 4.79 -32.23 -36.02
N THR E 243 3.58 -31.70 -36.18
CA THR E 243 2.41 -32.47 -36.59
C THR E 243 2.29 -32.42 -38.10
N GLN E 244 1.37 -33.22 -38.64
CA GLN E 244 1.06 -33.17 -40.06
C GLN E 244 0.35 -31.85 -40.34
N ASP E 245 -0.49 -31.39 -39.41
CA ASP E 245 -1.20 -30.13 -39.55
C ASP E 245 -0.17 -29.02 -39.75
N HIS E 246 0.93 -29.08 -38.99
CA HIS E 246 2.00 -28.10 -39.10
C HIS E 246 2.62 -28.12 -40.49
N VAL E 247 2.85 -29.33 -41.03
CA VAL E 247 3.44 -29.48 -42.35
C VAL E 247 2.48 -28.89 -43.40
N ASP E 248 1.18 -29.08 -43.19
CA ASP E 248 0.15 -28.59 -44.10
C ASP E 248 0.11 -27.07 -44.09
N ILE E 249 0.24 -26.46 -42.92
CA ILE E 249 0.21 -25.00 -42.78
C ILE E 249 1.44 -24.37 -43.43
N LEU E 250 2.55 -25.11 -43.46
CA LEU E 250 3.78 -24.61 -44.06
C LEU E 250 3.73 -24.74 -45.59
N GLY E 251 2.66 -25.36 -46.10
CA GLY E 251 2.47 -25.59 -47.52
C GLY E 251 2.71 -24.36 -48.39
N PRO E 252 1.93 -23.27 -48.23
CA PRO E 252 2.21 -22.01 -48.94
C PRO E 252 3.67 -21.61 -49.06
N LEU E 253 4.42 -21.64 -47.94
CA LEU E 253 5.80 -21.21 -47.94
C LEU E 253 6.67 -22.21 -48.72
N SER E 254 6.32 -23.51 -48.62
CA SER E 254 7.03 -24.58 -49.32
C SER E 254 6.86 -24.41 -50.83
N ALA E 255 5.66 -24.00 -51.24
CA ALA E 255 5.35 -23.73 -52.63
C ALA E 255 6.03 -22.45 -53.09
N GLN E 256 6.02 -21.41 -52.25
CA GLN E 256 6.63 -20.15 -52.63
C GLN E 256 8.13 -20.32 -52.87
N THR E 257 8.79 -21.07 -51.99
CA THR E 257 10.24 -21.23 -52.03
C THR E 257 10.64 -22.39 -52.93
N GLY E 258 9.74 -23.39 -53.02
CA GLY E 258 10.01 -24.62 -53.74
C GLY E 258 10.69 -25.68 -52.88
N ILE E 259 11.01 -25.33 -51.62
CA ILE E 259 11.66 -26.25 -50.69
C ILE E 259 10.59 -26.97 -49.87
N ALA E 260 10.68 -28.29 -49.83
CA ALA E 260 9.67 -29.10 -49.15
C ALA E 260 9.91 -29.01 -47.66
N VAL E 261 8.87 -29.27 -46.87
CA VAL E 261 8.90 -29.03 -45.44
C VAL E 261 9.88 -30.00 -44.78
N LEU E 262 9.84 -31.26 -45.22
CA LEU E 262 10.72 -32.29 -44.66
C LEU E 262 12.17 -32.00 -45.02
N ASP E 263 12.37 -31.33 -46.16
CA ASP E 263 13.69 -30.90 -46.60
C ASP E 263 14.16 -29.79 -45.66
N MET E 264 13.27 -28.84 -45.41
CA MET E 264 13.56 -27.76 -44.48
C MET E 264 13.84 -28.32 -43.07
N CYS E 265 13.11 -29.37 -42.69
CA CYS E 265 13.27 -30.03 -41.40
C CYS E 265 14.68 -30.58 -41.23
N ALA E 266 15.20 -31.23 -42.28
CA ALA E 266 16.53 -31.79 -42.25
C ALA E 266 17.55 -30.67 -42.06
N SER E 267 17.30 -29.52 -42.69
CA SER E 267 18.17 -28.36 -42.50
C SER E 267 18.12 -27.88 -41.05
N LEU E 268 16.96 -27.96 -40.39
CA LEU E 268 16.82 -27.55 -39.00
C LEU E 268 17.54 -28.54 -38.07
N LYS E 269 17.36 -29.85 -38.34
CA LYS E 269 18.07 -30.91 -37.64
C LYS E 269 19.55 -30.59 -37.50
N GLU E 270 20.18 -30.21 -38.60
CA GLU E 270 21.60 -29.96 -38.63
C GLU E 270 21.92 -28.68 -37.84
N LEU E 271 21.07 -27.66 -37.97
CA LEU E 271 21.24 -26.43 -37.21
C LEU E 271 21.21 -26.72 -35.71
N LEU E 272 20.34 -27.66 -35.31
CA LEU E 272 20.16 -28.01 -33.92
C LEU E 272 21.38 -28.79 -33.41
N GLN E 273 21.91 -29.68 -34.26
CA GLN E 273 22.97 -30.59 -33.86
C GLN E 273 24.32 -29.86 -33.84
N ASN E 274 24.62 -29.15 -34.91
CA ASN E 274 25.96 -28.62 -35.14
C ASN E 274 26.02 -27.17 -34.67
N GLY E 275 24.89 -26.46 -34.69
CA GLY E 275 24.86 -25.03 -34.41
C GLY E 275 24.99 -24.20 -35.69
N MET E 276 25.58 -23.00 -35.57
CA MET E 276 25.58 -22.05 -36.67
C MET E 276 27.01 -21.81 -37.21
N ASN E 277 28.04 -22.20 -36.44
CA ASN E 277 29.43 -21.90 -36.76
C ASN E 277 29.65 -20.39 -36.78
N GLY E 278 29.05 -19.68 -35.80
CA GLY E 278 29.12 -18.23 -35.69
C GLY E 278 28.46 -17.48 -36.85
N ARG E 279 27.61 -18.17 -37.63
CA ARG E 279 26.83 -17.54 -38.67
C ARG E 279 25.51 -17.02 -38.09
N THR E 280 24.81 -16.21 -38.89
CA THR E 280 23.54 -15.63 -38.51
C THR E 280 22.52 -15.89 -39.61
N ILE E 281 21.25 -16.07 -39.18
CA ILE E 281 20.13 -16.12 -40.10
C ILE E 281 19.25 -14.91 -39.81
N LEU E 282 19.00 -14.10 -40.85
CA LEU E 282 18.23 -12.87 -40.73
C LEU E 282 18.69 -12.08 -39.50
N GLY E 283 20.02 -11.94 -39.36
CA GLY E 283 20.61 -11.09 -38.34
C GLY E 283 20.59 -11.67 -36.94
N SER E 284 20.08 -12.90 -36.79
CA SER E 284 19.92 -13.53 -35.49
C SER E 284 20.91 -14.69 -35.37
N ALA E 285 21.50 -14.85 -34.17
CA ALA E 285 22.42 -15.94 -33.92
C ALA E 285 21.68 -17.12 -33.28
N LEU E 286 20.44 -16.88 -32.86
CA LEU E 286 19.55 -17.89 -32.30
C LEU E 286 18.42 -18.16 -33.27
N LEU E 287 17.84 -19.35 -33.16
CA LEU E 287 16.72 -19.72 -34.01
C LEU E 287 15.46 -19.06 -33.45
N GLU E 288 14.83 -18.22 -34.27
CA GLU E 288 13.74 -17.36 -33.85
C GLU E 288 12.43 -18.10 -34.04
N ASP E 289 11.50 -18.02 -33.07
CA ASP E 289 10.34 -18.86 -33.11
C ASP E 289 9.05 -18.09 -32.83
N GLU E 290 9.08 -16.77 -33.01
CA GLU E 290 7.89 -15.95 -32.76
C GLU E 290 7.35 -15.37 -34.08
N PHE E 291 7.52 -16.13 -35.18
CA PHE E 291 6.90 -15.80 -36.45
C PHE E 291 6.13 -17.02 -36.95
N THR E 292 4.83 -16.86 -37.15
CA THR E 292 4.02 -17.92 -37.70
C THR E 292 4.26 -18.00 -39.21
N PRO E 293 3.83 -19.10 -39.86
CA PRO E 293 3.84 -19.17 -41.31
C PRO E 293 3.11 -17.97 -41.92
N PHE E 294 1.97 -17.60 -41.33
CA PHE E 294 1.19 -16.50 -41.87
C PHE E 294 1.97 -15.19 -41.73
N ASP E 295 2.62 -14.99 -40.57
CA ASP E 295 3.37 -13.78 -40.34
C ASP E 295 4.43 -13.58 -41.42
N VAL E 296 5.06 -14.69 -41.83
CA VAL E 296 6.13 -14.63 -42.81
C VAL E 296 5.54 -14.18 -44.15
N VAL E 297 4.48 -14.87 -44.56
CA VAL E 297 3.80 -14.54 -45.81
C VAL E 297 3.45 -13.05 -45.81
N ARG E 298 2.82 -12.60 -44.72
CA ARG E 298 2.28 -11.25 -44.63
C ARG E 298 3.41 -10.22 -44.78
N GLN E 299 4.57 -10.49 -44.18
CA GLN E 299 5.67 -9.55 -44.23
C GLN E 299 6.41 -9.64 -45.57
N CYS E 300 6.49 -10.86 -46.13
CA CYS E 300 7.24 -11.07 -47.36
C CYS E 300 6.40 -10.86 -48.61
N SER E 301 5.06 -10.73 -48.48
CA SER E 301 4.17 -10.54 -49.61
C SER E 301 3.48 -9.16 -49.56
N GLY E 302 3.43 -8.53 -48.38
CA GLY E 302 3.09 -7.11 -48.26
C GLY E 302 1.61 -6.83 -47.98
N VAL E 303 0.96 -7.73 -47.24
CA VAL E 303 -0.48 -7.65 -47.00
C VAL E 303 -0.79 -6.41 -46.16
N THR E 304 -1.77 -5.60 -46.63
CA THR E 304 -2.18 -4.35 -45.98
C THR E 304 -3.51 -4.51 -45.23
N PHE E 305 -3.90 -3.48 -44.46
CA PHE E 305 -5.06 -3.48 -43.55
C PHE E 305 -5.62 -2.07 -43.37
N SER F 1 9.18 -7.72 -15.78
CA SER F 1 8.32 -6.76 -16.54
C SER F 1 8.57 -6.92 -18.04
N GLY F 2 9.80 -7.33 -18.39
CA GLY F 2 10.13 -7.73 -19.75
C GLY F 2 10.69 -6.57 -20.56
N PHE F 3 11.13 -6.84 -21.78
CA PHE F 3 11.70 -5.78 -22.59
C PHE F 3 11.67 -6.21 -24.04
N ARG F 4 11.02 -5.39 -24.88
CA ARG F 4 10.71 -5.72 -26.27
C ARG F 4 11.11 -4.55 -27.15
N LYS F 5 11.38 -4.87 -28.42
CA LYS F 5 11.40 -3.87 -29.48
C LYS F 5 9.97 -3.33 -29.62
N MET F 6 9.76 -2.14 -29.06
CA MET F 6 8.42 -1.65 -28.86
C MET F 6 8.22 -0.38 -29.70
N ALA F 7 7.23 -0.40 -30.59
CA ALA F 7 6.99 0.74 -31.46
C ALA F 7 5.93 1.65 -30.85
N PHE F 8 5.96 2.93 -31.26
CA PHE F 8 4.90 3.84 -30.88
C PHE F 8 3.60 3.32 -31.44
N PRO F 9 2.44 3.74 -30.89
CA PRO F 9 1.15 3.51 -31.52
C PRO F 9 1.11 4.25 -32.86
N SER F 10 0.53 3.59 -33.88
CA SER F 10 0.64 4.03 -35.25
C SER F 10 -0.57 4.87 -35.68
N GLY F 11 -1.63 4.92 -34.85
CA GLY F 11 -2.90 5.57 -35.17
C GLY F 11 -2.76 6.99 -35.72
N LYS F 12 -1.96 7.83 -35.06
CA LYS F 12 -1.80 9.20 -35.52
C LYS F 12 -1.18 9.29 -36.91
N VAL F 13 -0.34 8.33 -37.29
CA VAL F 13 0.35 8.35 -38.57
C VAL F 13 -0.48 7.63 -39.63
N GLU F 14 -1.25 6.60 -39.24
CA GLU F 14 -2.11 5.86 -40.16
C GLU F 14 -3.02 6.80 -40.95
N GLY F 15 -3.53 7.85 -40.29
CA GLY F 15 -4.47 8.75 -40.91
C GLY F 15 -3.83 9.67 -41.95
N CYS F 16 -2.49 9.68 -42.02
CA CYS F 16 -1.79 10.56 -42.94
C CYS F 16 -1.26 9.83 -44.17
N MET F 17 -1.43 8.51 -44.23
CA MET F 17 -0.84 7.74 -45.30
C MET F 17 -1.81 7.73 -46.49
N VAL F 18 -1.30 8.16 -47.65
CA VAL F 18 -2.04 8.18 -48.90
C VAL F 18 -1.24 7.45 -49.97
N GLN F 19 -1.93 7.13 -51.07
CA GLN F 19 -1.34 6.51 -52.26
C GLN F 19 -1.04 7.62 -53.26
N VAL F 20 0.19 7.66 -53.77
CA VAL F 20 0.54 8.66 -54.76
C VAL F 20 1.01 7.93 -56.00
N THR F 21 0.40 8.26 -57.14
CA THR F 21 0.76 7.66 -58.41
C THR F 21 1.28 8.75 -59.35
N CYS F 22 2.29 8.39 -60.13
CA CYS F 22 2.74 9.24 -61.21
C CYS F 22 3.27 8.35 -62.32
N GLY F 23 2.69 8.52 -63.53
CA GLY F 23 2.84 7.54 -64.60
C GLY F 23 2.36 6.15 -64.19
N THR F 24 3.29 5.21 -64.09
CA THR F 24 2.98 3.86 -63.63
C THR F 24 3.61 3.57 -62.26
N THR F 25 4.23 4.58 -61.63
CA THR F 25 4.86 4.34 -60.32
C THR F 25 3.90 4.73 -59.21
N THR F 26 3.57 3.75 -58.36
CA THR F 26 2.76 3.98 -57.19
C THR F 26 3.62 3.76 -55.95
N LEU F 27 3.63 4.76 -55.08
CA LEU F 27 4.25 4.62 -53.76
C LEU F 27 3.34 5.32 -52.76
N ASN F 28 3.86 5.58 -51.55
CA ASN F 28 3.09 6.19 -50.49
C ASN F 28 3.48 7.66 -50.38
N GLY F 29 2.53 8.46 -49.86
CA GLY F 29 2.77 9.84 -49.51
C GLY F 29 2.24 10.16 -48.11
N LEU F 30 2.72 11.29 -47.55
CA LEU F 30 2.34 11.73 -46.22
C LEU F 30 1.51 13.00 -46.30
N TRP F 31 0.24 12.88 -45.92
CA TRP F 31 -0.77 13.93 -46.06
C TRP F 31 -0.91 14.69 -44.74
N LEU F 32 -0.29 15.87 -44.70
CA LEU F 32 -0.34 16.73 -43.54
C LEU F 32 -0.84 18.11 -43.94
N ASP F 33 -1.96 18.54 -43.33
CA ASP F 33 -2.64 19.75 -43.74
C ASP F 33 -3.03 19.58 -45.22
N ASP F 34 -2.65 20.53 -46.07
CA ASP F 34 -3.05 20.49 -47.47
C ASP F 34 -1.86 20.07 -48.35
N VAL F 35 -0.87 19.35 -47.77
CA VAL F 35 0.32 18.97 -48.50
C VAL F 35 0.51 17.46 -48.41
N VAL F 36 0.87 16.86 -49.55
CA VAL F 36 1.29 15.49 -49.57
C VAL F 36 2.77 15.44 -49.93
N TYR F 37 3.54 14.78 -49.03
CA TYR F 37 4.98 14.58 -49.16
C TYR F 37 5.20 13.16 -49.64
N CYS F 38 6.06 13.00 -50.65
CA CYS F 38 6.46 11.69 -51.12
C CYS F 38 7.84 11.81 -51.75
N PRO F 39 8.54 10.70 -51.99
CA PRO F 39 9.87 10.73 -52.62
C PRO F 39 9.71 11.18 -54.07
N ARG F 40 10.62 12.03 -54.50
CA ARG F 40 10.49 12.66 -55.80
C ARG F 40 10.83 11.68 -56.91
N HIS F 41 11.40 10.52 -56.58
CA HIS F 41 11.73 9.55 -57.62
C HIS F 41 10.46 8.93 -58.20
N VAL F 42 9.29 9.24 -57.63
CA VAL F 42 8.01 8.83 -58.18
C VAL F 42 7.82 9.39 -59.59
N ILE F 43 8.49 10.51 -59.91
CA ILE F 43 8.33 11.13 -61.21
C ILE F 43 9.16 10.45 -62.28
N CYS F 44 10.05 9.53 -61.90
CA CYS F 44 11.00 8.91 -62.83
C CYS F 44 10.44 7.60 -63.41
N THR F 45 10.74 7.38 -64.70
CA THR F 45 10.64 6.06 -65.33
C THR F 45 11.89 5.24 -65.01
N SER F 46 11.86 3.93 -65.31
CA SER F 46 13.02 3.07 -65.10
C SER F 46 14.27 3.71 -65.70
N GLU F 47 14.12 4.32 -66.89
CA GLU F 47 15.26 4.84 -67.62
C GLU F 47 15.72 6.18 -67.04
N ASP F 48 14.79 6.99 -66.55
CA ASP F 48 15.11 8.25 -65.90
C ASP F 48 16.00 8.01 -64.68
N MET F 49 15.76 6.86 -64.02
CA MET F 49 16.39 6.56 -62.75
C MET F 49 17.90 6.46 -62.86
N LEU F 50 18.42 6.12 -64.06
CA LEU F 50 19.86 5.90 -64.24
C LEU F 50 20.62 7.21 -64.12
N ASN F 51 20.03 8.31 -64.60
CA ASN F 51 20.67 9.60 -64.45
C ASN F 51 19.62 10.70 -64.55
N PRO F 52 18.80 10.91 -63.49
CA PRO F 52 17.69 11.85 -63.54
C PRO F 52 18.11 13.31 -63.35
N ASN F 53 17.57 14.16 -64.22
CA ASN F 53 17.57 15.59 -63.99
C ASN F 53 16.18 15.97 -63.49
N TYR F 54 16.08 16.12 -62.16
CA TYR F 54 14.79 16.20 -61.47
C TYR F 54 14.12 17.53 -61.75
N GLU F 55 14.93 18.60 -61.84
CA GLU F 55 14.43 19.93 -62.15
C GLU F 55 13.70 19.88 -63.49
N ASP F 56 14.28 19.16 -64.47
CA ASP F 56 13.75 19.13 -65.81
C ASP F 56 12.57 18.15 -65.88
N LEU F 57 12.67 17.01 -65.17
CA LEU F 57 11.58 16.04 -65.20
C LEU F 57 10.32 16.67 -64.61
N LEU F 58 10.49 17.50 -63.58
CA LEU F 58 9.36 18.05 -62.85
C LEU F 58 8.72 19.18 -63.65
N ILE F 59 9.55 20.01 -64.28
CA ILE F 59 9.06 21.09 -65.13
C ILE F 59 8.08 20.49 -66.16
N ARG F 60 8.39 19.29 -66.68
CA ARG F 60 7.57 18.65 -67.69
C ARG F 60 6.35 17.93 -67.08
N LYS F 61 6.19 17.96 -65.75
CA LYS F 61 5.03 17.35 -65.10
C LYS F 61 3.95 18.41 -64.82
N SER F 62 2.70 17.96 -64.73
CA SER F 62 1.58 18.83 -64.41
C SER F 62 0.83 18.26 -63.21
N ASN F 63 0.07 19.11 -62.50
CA ASN F 63 -0.66 18.70 -61.31
C ASN F 63 -1.47 17.45 -61.58
N HIS F 64 -1.98 17.33 -62.83
CA HIS F 64 -2.90 16.23 -63.17
C HIS F 64 -2.16 14.93 -63.43
N ASN F 65 -0.83 14.99 -63.56
CA ASN F 65 0.01 13.81 -63.67
C ASN F 65 0.11 13.06 -62.35
N PHE F 66 -0.32 13.68 -61.25
CA PHE F 66 -0.19 13.14 -59.91
C PHE F 66 -1.54 12.68 -59.39
N LEU F 67 -1.67 11.41 -59.05
CA LEU F 67 -2.93 10.86 -58.57
C LEU F 67 -2.74 10.47 -57.12
N VAL F 68 -3.49 11.12 -56.23
CA VAL F 68 -3.36 10.89 -54.80
C VAL F 68 -4.69 10.33 -54.33
N GLN F 69 -4.66 9.13 -53.77
CA GLN F 69 -5.86 8.56 -53.18
C GLN F 69 -5.65 8.41 -51.68
N ALA F 70 -6.55 9.03 -50.90
CA ALA F 70 -6.42 9.07 -49.46
C ALA F 70 -7.64 8.37 -48.90
N GLY F 71 -7.46 7.10 -48.49
CA GLY F 71 -8.59 6.28 -48.11
C GLY F 71 -9.47 6.05 -49.33
N ASN F 72 -10.77 6.32 -49.19
CA ASN F 72 -11.71 6.16 -50.28
C ASN F 72 -11.93 7.50 -51.00
N VAL F 73 -10.93 8.39 -50.91
CA VAL F 73 -11.09 9.78 -51.32
C VAL F 73 -9.98 10.12 -52.32
N GLN F 74 -10.32 10.45 -53.56
CA GLN F 74 -9.34 11.02 -54.49
C GLN F 74 -9.06 12.48 -54.16
N LEU F 75 -7.80 12.82 -53.89
CA LEU F 75 -7.38 14.20 -53.69
C LEU F 75 -7.02 14.89 -55.01
N ARG F 76 -7.43 16.16 -55.13
CA ARG F 76 -7.06 16.94 -56.30
C ARG F 76 -5.74 17.65 -56.03
N VAL F 77 -4.77 17.48 -56.91
CA VAL F 77 -3.50 18.16 -56.72
C VAL F 77 -3.61 19.53 -57.38
N ILE F 78 -3.29 20.60 -56.65
CA ILE F 78 -3.49 21.95 -57.15
C ILE F 78 -2.15 22.70 -57.25
N GLY F 79 -1.06 21.97 -57.02
CA GLY F 79 0.27 22.56 -57.05
C GLY F 79 1.31 21.50 -56.76
N HIS F 80 2.54 21.76 -57.19
CA HIS F 80 3.62 20.83 -56.93
C HIS F 80 4.92 21.61 -56.89
N SER F 81 5.73 21.25 -55.89
CA SER F 81 7.06 21.79 -55.70
C SER F 81 7.97 20.65 -55.25
N MET F 82 9.26 20.93 -55.18
CA MET F 82 10.26 19.93 -54.86
C MET F 82 11.13 20.53 -53.78
N GLN F 83 11.28 19.82 -52.66
CA GLN F 83 12.21 20.23 -51.63
C GLN F 83 13.27 19.15 -51.48
N ASN F 84 14.50 19.49 -51.85
CA ASN F 84 15.57 18.53 -51.96
C ASN F 84 15.01 17.30 -52.69
N CYS F 85 14.91 16.17 -52.00
CA CYS F 85 14.51 14.91 -52.64
C CYS F 85 13.07 14.54 -52.32
N VAL F 86 12.30 15.46 -51.73
CA VAL F 86 10.90 15.19 -51.44
C VAL F 86 10.05 16.00 -52.40
N LEU F 87 8.99 15.36 -52.89
CA LEU F 87 8.02 16.04 -53.69
C LEU F 87 6.89 16.52 -52.79
N LYS F 88 6.50 17.80 -52.91
CA LYS F 88 5.40 18.37 -52.13
C LYS F 88 4.24 18.70 -53.07
N LEU F 89 3.17 17.90 -52.94
CA LEU F 89 1.97 18.09 -53.73
C LEU F 89 0.96 18.86 -52.87
N LYS F 90 0.65 20.09 -53.29
CA LYS F 90 -0.40 20.86 -52.64
C LYS F 90 -1.76 20.30 -53.09
N VAL F 91 -2.64 20.01 -52.14
CA VAL F 91 -3.94 19.43 -52.47
C VAL F 91 -5.06 20.37 -51.97
N ASP F 92 -6.29 20.10 -52.44
CA ASP F 92 -7.43 20.97 -52.23
C ASP F 92 -7.98 20.85 -50.81
N THR F 93 -7.51 19.86 -50.06
CA THR F 93 -8.16 19.44 -48.83
C THR F 93 -7.09 19.22 -47.76
N ALA F 94 -7.25 19.94 -46.66
CA ALA F 94 -6.45 19.68 -45.49
C ALA F 94 -6.92 18.35 -44.90
N ASN F 95 -5.95 17.48 -44.56
CA ASN F 95 -6.25 16.25 -43.86
C ASN F 95 -6.96 16.59 -42.54
N PRO F 96 -8.22 16.15 -42.31
CA PRO F 96 -8.88 16.42 -41.03
C PRO F 96 -8.24 15.67 -39.87
N LYS F 97 -7.40 14.66 -40.18
CA LYS F 97 -6.74 13.85 -39.16
C LYS F 97 -5.28 14.23 -39.00
N THR F 98 -4.86 15.37 -39.53
CA THR F 98 -3.50 15.86 -39.28
C THR F 98 -3.26 15.98 -37.78
N PRO F 99 -2.24 15.30 -37.24
CA PRO F 99 -1.89 15.46 -35.84
C PRO F 99 -1.00 16.69 -35.66
N LYS F 100 -0.72 17.01 -34.40
CA LYS F 100 0.38 17.90 -34.09
C LYS F 100 1.64 17.18 -34.59
N TYR F 101 2.51 17.88 -35.33
CA TYR F 101 3.73 17.25 -35.83
C TYR F 101 4.85 18.28 -36.00
N LYS F 102 6.07 17.75 -35.92
CA LYS F 102 7.28 18.45 -36.32
C LYS F 102 8.04 17.56 -37.31
N PHE F 103 8.92 18.17 -38.09
CA PHE F 103 9.84 17.44 -38.93
C PHE F 103 11.22 17.57 -38.32
N VAL F 104 11.81 16.44 -37.94
CA VAL F 104 13.04 16.41 -37.18
C VAL F 104 14.06 15.61 -37.98
N ARG F 105 15.31 16.09 -38.01
CA ARG F 105 16.41 15.31 -38.52
C ARG F 105 17.12 14.63 -37.35
N ILE F 106 17.03 13.28 -37.30
CA ILE F 106 17.62 12.51 -36.23
C ILE F 106 19.10 12.29 -36.51
N GLN F 107 19.82 11.83 -35.50
CA GLN F 107 21.23 11.51 -35.62
C GLN F 107 21.41 10.00 -35.63
N PRO F 108 22.55 9.48 -36.14
CA PRO F 108 22.84 8.06 -36.05
C PRO F 108 22.82 7.61 -34.59
N GLY F 109 22.19 6.45 -34.37
CA GLY F 109 22.02 5.88 -33.05
C GLY F 109 20.56 5.98 -32.61
N GLN F 110 19.92 7.10 -32.95
CA GLN F 110 18.57 7.39 -32.53
C GLN F 110 17.64 6.43 -33.24
N THR F 111 16.52 6.10 -32.58
CA THR F 111 15.57 5.12 -33.07
C THR F 111 14.23 5.79 -33.41
N PHE F 112 13.38 5.05 -34.12
CA PHE F 112 12.09 5.56 -34.53
C PHE F 112 11.21 4.38 -34.96
N SER F 113 9.91 4.63 -35.03
CA SER F 113 8.95 3.64 -35.43
C SER F 113 8.68 3.83 -36.92
N VAL F 114 8.59 2.71 -37.65
CA VAL F 114 8.31 2.74 -39.07
C VAL F 114 6.92 2.19 -39.28
N LEU F 115 6.13 2.93 -40.05
CA LEU F 115 4.82 2.44 -40.48
C LEU F 115 4.94 2.04 -41.95
N ALA F 116 5.19 0.74 -42.18
CA ALA F 116 5.45 0.27 -43.52
C ALA F 116 4.14 0.24 -44.29
N CYS F 117 4.07 0.97 -45.42
CA CYS F 117 2.83 1.05 -46.17
C CYS F 117 3.03 0.56 -47.60
N TYR F 118 1.92 0.08 -48.18
CA TYR F 118 1.83 -0.16 -49.62
C TYR F 118 0.50 0.43 -50.08
N ASN F 119 0.53 1.20 -51.16
CA ASN F 119 -0.69 1.70 -51.77
C ASN F 119 -1.46 2.56 -50.78
N GLY F 120 -0.71 3.31 -49.96
CA GLY F 120 -1.28 4.28 -49.04
C GLY F 120 -1.86 3.67 -47.78
N SER F 121 -1.72 2.34 -47.65
CA SER F 121 -2.36 1.55 -46.61
C SER F 121 -1.30 0.86 -45.73
N PRO F 122 -1.35 1.00 -44.38
CA PRO F 122 -0.34 0.42 -43.51
C PRO F 122 -0.37 -1.11 -43.47
N SER F 123 0.83 -1.70 -43.54
CA SER F 123 1.03 -3.14 -43.51
C SER F 123 1.43 -3.58 -42.11
N GLY F 124 2.32 -2.80 -41.48
CA GLY F 124 2.61 -3.02 -40.07
C GLY F 124 3.52 -1.91 -39.55
N VAL F 125 3.94 -2.08 -38.28
CA VAL F 125 4.74 -1.11 -37.58
C VAL F 125 5.84 -1.85 -36.84
N TYR F 126 7.05 -1.26 -36.85
CA TYR F 126 8.19 -1.87 -36.22
C TYR F 126 9.19 -0.76 -35.84
N GLN F 127 10.12 -1.12 -34.96
CA GLN F 127 11.07 -0.17 -34.41
C GLN F 127 12.39 -0.36 -35.15
N CYS F 128 13.05 0.76 -35.40
CA CYS F 128 14.25 0.84 -36.22
C CYS F 128 15.26 1.75 -35.56
N ALA F 129 16.52 1.61 -35.98
CA ALA F 129 17.56 2.53 -35.57
C ALA F 129 18.27 3.06 -36.79
N MET F 130 18.62 4.35 -36.76
CA MET F 130 19.51 4.94 -37.74
C MET F 130 20.90 4.41 -37.44
N ARG F 131 21.44 3.57 -38.34
CA ARG F 131 22.74 2.95 -38.16
C ARG F 131 23.82 4.03 -38.29
N PRO F 132 25.02 3.82 -37.70
CA PRO F 132 26.10 4.79 -37.85
C PRO F 132 26.47 5.10 -39.29
N ASN F 133 26.11 4.22 -40.24
CA ASN F 133 26.38 4.43 -41.66
C ASN F 133 25.17 5.03 -42.38
N PHE F 134 24.20 5.55 -41.61
CA PHE F 134 23.08 6.33 -42.09
C PHE F 134 22.08 5.49 -42.86
N THR F 135 22.20 4.17 -42.75
CA THR F 135 21.23 3.25 -43.31
C THR F 135 20.29 2.85 -42.18
N ILE F 136 19.22 2.14 -42.52
CA ILE F 136 18.35 1.57 -41.51
C ILE F 136 18.04 0.16 -41.94
N LYS F 137 17.97 -0.76 -40.98
CA LYS F 137 17.76 -2.16 -41.35
C LYS F 137 16.27 -2.46 -41.28
N GLY F 138 15.52 -1.92 -42.25
CA GLY F 138 14.07 -1.99 -42.28
C GLY F 138 13.54 -3.37 -42.69
N SER F 139 12.21 -3.48 -42.75
CA SER F 139 11.53 -4.52 -43.50
C SER F 139 10.59 -3.81 -44.47
N PHE F 140 11.01 -3.76 -45.73
CA PHE F 140 10.34 -2.99 -46.76
C PHE F 140 10.33 -3.79 -48.06
N LEU F 141 9.25 -3.68 -48.81
CA LEU F 141 9.15 -4.30 -50.12
C LEU F 141 9.06 -3.22 -51.19
N ASN F 142 8.82 -3.65 -52.43
CA ASN F 142 8.52 -2.73 -53.52
C ASN F 142 7.18 -2.07 -53.22
N GLY F 143 7.14 -0.75 -53.31
CA GLY F 143 5.95 0.06 -53.03
C GLY F 143 5.98 0.64 -51.61
N SER F 144 7.07 0.39 -50.87
CA SER F 144 7.15 0.82 -49.50
C SER F 144 7.58 2.29 -49.46
N CYS F 145 8.21 2.76 -50.53
CA CYS F 145 8.73 4.11 -50.59
C CYS F 145 7.63 5.10 -50.21
N GLY F 146 8.05 6.14 -49.46
CA GLY F 146 7.12 7.11 -48.93
C GLY F 146 6.67 6.78 -47.52
N SER F 147 6.80 5.50 -47.12
CA SER F 147 6.62 5.09 -45.74
C SER F 147 7.51 5.94 -44.86
N VAL F 148 7.05 6.22 -43.64
CA VAL F 148 7.74 7.16 -42.77
C VAL F 148 8.13 6.51 -41.44
N GLY F 149 9.18 7.10 -40.87
CA GLY F 149 9.58 6.85 -39.50
C GLY F 149 9.25 8.06 -38.63
N PHE F 150 8.88 7.80 -37.38
CA PHE F 150 8.41 8.84 -36.50
C PHE F 150 8.68 8.48 -35.05
N ASN F 151 8.69 9.51 -34.20
CA ASN F 151 8.56 9.36 -32.75
C ASN F 151 7.36 10.20 -32.30
N ILE F 152 6.85 9.89 -31.10
CA ILE F 152 5.76 10.65 -30.50
C ILE F 152 6.20 11.14 -29.12
N ASP F 153 6.04 12.44 -28.88
CA ASP F 153 6.26 13.09 -27.60
C ASP F 153 4.95 13.74 -27.16
N TYR F 154 4.29 13.14 -26.17
CA TYR F 154 2.99 13.57 -25.64
C TYR F 154 1.93 13.33 -26.72
N ASP F 155 1.64 14.33 -27.58
CA ASP F 155 0.67 14.17 -28.66
C ASP F 155 1.26 14.58 -30.01
N CYS F 156 2.55 14.92 -30.02
CA CYS F 156 3.23 15.50 -31.16
C CYS F 156 4.03 14.42 -31.88
N VAL F 157 3.72 14.21 -33.17
CA VAL F 157 4.44 13.27 -34.00
C VAL F 157 5.64 14.01 -34.60
N SER F 158 6.84 13.52 -34.32
CA SER F 158 8.09 13.96 -34.93
C SER F 158 8.44 13.00 -36.07
N PHE F 159 8.12 13.41 -37.30
CA PHE F 159 8.50 12.65 -38.49
C PHE F 159 9.98 12.86 -38.75
N CYS F 160 10.75 11.77 -38.76
CA CYS F 160 12.19 11.88 -38.97
C CYS F 160 12.69 11.11 -40.20
N TYR F 161 11.89 10.18 -40.76
CA TYR F 161 12.36 9.39 -41.87
C TYR F 161 11.27 9.23 -42.93
N MET F 162 11.67 9.29 -44.21
CA MET F 162 10.83 8.85 -45.31
C MET F 162 11.65 7.92 -46.20
N HIS F 163 11.09 6.73 -46.47
CA HIS F 163 11.81 5.69 -47.17
C HIS F 163 11.91 6.01 -48.67
N HIS F 164 13.13 5.85 -49.22
CA HIS F 164 13.36 6.18 -50.63
C HIS F 164 13.85 4.96 -51.42
N MET F 165 14.77 4.17 -50.84
CA MET F 165 15.38 3.11 -51.61
C MET F 165 15.94 2.02 -50.73
N GLU F 166 16.12 0.86 -51.36
CA GLU F 166 16.81 -0.27 -50.77
C GLU F 166 18.12 -0.45 -51.53
N LEU F 167 19.21 -0.55 -50.77
CA LEU F 167 20.52 -0.77 -51.36
C LEU F 167 20.68 -2.25 -51.68
N PRO F 168 21.74 -2.63 -52.43
CA PRO F 168 21.97 -4.04 -52.77
C PRO F 168 22.16 -4.96 -51.57
N THR F 169 22.74 -4.42 -50.49
CA THR F 169 22.94 -5.17 -49.26
C THR F 169 21.65 -5.45 -48.50
N GLY F 170 20.53 -4.84 -48.92
CA GLY F 170 19.21 -5.16 -48.35
C GLY F 170 18.82 -4.24 -47.19
N VAL F 171 19.65 -3.23 -46.95
CA VAL F 171 19.37 -2.18 -45.99
C VAL F 171 18.81 -0.98 -46.75
N HIS F 172 18.20 -0.06 -46.02
CA HIS F 172 17.34 0.95 -46.58
C HIS F 172 17.91 2.34 -46.31
N ALA F 173 17.53 3.28 -47.15
CA ALA F 173 18.01 4.63 -47.07
C ALA F 173 16.88 5.60 -47.41
N GLY F 174 16.96 6.81 -46.85
CA GLY F 174 15.90 7.77 -47.04
C GLY F 174 16.31 9.16 -46.58
N THR F 175 15.27 10.00 -46.48
CA THR F 175 15.42 11.41 -46.17
C THR F 175 14.67 11.76 -44.88
N ASP F 176 15.02 12.93 -44.32
CA ASP F 176 14.16 13.62 -43.40
C ASP F 176 12.97 14.12 -44.20
N LEU F 177 11.99 14.77 -43.56
CA LEU F 177 10.81 15.20 -44.28
C LEU F 177 11.06 16.55 -44.95
N GLU F 178 12.26 17.11 -44.80
CA GLU F 178 12.68 18.22 -45.65
C GLU F 178 13.39 17.74 -46.92
N GLY F 179 13.58 16.43 -47.08
CA GLY F 179 14.03 15.89 -48.36
C GLY F 179 15.53 15.64 -48.44
N ASN F 180 16.24 15.79 -47.34
CA ASN F 180 17.68 15.61 -47.35
C ASN F 180 17.97 14.19 -46.91
N PHE F 181 18.65 13.45 -47.77
CA PHE F 181 19.07 12.08 -47.44
C PHE F 181 19.84 12.07 -46.13
N TYR F 182 19.61 11.02 -45.36
CA TYR F 182 20.57 10.58 -44.35
C TYR F 182 21.69 9.83 -45.06
N GLY F 183 22.92 10.33 -44.93
CA GLY F 183 24.08 9.61 -45.40
C GLY F 183 24.46 10.00 -46.81
N PRO F 184 25.45 9.31 -47.42
CA PRO F 184 26.00 9.72 -48.71
C PRO F 184 25.21 9.15 -49.88
N PHE F 185 23.89 9.13 -49.76
CA PHE F 185 23.04 8.48 -50.74
C PHE F 185 22.34 9.52 -51.58
N VAL F 186 21.96 9.10 -52.79
CA VAL F 186 21.27 9.93 -53.76
C VAL F 186 20.15 9.11 -54.38
N ASP F 187 19.06 9.79 -54.78
CA ASP F 187 17.92 9.14 -55.41
C ASP F 187 18.23 8.94 -56.89
N ARG F 188 19.20 8.05 -57.15
CA ARG F 188 19.60 7.70 -58.50
C ARG F 188 19.96 6.23 -58.49
N GLN F 189 19.67 5.50 -59.56
CA GLN F 189 20.13 4.13 -59.70
C GLN F 189 21.57 4.13 -60.20
N THR F 190 22.47 4.45 -59.28
CA THR F 190 23.91 4.47 -59.50
C THR F 190 24.56 3.88 -58.26
N ALA F 191 25.68 3.14 -58.43
CA ALA F 191 26.24 2.34 -57.35
C ALA F 191 26.62 3.26 -56.19
N GLN F 192 26.18 2.86 -54.97
CA GLN F 192 26.43 3.60 -53.75
C GLN F 192 26.69 2.64 -52.60
N ALA F 193 27.89 2.71 -52.04
CA ALA F 193 28.28 1.83 -50.94
C ALA F 193 27.82 2.43 -49.62
N ALA F 194 27.04 1.66 -48.87
CA ALA F 194 26.91 1.93 -47.44
C ALA F 194 28.31 1.85 -46.83
N GLY F 195 28.72 2.89 -46.08
CA GLY F 195 29.92 2.77 -45.27
C GLY F 195 29.85 1.53 -44.36
N THR F 196 30.97 1.18 -43.74
CA THR F 196 31.00 0.04 -42.84
C THR F 196 30.20 0.42 -41.59
N ASP F 197 29.34 -0.52 -41.18
CA ASP F 197 28.47 -0.28 -40.04
C ASP F 197 29.23 -0.57 -38.76
N THR F 198 29.00 0.25 -37.74
CA THR F 198 29.55 -0.01 -36.41
C THR F 198 28.41 -0.25 -35.44
N THR F 199 28.74 -0.59 -34.19
CA THR F 199 27.74 -0.80 -33.16
C THR F 199 27.57 0.48 -32.35
N ILE F 200 26.31 0.81 -32.03
CA ILE F 200 25.95 2.03 -31.35
C ILE F 200 26.19 1.85 -29.85
N THR F 201 27.36 2.28 -29.38
CA THR F 201 27.85 1.92 -28.06
C THR F 201 26.88 2.41 -26.98
N VAL F 202 26.48 3.67 -27.11
CA VAL F 202 25.64 4.32 -26.11
C VAL F 202 24.33 3.56 -25.94
N ASN F 203 23.86 2.91 -27.02
CA ASN F 203 22.62 2.15 -26.97
C ASN F 203 22.83 0.83 -26.26
N VAL F 204 23.98 0.18 -26.51
CA VAL F 204 24.30 -1.09 -25.87
C VAL F 204 24.37 -0.86 -24.36
N LEU F 205 24.98 0.25 -23.96
CA LEU F 205 25.03 0.62 -22.56
C LEU F 205 23.61 0.79 -22.02
N ALA F 206 22.77 1.53 -22.76
CA ALA F 206 21.41 1.81 -22.33
C ALA F 206 20.65 0.50 -22.12
N TRP F 207 20.91 -0.46 -23.01
CA TRP F 207 20.24 -1.74 -23.00
C TRP F 207 20.72 -2.58 -21.82
N LEU F 208 21.99 -2.40 -21.43
CA LEU F 208 22.52 -3.08 -20.25
C LEU F 208 21.87 -2.52 -19.00
N TYR F 209 21.70 -1.19 -18.95
CA TYR F 209 20.92 -0.56 -17.91
C TYR F 209 19.52 -1.18 -17.88
N ALA F 210 18.92 -1.38 -19.04
CA ALA F 210 17.60 -1.99 -19.11
C ALA F 210 17.63 -3.37 -18.46
N ALA F 211 18.72 -4.11 -18.69
CA ALA F 211 18.85 -5.46 -18.15
C ALA F 211 18.92 -5.41 -16.63
N VAL F 212 19.62 -4.39 -16.12
CA VAL F 212 19.74 -4.22 -14.68
C VAL F 212 18.36 -3.91 -14.11
N ILE F 213 17.57 -3.04 -14.77
CA ILE F 213 16.25 -2.69 -14.28
C ILE F 213 15.36 -3.93 -14.26
N ASN F 214 15.57 -4.85 -15.20
CA ASN F 214 14.82 -6.09 -15.27
C ASN F 214 15.49 -7.21 -14.47
N GLY F 215 16.42 -6.87 -13.56
CA GLY F 215 16.90 -7.86 -12.61
C GLY F 215 18.27 -8.48 -12.97
N ASP F 216 18.56 -8.67 -14.28
CA ASP F 216 19.83 -9.25 -14.71
C ASP F 216 21.01 -8.42 -14.20
N ARG F 217 21.85 -9.04 -13.34
CA ARG F 217 22.97 -8.33 -12.75
C ARG F 217 24.26 -9.13 -12.86
N TRP F 218 24.27 -10.22 -13.62
CA TRP F 218 25.42 -11.10 -13.61
C TRP F 218 26.63 -10.44 -14.27
N PHE F 219 26.38 -9.60 -15.28
CA PHE F 219 27.43 -8.99 -16.08
C PHE F 219 28.08 -7.81 -15.36
N LEU F 220 27.47 -7.37 -14.25
CA LEU F 220 28.09 -6.35 -13.42
C LEU F 220 29.33 -6.98 -12.80
N ASN F 221 30.45 -6.25 -12.89
CA ASN F 221 31.73 -6.71 -12.41
C ASN F 221 32.27 -5.66 -11.44
N ARG F 222 33.31 -6.03 -10.70
CA ARG F 222 33.88 -5.19 -9.65
C ARG F 222 35.04 -4.39 -10.27
N PHE F 223 34.90 -3.98 -11.53
CA PHE F 223 35.85 -3.08 -12.16
C PHE F 223 35.18 -1.75 -12.49
N THR F 224 36.05 -0.75 -12.70
CA THR F 224 35.68 0.48 -13.37
C THR F 224 36.77 0.77 -14.40
N THR F 225 36.60 1.83 -15.19
CA THR F 225 37.49 2.16 -16.29
C THR F 225 37.47 3.66 -16.57
N THR F 226 38.48 4.15 -17.30
CA THR F 226 38.42 5.50 -17.81
C THR F 226 37.75 5.45 -19.19
N LEU F 227 37.16 6.58 -19.60
CA LEU F 227 36.48 6.66 -20.88
C LEU F 227 37.43 6.31 -22.02
N ASN F 228 38.67 6.78 -21.92
CA ASN F 228 39.69 6.60 -22.94
C ASN F 228 40.06 5.12 -23.10
N ASP F 229 40.29 4.45 -21.96
CA ASP F 229 40.68 3.05 -21.98
C ASP F 229 39.51 2.22 -22.52
N PHE F 230 38.28 2.68 -22.28
CA PHE F 230 37.10 1.99 -22.80
C PHE F 230 37.09 2.08 -24.33
N ASN F 231 37.25 3.32 -24.84
CA ASN F 231 37.17 3.59 -26.26
C ASN F 231 38.25 2.86 -27.03
N LEU F 232 39.37 2.55 -26.37
CA LEU F 232 40.42 1.76 -26.99
C LEU F 232 39.92 0.35 -27.24
N VAL F 233 39.19 -0.22 -26.28
CA VAL F 233 38.69 -1.59 -26.42
C VAL F 233 37.52 -1.60 -27.41
N ALA F 234 36.61 -0.63 -27.28
CA ALA F 234 35.50 -0.44 -28.20
C ALA F 234 35.97 -0.45 -29.65
N MET F 235 36.93 0.43 -29.98
CA MET F 235 37.48 0.53 -31.32
C MET F 235 37.73 -0.85 -31.91
N LYS F 236 38.32 -1.74 -31.10
CA LYS F 236 38.80 -3.02 -31.58
C LYS F 236 37.63 -3.90 -32.00
N TYR F 237 36.43 -3.67 -31.42
CA TYR F 237 35.27 -4.51 -31.67
C TYR F 237 34.24 -3.81 -32.55
N ASN F 238 34.64 -2.69 -33.19
CA ASN F 238 33.84 -2.01 -34.20
C ASN F 238 32.64 -1.36 -33.52
N TYR F 239 32.93 -0.75 -32.36
CA TYR F 239 31.97 0.01 -31.60
C TYR F 239 32.23 1.50 -31.84
N GLU F 240 31.15 2.29 -31.90
CA GLU F 240 31.25 3.73 -32.00
C GLU F 240 31.97 4.25 -30.76
N PRO F 241 32.88 5.22 -30.88
CA PRO F 241 33.49 5.83 -29.69
C PRO F 241 32.42 6.37 -28.77
N LEU F 242 32.69 6.31 -27.47
CA LEU F 242 31.77 6.86 -26.49
C LEU F 242 32.25 8.28 -26.15
N THR F 243 31.35 9.25 -26.36
CA THR F 243 31.64 10.65 -26.14
C THR F 243 31.23 11.01 -24.72
N GLN F 244 31.56 12.22 -24.31
CA GLN F 244 31.09 12.75 -23.05
C GLN F 244 29.59 12.99 -23.13
N ASP F 245 29.11 13.44 -24.30
CA ASP F 245 27.69 13.70 -24.50
C ASP F 245 26.94 12.39 -24.26
N HIS F 246 27.51 11.28 -24.71
CA HIS F 246 26.90 9.97 -24.52
C HIS F 246 26.79 9.64 -23.02
N VAL F 247 27.86 9.91 -22.28
CA VAL F 247 27.89 9.66 -20.85
C VAL F 247 26.83 10.52 -20.15
N ASP F 248 26.66 11.76 -20.63
CA ASP F 248 25.71 12.70 -20.05
C ASP F 248 24.28 12.22 -20.29
N ILE F 249 24.00 11.70 -21.49
CA ILE F 249 22.66 11.25 -21.83
C ILE F 249 22.30 9.99 -21.05
N LEU F 250 23.31 9.21 -20.66
CA LEU F 250 23.09 8.01 -19.87
C LEU F 250 22.88 8.34 -18.40
N GLY F 251 23.04 9.63 -18.05
CA GLY F 251 22.89 10.11 -16.69
C GLY F 251 21.61 9.62 -15.99
N PRO F 252 20.41 9.98 -16.50
CA PRO F 252 19.16 9.43 -15.97
C PRO F 252 19.18 7.95 -15.58
N LEU F 253 19.68 7.09 -16.48
CA LEU F 253 19.67 5.65 -16.24
C LEU F 253 20.67 5.31 -15.13
N SER F 254 21.80 6.02 -15.09
CA SER F 254 22.83 5.82 -14.09
C SER F 254 22.30 6.18 -12.71
N ALA F 255 21.49 7.25 -12.65
CA ALA F 255 20.85 7.68 -11.42
C ALA F 255 19.74 6.71 -11.02
N GLN F 256 18.96 6.25 -11.99
CA GLN F 256 17.86 5.35 -11.69
C GLN F 256 18.39 4.03 -11.10
N THR F 257 19.46 3.51 -11.69
CA THR F 257 19.99 2.22 -11.31
C THR F 257 21.00 2.34 -10.18
N GLY F 258 21.66 3.50 -10.13
CA GLY F 258 22.71 3.77 -9.16
C GLY F 258 24.10 3.36 -9.66
N ILE F 259 24.15 2.74 -10.86
CA ILE F 259 25.39 2.29 -11.46
C ILE F 259 25.91 3.38 -12.38
N ALA F 260 27.18 3.76 -12.20
CA ALA F 260 27.77 4.84 -12.96
C ALA F 260 28.10 4.34 -14.36
N VAL F 261 28.20 5.27 -15.31
CA VAL F 261 28.31 4.94 -16.72
C VAL F 261 29.65 4.23 -16.98
N LEU F 262 30.71 4.75 -16.36
CA LEU F 262 32.04 4.20 -16.54
C LEU F 262 32.11 2.80 -15.93
N ASP F 263 31.31 2.57 -14.90
CA ASP F 263 31.19 1.29 -14.24
C ASP F 263 30.50 0.33 -15.20
N MET F 264 29.41 0.79 -15.81
CA MET F 264 28.70 0.02 -16.80
C MET F 264 29.60 -0.28 -18.00
N CYS F 265 30.45 0.69 -18.37
CA CYS F 265 31.40 0.54 -19.47
C CYS F 265 32.36 -0.62 -19.22
N ALA F 266 32.88 -0.72 -17.98
CA ALA F 266 33.81 -1.78 -17.62
C ALA F 266 33.10 -3.12 -17.77
N SER F 267 31.82 -3.17 -17.40
CA SER F 267 31.03 -4.38 -17.58
C SER F 267 30.89 -4.73 -19.08
N LEU F 268 30.78 -3.72 -19.95
CA LEU F 268 30.67 -3.95 -21.39
C LEU F 268 32.01 -4.44 -21.94
N LYS F 269 33.11 -3.80 -21.53
CA LYS F 269 34.46 -4.21 -21.88
C LYS F 269 34.65 -5.71 -21.72
N GLU F 270 34.22 -6.25 -20.57
CA GLU F 270 34.40 -7.66 -20.28
C GLU F 270 33.48 -8.49 -21.17
N LEU F 271 32.27 -8.02 -21.41
CA LEU F 271 31.35 -8.72 -22.31
C LEU F 271 31.94 -8.80 -23.71
N LEU F 272 32.66 -7.75 -24.12
CA LEU F 272 33.26 -7.70 -25.44
C LEU F 272 34.44 -8.66 -25.53
N GLN F 273 35.23 -8.73 -24.45
CA GLN F 273 36.47 -9.48 -24.44
C GLN F 273 36.19 -10.96 -24.28
N ASN F 274 35.37 -11.32 -23.30
CA ASN F 274 35.20 -12.70 -22.89
C ASN F 274 33.98 -13.30 -23.58
N GLY F 275 32.99 -12.48 -23.94
CA GLY F 275 31.76 -12.97 -24.55
C GLY F 275 30.67 -13.17 -23.49
N MET F 276 29.76 -14.13 -23.74
CA MET F 276 28.61 -14.28 -22.87
C MET F 276 28.63 -15.59 -22.09
N ASN F 277 29.48 -16.54 -22.49
CA ASN F 277 29.58 -17.84 -21.83
C ASN F 277 28.23 -18.58 -21.97
N GLY F 278 27.60 -18.47 -23.15
CA GLY F 278 26.30 -19.06 -23.42
C GLY F 278 25.15 -18.51 -22.54
N ARG F 279 25.38 -17.35 -21.92
CA ARG F 279 24.34 -16.66 -21.15
C ARG F 279 23.57 -15.72 -22.08
N THR F 280 22.45 -15.20 -21.58
CA THR F 280 21.64 -14.26 -22.31
C THR F 280 21.38 -13.03 -21.43
N ILE F 281 21.27 -11.88 -22.11
CA ILE F 281 20.78 -10.68 -21.49
C ILE F 281 19.47 -10.31 -22.18
N LEU F 282 18.39 -10.17 -21.38
CA LEU F 282 17.06 -9.86 -21.88
C LEU F 282 16.74 -10.72 -23.11
N GLY F 283 16.98 -12.03 -22.99
CA GLY F 283 16.58 -13.00 -23.97
C GLY F 283 17.51 -13.08 -25.17
N SER F 284 18.54 -12.21 -25.22
CA SER F 284 19.41 -12.09 -26.39
C SER F 284 20.79 -12.65 -26.07
N ALA F 285 21.38 -13.34 -27.04
CA ALA F 285 22.73 -13.89 -26.89
C ALA F 285 23.76 -12.92 -27.48
N LEU F 286 23.28 -11.91 -28.22
CA LEU F 286 24.09 -10.84 -28.77
C LEU F 286 23.79 -9.55 -28.03
N LEU F 287 24.75 -8.63 -28.08
CA LEU F 287 24.57 -7.31 -27.50
C LEU F 287 23.70 -6.47 -28.43
N GLU F 288 22.55 -6.02 -27.91
CA GLU F 288 21.53 -5.36 -28.70
C GLU F 288 21.81 -3.85 -28.68
N ASP F 289 21.68 -3.17 -29.82
CA ASP F 289 22.09 -1.77 -29.87
C ASP F 289 21.04 -0.89 -30.54
N GLU F 290 19.78 -1.35 -30.57
CA GLU F 290 18.73 -0.57 -31.21
C GLU F 290 17.74 -0.03 -30.18
N PHE F 291 18.22 0.23 -28.96
CA PHE F 291 17.45 0.91 -27.93
C PHE F 291 18.25 2.09 -27.41
N THR F 292 17.66 3.29 -27.52
CA THR F 292 18.29 4.49 -27.01
C THR F 292 18.13 4.55 -25.50
N PRO F 293 18.87 5.41 -24.80
CA PRO F 293 18.63 5.65 -23.38
C PRO F 293 17.17 6.03 -23.14
N PHE F 294 16.61 6.87 -24.02
CA PHE F 294 15.26 7.33 -23.85
C PHE F 294 14.28 6.17 -24.03
N ASP F 295 14.53 5.32 -25.02
CA ASP F 295 13.68 4.17 -25.27
C ASP F 295 13.57 3.30 -24.03
N VAL F 296 14.69 3.13 -23.31
CA VAL F 296 14.73 2.28 -22.14
C VAL F 296 13.84 2.90 -21.07
N VAL F 297 14.07 4.20 -20.79
CA VAL F 297 13.29 4.92 -19.80
C VAL F 297 11.82 4.74 -20.12
N ARG F 298 11.44 5.01 -21.38
CA ARG F 298 10.06 5.05 -21.80
C ARG F 298 9.40 3.69 -21.57
N GLN F 299 10.11 2.60 -21.86
CA GLN F 299 9.54 1.27 -21.74
C GLN F 299 9.53 0.84 -20.27
N CYS F 300 10.57 1.23 -19.51
CA CYS F 300 10.72 0.79 -18.14
C CYS F 300 10.00 1.71 -17.14
N SER F 301 9.53 2.89 -17.58
CA SER F 301 8.85 3.84 -16.71
C SER F 301 7.39 4.03 -17.13
N GLY F 302 7.04 3.70 -18.38
CA GLY F 302 5.65 3.52 -18.78
C GLY F 302 5.02 4.77 -19.42
N VAL F 303 5.83 5.56 -20.13
CA VAL F 303 5.40 6.83 -20.72
C VAL F 303 4.32 6.56 -21.78
N THR F 304 3.19 7.28 -21.66
CA THR F 304 2.03 7.14 -22.55
C THR F 304 1.93 8.31 -23.52
N PHE F 305 1.00 8.23 -24.49
CA PHE F 305 0.83 9.19 -25.59
C PHE F 305 -0.66 9.34 -25.95
#